data_1U2N
#
_entry.id   1U2N
#
loop_
_entity.id
_entity.type
_entity.pdbx_description
1 polymer 'CREB binding protein'
2 non-polymer 'ZINC ION'
#
_entity_poly.entity_id   1
_entity_poly.type   'polypeptide(L)'
_entity_poly.pdbx_seq_one_letter_code
;ATGPTADPEKRKLIQQQLVLLLHAHKCQRREQANGEVRACSLPHCRTMKNVLNHMTHCQAPKACQVAHCASSRQIISHWK
NCTRHDCPVCLPLKNASDKR
;
_entity_poly.pdbx_strand_id   A
#
# COMPACT_ATOMS: atom_id res chain seq x y z
N ALA A 1 5.14 -15.46 5.13
CA ALA A 1 4.94 -15.09 6.56
C ALA A 1 5.19 -13.60 6.77
N THR A 2 4.75 -13.08 7.92
CA THR A 2 4.98 -11.70 8.38
C THR A 2 6.45 -11.46 8.76
N GLY A 3 7.20 -12.55 8.97
CA GLY A 3 8.62 -12.65 9.23
C GLY A 3 9.52 -12.24 8.05
N PRO A 4 10.84 -12.49 8.15
CA PRO A 4 11.86 -12.21 7.13
C PRO A 4 11.79 -13.14 5.91
N THR A 5 10.59 -13.34 5.33
CA THR A 5 10.35 -14.20 4.15
C THR A 5 11.23 -13.77 2.98
N ALA A 6 11.96 -14.72 2.39
CA ALA A 6 12.93 -14.49 1.30
C ALA A 6 12.39 -14.83 -0.10
N ASP A 7 11.21 -15.45 -0.19
CA ASP A 7 10.54 -15.81 -1.44
C ASP A 7 10.39 -14.56 -2.35
N PRO A 8 10.98 -14.53 -3.56
CA PRO A 8 10.94 -13.37 -4.45
C PRO A 8 9.55 -12.81 -4.76
N GLU A 9 8.51 -13.65 -4.89
CA GLU A 9 7.15 -13.19 -5.15
C GLU A 9 6.61 -12.40 -3.97
N LYS A 10 6.97 -12.80 -2.75
CA LYS A 10 6.62 -12.06 -1.54
C LYS A 10 7.29 -10.69 -1.57
N ARG A 11 8.59 -10.60 -1.91
CA ARG A 11 9.35 -9.35 -2.07
C ARG A 11 8.62 -8.35 -2.98
N LYS A 12 8.43 -8.69 -4.25
CA LYS A 12 7.72 -7.84 -5.23
C LYS A 12 6.26 -7.57 -4.84
N LEU A 13 5.50 -8.58 -4.41
CA LEU A 13 4.08 -8.38 -4.09
C LEU A 13 3.94 -7.46 -2.87
N ILE A 14 4.68 -7.71 -1.77
CA ILE A 14 4.59 -6.93 -0.52
C ILE A 14 5.02 -5.46 -0.74
N GLN A 15 6.13 -5.26 -1.46
CA GLN A 15 6.57 -3.90 -1.77
C GLN A 15 5.61 -3.19 -2.74
N GLN A 16 4.98 -3.91 -3.68
CA GLN A 16 4.02 -3.32 -4.61
C GLN A 16 2.72 -2.97 -3.89
N GLN A 17 2.31 -3.80 -2.92
CA GLN A 17 1.08 -3.61 -2.14
C GLN A 17 1.23 -2.29 -1.38
N LEU A 18 2.33 -2.16 -0.62
CA LEU A 18 2.63 -0.97 0.18
C LEU A 18 2.70 0.28 -0.72
N VAL A 19 3.51 0.25 -1.79
CA VAL A 19 3.65 1.38 -2.74
C VAL A 19 2.32 1.78 -3.38
N LEU A 20 1.45 0.82 -3.73
CA LEU A 20 0.14 1.10 -4.33
C LEU A 20 -0.91 1.52 -3.30
N LEU A 21 -0.75 1.14 -2.04
CA LEU A 21 -1.59 1.58 -0.92
C LEU A 21 -1.36 3.07 -0.67
N LEU A 22 -0.10 3.46 -0.63
CA LEU A 22 0.31 4.85 -0.50
C LEU A 22 -0.11 5.65 -1.73
N HIS A 23 0.05 5.07 -2.93
CA HIS A 23 -0.46 5.68 -4.16
C HIS A 23 -1.97 5.85 -4.08
N ALA A 24 -2.72 4.85 -3.60
CA ALA A 24 -4.17 4.93 -3.45
C ALA A 24 -4.60 6.07 -2.51
N HIS A 25 -3.92 6.28 -1.38
CA HIS A 25 -4.20 7.39 -0.47
C HIS A 25 -3.98 8.75 -1.18
N LYS A 26 -2.79 8.90 -1.75
CA LYS A 26 -2.35 10.02 -2.60
C LYS A 26 -3.38 10.38 -3.68
N CYS A 27 -3.70 9.39 -4.49
CA CYS A 27 -4.55 9.45 -5.65
C CYS A 27 -6.02 9.65 -5.26
N GLN A 28 -6.45 9.18 -4.08
CA GLN A 28 -7.80 9.44 -3.55
C GLN A 28 -7.92 10.94 -3.19
N ARG A 29 -6.93 11.51 -2.49
CA ARG A 29 -6.91 12.96 -2.18
C ARG A 29 -6.80 13.81 -3.44
N ARG A 30 -5.96 13.40 -4.37
CA ARG A 30 -5.74 14.05 -5.67
C ARG A 30 -7.04 14.10 -6.48
N GLU A 31 -7.75 12.98 -6.53
CA GLU A 31 -9.02 12.84 -7.24
C GLU A 31 -10.09 13.73 -6.59
N GLN A 32 -10.24 13.60 -5.28
CA GLN A 32 -11.16 14.39 -4.44
C GLN A 32 -10.90 15.91 -4.54
N ALA A 33 -9.66 16.32 -4.77
CA ALA A 33 -9.29 17.73 -4.95
C ALA A 33 -9.83 18.36 -6.26
N ASN A 34 -10.33 17.54 -7.20
CA ASN A 34 -10.93 17.95 -8.47
C ASN A 34 -12.45 17.62 -8.48
N GLY A 35 -12.80 16.37 -8.20
CA GLY A 35 -14.19 15.88 -8.08
C GLY A 35 -15.04 15.85 -9.36
N GLU A 36 -14.48 16.11 -10.54
CA GLU A 36 -15.22 16.14 -11.83
C GLU A 36 -14.52 15.40 -12.99
N VAL A 37 -13.19 15.20 -12.93
CA VAL A 37 -12.37 14.56 -13.97
C VAL A 37 -11.29 13.66 -13.35
N ARG A 38 -11.02 12.50 -13.97
CA ARG A 38 -9.98 11.55 -13.56
C ARG A 38 -8.56 12.13 -13.69
N ALA A 39 -7.62 11.55 -12.93
CA ALA A 39 -6.20 11.93 -12.94
C ALA A 39 -5.24 10.71 -12.92
N CYS A 40 -5.75 9.48 -13.07
CA CYS A 40 -4.98 8.24 -13.04
C CYS A 40 -5.55 7.15 -13.96
N SER A 41 -4.68 6.25 -14.43
CA SER A 41 -4.99 5.14 -15.35
C SER A 41 -4.25 3.82 -15.02
N LEU A 42 -3.47 3.77 -13.92
CA LEU A 42 -2.74 2.57 -13.48
C LEU A 42 -3.75 1.44 -13.15
N PRO A 43 -3.77 0.29 -13.86
CA PRO A 43 -4.76 -0.78 -13.66
C PRO A 43 -4.99 -1.25 -12.22
N HIS A 44 -3.91 -1.39 -11.43
CA HIS A 44 -3.96 -1.85 -10.04
C HIS A 44 -4.38 -0.77 -9.02
N CYS A 45 -4.22 0.52 -9.36
CA CYS A 45 -4.55 1.65 -8.48
C CYS A 45 -6.03 1.64 -8.05
N ARG A 46 -6.96 1.41 -8.98
CA ARG A 46 -8.41 1.34 -8.66
C ARG A 46 -8.76 0.22 -7.68
N THR A 47 -8.11 -0.94 -7.83
CA THR A 47 -8.27 -2.09 -6.94
C THR A 47 -7.75 -1.72 -5.54
N MET A 48 -6.55 -1.12 -5.46
CA MET A 48 -5.98 -0.68 -4.18
C MET A 48 -6.78 0.44 -3.52
N LYS A 49 -7.33 1.39 -4.30
CA LYS A 49 -8.26 2.43 -3.82
C LYS A 49 -9.51 1.76 -3.21
N ASN A 50 -10.03 0.70 -3.83
CA ASN A 50 -11.17 -0.04 -3.30
C ASN A 50 -10.80 -0.77 -1.98
N VAL A 51 -9.62 -1.38 -1.93
CA VAL A 51 -9.05 -2.04 -0.74
C VAL A 51 -8.84 -1.04 0.40
N LEU A 52 -8.38 0.18 0.10
CA LEU A 52 -8.18 1.25 1.08
C LEU A 52 -9.53 1.69 1.65
N ASN A 53 -10.51 1.99 0.79
CA ASN A 53 -11.87 2.33 1.22
C ASN A 53 -12.46 1.21 2.10
N HIS A 54 -12.22 -0.05 1.73
CA HIS A 54 -12.61 -1.18 2.56
C HIS A 54 -11.89 -1.10 3.91
N MET A 55 -10.56 -0.91 3.96
CA MET A 55 -9.84 -0.78 5.24
C MET A 55 -10.37 0.38 6.11
N THR A 56 -10.97 1.42 5.49
CA THR A 56 -11.59 2.53 6.26
C THR A 56 -12.93 2.10 6.86
N HIS A 57 -13.71 1.30 6.12
CA HIS A 57 -14.99 0.75 6.60
C HIS A 57 -14.82 -0.44 7.57
N CYS A 58 -13.71 -1.18 7.43
CA CYS A 58 -13.32 -2.37 8.19
C CYS A 58 -13.21 -2.10 9.71
N GLN A 59 -13.36 -3.18 10.50
CA GLN A 59 -13.30 -3.12 11.97
C GLN A 59 -12.26 -4.09 12.59
N ALA A 60 -11.83 -5.13 11.86
CA ALA A 60 -10.76 -6.02 12.33
C ALA A 60 -9.39 -5.63 11.76
N PRO A 61 -9.37 -5.19 10.51
CA PRO A 61 -8.19 -4.87 9.71
C PRO A 61 -7.28 -6.08 9.44
N LYS A 62 -6.58 -6.56 10.48
CA LYS A 62 -5.67 -7.72 10.46
C LYS A 62 -6.40 -9.06 10.53
N ALA A 63 -7.40 -9.16 11.41
CA ALA A 63 -8.26 -10.32 11.62
C ALA A 63 -9.36 -10.45 10.54
N CYS A 64 -9.51 -9.41 9.70
CA CYS A 64 -10.36 -9.36 8.51
C CYS A 64 -9.57 -10.07 7.38
N GLN A 65 -9.19 -11.29 7.71
CA GLN A 65 -8.45 -12.37 7.04
C GLN A 65 -8.54 -12.51 5.51
N VAL A 66 -9.45 -11.78 4.84
CA VAL A 66 -9.54 -11.68 3.38
C VAL A 66 -8.16 -11.26 2.85
N ALA A 67 -7.59 -12.05 1.95
CA ALA A 67 -6.23 -11.87 1.42
C ALA A 67 -5.78 -10.41 1.22
N HIS A 68 -6.50 -9.67 0.38
CA HIS A 68 -6.18 -8.28 0.07
C HIS A 68 -6.27 -7.33 1.28
N CYS A 69 -7.32 -7.41 2.10
CA CYS A 69 -7.47 -6.50 3.25
C CYS A 69 -6.49 -6.83 4.39
N ALA A 70 -6.40 -8.10 4.80
CA ALA A 70 -5.46 -8.54 5.83
C ALA A 70 -4.02 -8.17 5.42
N SER A 71 -3.64 -8.42 4.15
CA SER A 71 -2.33 -8.00 3.65
C SER A 71 -2.19 -6.48 3.73
N SER A 72 -3.14 -5.71 3.17
CA SER A 72 -3.12 -4.24 3.18
C SER A 72 -2.82 -3.64 4.56
N ARG A 73 -3.53 -4.13 5.58
CA ARG A 73 -3.37 -3.68 6.96
C ARG A 73 -2.03 -4.12 7.55
N GLN A 74 -1.53 -5.32 7.24
CA GLN A 74 -0.20 -5.74 7.69
C GLN A 74 0.92 -4.84 7.12
N ILE A 75 0.91 -4.55 5.81
CA ILE A 75 1.89 -3.61 5.20
C ILE A 75 1.80 -2.18 5.69
N ILE A 76 0.58 -1.63 5.80
CA ILE A 76 0.42 -0.26 6.31
C ILE A 76 0.74 -0.19 7.81
N SER A 77 0.51 -1.26 8.58
CA SER A 77 0.89 -1.34 10.01
C SER A 77 2.42 -1.32 10.11
N HIS A 78 3.13 -2.06 9.24
CA HIS A 78 4.58 -1.99 9.16
C HIS A 78 5.01 -0.55 8.89
N TRP A 79 4.44 0.09 7.86
CA TRP A 79 4.76 1.49 7.51
C TRP A 79 4.52 2.46 8.67
N LYS A 80 3.43 2.28 9.43
CA LYS A 80 3.11 3.09 10.63
C LYS A 80 4.14 2.93 11.75
N ASN A 81 4.58 1.70 12.00
CA ASN A 81 5.57 1.36 13.04
C ASN A 81 7.05 1.62 12.62
N CYS A 82 7.33 1.64 11.32
CA CYS A 82 8.64 1.83 10.69
C CYS A 82 9.52 2.94 11.30
N THR A 83 10.82 2.71 11.20
CA THR A 83 11.97 3.58 11.54
C THR A 83 12.71 4.00 10.26
N ARG A 84 11.99 3.87 9.13
CA ARG A 84 12.16 4.02 7.67
C ARG A 84 13.49 4.46 7.02
N HIS A 85 14.44 5.05 7.75
CA HIS A 85 15.74 5.50 7.22
C HIS A 85 16.61 4.38 6.61
N ASP A 86 16.31 3.09 6.86
CA ASP A 86 17.09 1.94 6.39
C ASP A 86 16.26 0.63 6.27
N CYS A 87 15.08 0.67 5.64
CA CYS A 87 14.23 -0.53 5.46
C CYS A 87 14.01 -0.84 3.94
N PRO A 88 13.98 -2.13 3.52
CA PRO A 88 13.96 -2.59 2.11
C PRO A 88 12.90 -2.01 1.17
N VAL A 89 11.83 -1.42 1.71
CA VAL A 89 10.70 -0.84 0.97
C VAL A 89 10.51 0.63 1.33
N CYS A 90 10.82 0.96 2.58
CA CYS A 90 10.87 2.28 3.19
C CYS A 90 11.87 3.20 2.47
N LEU A 91 13.13 2.77 2.33
CA LEU A 91 14.18 3.52 1.62
C LEU A 91 13.78 3.81 0.16
N PRO A 92 13.38 2.82 -0.67
CA PRO A 92 12.80 3.06 -1.99
C PRO A 92 11.70 4.14 -2.01
N LEU A 93 10.69 4.01 -1.15
CA LEU A 93 9.59 4.99 -1.04
C LEU A 93 10.07 6.39 -0.65
N LYS A 94 11.11 6.46 0.18
CA LYS A 94 11.71 7.71 0.61
C LYS A 94 12.39 8.41 -0.57
N ASN A 95 13.06 7.64 -1.42
CA ASN A 95 13.64 8.13 -2.69
C ASN A 95 12.51 8.49 -3.69
N ALA A 96 11.43 7.70 -3.72
CA ALA A 96 10.23 7.92 -4.53
C ALA A 96 9.40 9.17 -4.09
N SER A 97 9.76 9.78 -2.96
CA SER A 97 9.12 10.95 -2.34
C SER A 97 10.12 12.06 -1.97
N ASP A 98 11.28 12.09 -2.64
CA ASP A 98 12.35 13.08 -2.43
C ASP A 98 11.87 14.53 -2.64
N LYS A 99 10.88 14.70 -3.52
CA LYS A 99 10.20 15.97 -3.85
C LYS A 99 8.70 15.77 -4.09
N ARG A 100 7.93 16.86 -4.03
CA ARG A 100 6.47 16.93 -4.21
C ARG A 100 6.01 18.25 -4.85
N ALA A 1 7.08 -20.38 11.86
CA ALA A 1 7.64 -19.34 10.97
C ALA A 1 7.11 -17.96 11.36
N THR A 2 7.96 -16.93 11.16
CA THR A 2 7.59 -15.52 11.33
C THR A 2 6.54 -15.14 10.27
N GLY A 3 6.69 -15.74 9.08
CA GLY A 3 5.77 -15.72 7.95
C GLY A 3 6.40 -16.26 6.66
N PRO A 4 5.60 -16.86 5.76
CA PRO A 4 6.03 -17.32 4.44
C PRO A 4 6.40 -16.13 3.52
N THR A 5 5.98 -14.92 3.90
CA THR A 5 6.22 -13.62 3.25
C THR A 5 7.70 -13.25 3.05
N ALA A 6 8.63 -14.04 3.59
CA ALA A 6 10.07 -13.84 3.44
C ALA A 6 10.61 -14.30 2.07
N ASP A 7 9.86 -15.11 1.32
CA ASP A 7 10.33 -15.61 0.01
C ASP A 7 10.48 -14.49 -1.05
N PRO A 8 11.43 -14.58 -2.01
CA PRO A 8 11.68 -13.53 -3.00
C PRO A 8 10.50 -13.06 -3.83
N GLU A 9 9.65 -13.97 -4.33
CA GLU A 9 8.46 -13.62 -5.11
C GLU A 9 7.47 -12.81 -4.26
N LYS A 10 7.35 -13.18 -2.99
CA LYS A 10 6.55 -12.49 -2.00
C LYS A 10 7.19 -11.14 -1.67
N ARG A 11 8.52 -10.99 -1.58
CA ARG A 11 9.16 -9.67 -1.39
C ARG A 11 8.70 -8.65 -2.44
N LYS A 12 8.91 -8.96 -3.73
CA LYS A 12 8.46 -8.10 -4.85
C LYS A 12 6.94 -7.88 -4.83
N LEU A 13 6.16 -8.94 -4.64
CA LEU A 13 4.70 -8.84 -4.64
C LEU A 13 4.21 -7.94 -3.49
N ILE A 14 4.69 -8.17 -2.26
CA ILE A 14 4.29 -7.42 -1.06
C ILE A 14 4.66 -5.94 -1.17
N GLN A 15 5.90 -5.64 -1.60
CA GLN A 15 6.30 -4.25 -1.81
C GLN A 15 5.45 -3.58 -2.91
N GLN A 16 5.07 -4.32 -3.96
CA GLN A 16 4.17 -3.83 -5.00
C GLN A 16 2.80 -3.47 -4.39
N GLN A 17 2.22 -4.27 -3.48
CA GLN A 17 1.03 -3.85 -2.75
C GLN A 17 1.21 -2.56 -1.97
N LEU A 18 2.24 -2.48 -1.12
CA LEU A 18 2.58 -1.29 -0.32
C LEU A 18 2.65 -0.03 -1.23
N VAL A 19 3.43 -0.10 -2.33
CA VAL A 19 3.57 0.99 -3.31
C VAL A 19 2.24 1.34 -3.99
N LEU A 20 1.38 0.36 -4.28
CA LEU A 20 0.06 0.57 -4.90
C LEU A 20 -0.97 1.12 -3.90
N LEU A 21 -0.85 0.76 -2.62
CA LEU A 21 -1.63 1.29 -1.50
C LEU A 21 -1.35 2.77 -1.32
N LEU A 22 -0.07 3.14 -1.37
CA LEU A 22 0.37 4.52 -1.27
C LEU A 22 0.05 5.29 -2.56
N HIS A 23 0.08 4.63 -3.73
CA HIS A 23 -0.42 5.24 -4.96
C HIS A 23 -1.92 5.51 -4.80
N ALA A 24 -2.70 4.59 -4.24
CA ALA A 24 -4.13 4.78 -3.99
C ALA A 24 -4.37 5.99 -3.06
N HIS A 25 -3.60 6.15 -1.98
CA HIS A 25 -3.70 7.32 -1.08
C HIS A 25 -3.47 8.63 -1.85
N LYS A 26 -2.34 8.69 -2.55
CA LYS A 26 -1.91 9.76 -3.47
C LYS A 26 -3.00 10.15 -4.45
N CYS A 27 -3.46 9.17 -5.20
CA CYS A 27 -4.41 9.29 -6.28
C CYS A 27 -5.82 9.59 -5.75
N GLN A 28 -6.17 9.20 -4.52
CA GLN A 28 -7.45 9.58 -3.89
C GLN A 28 -7.42 11.08 -3.57
N ARG A 29 -6.35 11.56 -2.93
CA ARG A 29 -6.10 12.99 -2.66
C ARG A 29 -6.10 13.80 -3.96
N ARG A 30 -5.37 13.34 -4.96
CA ARG A 30 -5.24 13.97 -6.29
C ARG A 30 -6.58 14.06 -7.01
N GLU A 31 -7.33 12.96 -7.03
CA GLU A 31 -8.65 12.89 -7.68
C GLU A 31 -9.66 13.84 -7.04
N GLN A 32 -9.78 13.75 -5.72
CA GLN A 32 -10.64 14.63 -4.92
C GLN A 32 -10.24 16.11 -5.04
N ALA A 33 -8.95 16.40 -5.20
CA ALA A 33 -8.42 17.77 -5.38
C ALA A 33 -8.58 18.32 -6.81
N ASN A 34 -8.76 17.45 -7.82
CA ASN A 34 -8.88 17.80 -9.23
C ASN A 34 -9.86 16.86 -9.97
N GLY A 35 -11.16 17.13 -9.86
CA GLY A 35 -12.26 16.39 -10.49
C GLY A 35 -12.40 16.62 -12.01
N GLU A 36 -11.30 16.47 -12.74
CA GLU A 36 -11.15 16.66 -14.18
C GLU A 36 -11.06 15.31 -14.92
N VAL A 37 -11.29 15.31 -16.24
CA VAL A 37 -11.24 14.12 -17.13
C VAL A 37 -9.85 13.42 -17.10
N ARG A 38 -8.79 14.12 -16.66
CA ARG A 38 -7.41 13.65 -16.51
C ARG A 38 -7.21 12.65 -15.34
N ALA A 39 -8.05 11.63 -15.27
CA ALA A 39 -8.05 10.56 -14.28
C ALA A 39 -6.85 9.60 -14.46
N CYS A 40 -6.73 8.65 -13.53
CA CYS A 40 -5.69 7.61 -13.50
C CYS A 40 -5.78 6.59 -14.66
N SER A 41 -4.74 5.77 -14.81
CA SER A 41 -4.60 4.73 -15.84
C SER A 41 -4.08 3.38 -15.33
N LEU A 42 -3.65 3.26 -14.07
CA LEU A 42 -3.18 2.00 -13.46
C LEU A 42 -4.40 1.05 -13.24
N PRO A 43 -4.45 -0.15 -13.87
CA PRO A 43 -5.57 -1.08 -13.72
C PRO A 43 -5.98 -1.43 -12.28
N HIS A 44 -4.98 -1.62 -11.40
CA HIS A 44 -5.19 -1.97 -9.99
C HIS A 44 -5.56 -0.79 -9.08
N CYS A 45 -5.42 0.45 -9.55
CA CYS A 45 -5.63 1.66 -8.74
C CYS A 45 -7.01 1.72 -8.06
N ARG A 46 -8.12 1.55 -8.81
CA ARG A 46 -9.48 1.58 -8.24
C ARG A 46 -9.72 0.45 -7.22
N THR A 47 -9.13 -0.72 -7.45
CA THR A 47 -9.19 -1.86 -6.52
C THR A 47 -8.46 -1.50 -5.23
N MET A 48 -7.25 -0.95 -5.33
CA MET A 48 -6.43 -0.51 -4.20
C MET A 48 -7.07 0.66 -3.44
N LYS A 49 -7.68 1.63 -4.14
CA LYS A 49 -8.47 2.73 -3.56
C LYS A 49 -9.65 2.16 -2.77
N ASN A 50 -10.32 1.13 -3.30
CA ASN A 50 -11.42 0.45 -2.60
C ASN A 50 -10.90 -0.29 -1.34
N VAL A 51 -9.75 -0.96 -1.43
CA VAL A 51 -9.06 -1.66 -0.33
C VAL A 51 -8.65 -0.66 0.76
N LEU A 52 -8.19 0.53 0.39
CA LEU A 52 -7.80 1.59 1.33
C LEU A 52 -9.03 2.11 2.07
N ASN A 53 -10.09 2.49 1.34
CA ASN A 53 -11.36 2.93 1.95
C ASN A 53 -11.94 1.83 2.86
N HIS A 54 -11.79 0.56 2.46
CA HIS A 54 -12.18 -0.55 3.32
C HIS A 54 -11.31 -0.54 4.58
N MET A 55 -9.98 -0.44 4.47
CA MET A 55 -9.10 -0.38 5.65
C MET A 55 -9.41 0.80 6.58
N THR A 56 -9.98 1.90 6.06
CA THR A 56 -10.39 3.04 6.91
C THR A 56 -11.68 2.72 7.66
N HIS A 57 -12.64 2.04 7.01
CA HIS A 57 -13.90 1.59 7.62
C HIS A 57 -13.76 0.30 8.47
N CYS A 58 -12.68 -0.47 8.27
CA CYS A 58 -12.38 -1.76 8.92
C CYS A 58 -12.33 -1.69 10.46
N GLN A 59 -12.69 -2.80 11.10
CA GLN A 59 -12.73 -2.96 12.56
C GLN A 59 -12.04 -4.23 13.07
N ALA A 60 -11.10 -4.74 12.27
CA ALA A 60 -10.27 -5.90 12.60
C ALA A 60 -8.84 -5.73 12.09
N PRO A 61 -8.72 -5.27 10.83
CA PRO A 61 -7.48 -5.12 10.07
C PRO A 61 -6.72 -6.44 9.83
N LYS A 62 -6.20 -7.05 10.90
CA LYS A 62 -5.47 -8.34 10.92
C LYS A 62 -6.41 -9.55 10.91
N ALA A 63 -7.45 -9.52 11.73
CA ALA A 63 -8.45 -10.58 11.86
C ALA A 63 -9.49 -10.57 10.71
N CYS A 64 -9.48 -9.49 9.92
CA CYS A 64 -10.27 -9.23 8.73
C CYS A 64 -9.64 -9.98 7.52
N GLN A 65 -9.27 -11.23 7.80
CA GLN A 65 -8.61 -12.31 7.04
C GLN A 65 -8.78 -12.38 5.51
N VAL A 66 -9.68 -11.59 4.91
CA VAL A 66 -9.85 -11.45 3.45
C VAL A 66 -8.48 -11.05 2.88
N ALA A 67 -7.94 -11.87 1.97
CA ALA A 67 -6.58 -11.73 1.41
C ALA A 67 -6.10 -10.28 1.21
N HIS A 68 -6.80 -9.52 0.37
CA HIS A 68 -6.45 -8.14 0.05
C HIS A 68 -6.42 -7.21 1.27
N CYS A 69 -7.40 -7.28 2.18
CA CYS A 69 -7.44 -6.39 3.35
C CYS A 69 -6.41 -6.79 4.42
N ALA A 70 -6.38 -8.07 4.82
CA ALA A 70 -5.42 -8.58 5.81
C ALA A 70 -3.98 -8.25 5.37
N SER A 71 -3.63 -8.49 4.10
CA SER A 71 -2.32 -8.11 3.57
C SER A 71 -2.15 -6.59 3.52
N SER A 72 -3.15 -5.81 3.06
CA SER A 72 -3.05 -4.34 3.00
C SER A 72 -2.62 -3.74 4.34
N ARG A 73 -3.26 -4.17 5.42
CA ARG A 73 -2.92 -3.74 6.77
C ARG A 73 -1.55 -4.28 7.18
N GLN A 74 -1.18 -5.51 6.82
CA GLN A 74 0.16 -6.04 7.10
C GLN A 74 1.28 -5.14 6.52
N ILE A 75 1.19 -4.79 5.22
CA ILE A 75 2.16 -3.90 4.57
C ILE A 75 2.16 -2.46 5.07
N ILE A 76 1.00 -1.84 5.20
CA ILE A 76 0.91 -0.46 5.71
C ILE A 76 1.35 -0.39 7.19
N SER A 77 1.07 -1.43 7.99
CA SER A 77 1.53 -1.54 9.37
C SER A 77 3.06 -1.69 9.41
N HIS A 78 3.67 -2.44 8.48
CA HIS A 78 5.14 -2.48 8.37
C HIS A 78 5.64 -1.05 8.13
N TRP A 79 5.14 -0.35 7.10
CA TRP A 79 5.55 1.02 6.78
C TRP A 79 5.40 1.99 7.96
N LYS A 80 4.35 1.82 8.78
CA LYS A 80 4.12 2.63 9.99
C LYS A 80 5.11 2.32 11.13
N ASN A 81 5.25 1.04 11.48
CA ASN A 81 6.09 0.56 12.59
C ASN A 81 7.60 0.46 12.33
N CYS A 82 8.03 0.31 11.08
CA CYS A 82 9.44 0.11 10.69
C CYS A 82 10.38 1.20 11.23
N THR A 83 11.24 0.81 12.18
CA THR A 83 12.25 1.66 12.82
C THR A 83 13.51 1.81 11.97
N ARG A 84 13.75 0.93 10.99
CA ARG A 84 14.92 0.96 10.11
C ARG A 84 14.96 2.23 9.25
N HIS A 85 16.03 3.00 9.42
CA HIS A 85 16.32 4.25 8.73
C HIS A 85 16.57 4.11 7.20
N ASP A 86 16.70 2.87 6.70
CA ASP A 86 17.07 2.52 5.33
C ASP A 86 16.45 1.20 4.83
N CYS A 87 15.13 1.01 5.01
CA CYS A 87 14.49 -0.24 4.58
C CYS A 87 14.38 -0.27 3.02
N PRO A 88 14.51 -1.44 2.36
CA PRO A 88 14.44 -1.60 0.89
C PRO A 88 13.17 -1.06 0.20
N VAL A 89 12.14 -0.70 0.98
CA VAL A 89 10.84 -0.22 0.51
C VAL A 89 10.42 1.06 1.24
N CYS A 90 10.57 1.08 2.56
CA CYS A 90 10.35 2.26 3.39
C CYS A 90 11.14 3.48 2.95
N LEU A 91 12.47 3.41 2.85
CA LEU A 91 13.27 4.57 2.41
C LEU A 91 12.83 5.13 1.04
N PRO A 92 12.73 4.31 -0.03
CA PRO A 92 12.19 4.75 -1.31
C PRO A 92 10.88 5.51 -1.20
N LEU A 93 9.87 4.91 -0.55
CA LEU A 93 8.54 5.52 -0.41
C LEU A 93 8.54 6.75 0.49
N LYS A 94 9.44 6.78 1.47
CA LYS A 94 9.56 7.89 2.43
C LYS A 94 10.05 9.10 1.64
N ASN A 95 11.07 8.93 0.80
CA ASN A 95 11.53 9.98 -0.13
C ASN A 95 10.44 10.35 -1.15
N ALA A 96 9.70 9.35 -1.66
CA ALA A 96 8.58 9.51 -2.61
C ALA A 96 7.33 10.21 -2.02
N SER A 97 7.30 10.50 -0.71
CA SER A 97 6.15 11.14 -0.02
C SER A 97 6.52 12.31 0.92
N ASP A 98 7.80 12.48 1.27
CA ASP A 98 8.29 13.62 2.07
C ASP A 98 7.99 14.97 1.40
N LYS A 99 7.96 14.97 0.05
CA LYS A 99 7.67 16.12 -0.82
C LYS A 99 6.66 15.74 -1.91
N ARG A 100 5.41 15.55 -1.49
CA ARG A 100 4.26 15.15 -2.33
C ARG A 100 3.04 16.03 -2.02
N ALA A 1 15.32 -21.52 -1.45
CA ALA A 1 16.43 -21.20 -0.50
C ALA A 1 16.12 -21.69 0.91
N THR A 2 17.16 -22.15 1.61
CA THR A 2 17.14 -22.59 3.02
C THR A 2 17.36 -21.42 4.01
N GLY A 3 17.50 -20.21 3.45
CA GLY A 3 17.75 -18.92 4.10
C GLY A 3 16.68 -18.36 5.05
N PRO A 4 16.89 -17.11 5.50
CA PRO A 4 15.93 -16.35 6.33
C PRO A 4 14.68 -15.95 5.53
N THR A 5 14.77 -16.01 4.19
CA THR A 5 13.70 -15.73 3.22
C THR A 5 13.70 -16.82 2.14
N ALA A 6 12.51 -17.27 1.74
CA ALA A 6 12.31 -18.33 0.75
C ALA A 6 11.12 -18.05 -0.22
N ASP A 7 10.64 -16.81 -0.27
CA ASP A 7 9.51 -16.36 -1.11
C ASP A 7 9.70 -14.96 -1.75
N PRO A 8 10.71 -14.77 -2.62
CA PRO A 8 11.02 -13.49 -3.25
C PRO A 8 9.85 -12.84 -4.00
N GLU A 9 8.93 -13.62 -4.58
CA GLU A 9 7.74 -13.09 -5.27
C GLU A 9 6.84 -12.32 -4.30
N LYS A 10 6.73 -12.81 -3.07
CA LYS A 10 5.98 -12.22 -1.96
C LYS A 10 6.65 -10.92 -1.55
N ARG A 11 7.99 -10.85 -1.51
CA ARG A 11 8.76 -9.62 -1.23
C ARG A 11 8.38 -8.49 -2.18
N LYS A 12 8.58 -8.69 -3.49
CA LYS A 12 8.19 -7.72 -4.54
C LYS A 12 6.70 -7.39 -4.48
N LEU A 13 5.85 -8.41 -4.30
CA LEU A 13 4.40 -8.22 -4.24
C LEU A 13 4.04 -7.33 -3.04
N ILE A 14 4.55 -7.61 -1.83
CA ILE A 14 4.24 -6.86 -0.59
C ILE A 14 4.68 -5.41 -0.69
N GLN A 15 5.92 -5.17 -1.17
CA GLN A 15 6.40 -3.79 -1.35
C GLN A 15 5.55 -3.05 -2.39
N GLN A 16 5.12 -3.74 -3.46
CA GLN A 16 4.21 -3.19 -4.46
C GLN A 16 2.86 -2.80 -3.83
N GLN A 17 2.27 -3.62 -2.92
CA GLN A 17 1.07 -3.19 -2.20
C GLN A 17 1.30 -1.90 -1.40
N LEU A 18 2.30 -1.86 -0.51
CA LEU A 18 2.61 -0.66 0.29
C LEU A 18 2.74 0.58 -0.62
N VAL A 19 3.58 0.52 -1.66
CA VAL A 19 3.78 1.62 -2.63
C VAL A 19 2.47 2.05 -3.30
N LEU A 20 1.62 1.10 -3.70
CA LEU A 20 0.34 1.38 -4.36
C LEU A 20 -0.78 1.77 -3.39
N LEU A 21 -0.65 1.44 -2.11
CA LEU A 21 -1.51 1.87 -1.01
C LEU A 21 -1.30 3.35 -0.75
N LEU A 22 -0.03 3.75 -0.73
CA LEU A 22 0.37 5.15 -0.58
C LEU A 22 -0.09 5.93 -1.81
N HIS A 23 0.09 5.37 -3.01
CA HIS A 23 -0.45 5.98 -4.24
C HIS A 23 -1.98 6.08 -4.14
N ALA A 24 -2.67 5.04 -3.66
CA ALA A 24 -4.12 5.04 -3.49
C ALA A 24 -4.59 6.13 -2.50
N HIS A 25 -3.90 6.35 -1.38
CA HIS A 25 -4.24 7.42 -0.43
C HIS A 25 -4.14 8.79 -1.11
N LYS A 26 -2.96 9.05 -1.69
CA LYS A 26 -2.63 10.23 -2.51
C LYS A 26 -3.70 10.52 -3.55
N CYS A 27 -3.92 9.53 -4.39
CA CYS A 27 -4.73 9.62 -5.58
C CYS A 27 -6.23 9.65 -5.25
N GLN A 28 -6.70 8.90 -4.25
CA GLN A 28 -8.08 9.03 -3.79
C GLN A 28 -8.32 10.46 -3.29
N ARG A 29 -7.34 11.09 -2.62
CA ARG A 29 -7.43 12.48 -2.19
C ARG A 29 -7.52 13.45 -3.37
N ARG A 30 -6.61 13.42 -4.35
CA ARG A 30 -6.72 14.33 -5.52
C ARG A 30 -7.93 14.05 -6.42
N GLU A 31 -8.37 12.80 -6.50
CA GLU A 31 -9.57 12.37 -7.23
C GLU A 31 -10.84 12.98 -6.61
N GLN A 32 -11.02 12.75 -5.30
CA GLN A 32 -12.15 13.26 -4.53
C GLN A 32 -12.14 14.79 -4.41
N ALA A 33 -10.96 15.42 -4.38
CA ALA A 33 -10.82 16.88 -4.30
C ALA A 33 -11.33 17.59 -5.57
N ASN A 34 -11.03 17.03 -6.76
CA ASN A 34 -11.47 17.58 -8.05
C ASN A 34 -11.36 16.56 -9.22
N GLY A 35 -10.27 15.79 -9.24
CA GLY A 35 -9.95 14.86 -10.34
C GLY A 35 -9.29 15.61 -11.53
N GLU A 36 -8.77 14.85 -12.50
CA GLU A 36 -8.09 15.40 -13.69
C GLU A 36 -8.36 14.59 -14.97
N VAL A 37 -8.40 13.25 -14.87
CA VAL A 37 -8.67 12.30 -15.98
C VAL A 37 -9.49 11.12 -15.43
N ARG A 38 -10.31 10.48 -16.26
CA ARG A 38 -11.15 9.30 -15.91
C ARG A 38 -10.38 8.01 -15.54
N ALA A 39 -9.05 8.02 -15.69
CA ALA A 39 -8.13 6.92 -15.42
C ALA A 39 -6.80 7.43 -14.81
N CYS A 40 -5.89 6.52 -14.48
CA CYS A 40 -4.59 6.80 -13.87
C CYS A 40 -3.43 6.04 -14.55
N SER A 41 -2.21 6.21 -14.05
CA SER A 41 -0.95 5.63 -14.55
C SER A 41 -0.90 4.09 -14.65
N LEU A 42 -1.79 3.39 -13.93
CA LEU A 42 -1.90 1.93 -13.92
C LEU A 42 -3.36 1.49 -13.62
N PRO A 43 -3.83 0.34 -14.14
CA PRO A 43 -5.21 -0.14 -13.91
C PRO A 43 -5.47 -0.55 -12.45
N HIS A 44 -4.44 -0.98 -11.73
CA HIS A 44 -4.52 -1.41 -10.32
C HIS A 44 -4.83 -0.27 -9.33
N CYS A 45 -4.73 1.00 -9.76
CA CYS A 45 -4.96 2.20 -8.95
C CYS A 45 -6.35 2.19 -8.27
N ARG A 46 -7.43 2.07 -9.04
CA ARG A 46 -8.80 1.98 -8.50
C ARG A 46 -9.04 0.75 -7.63
N THR A 47 -8.38 -0.37 -7.92
CA THR A 47 -8.46 -1.61 -7.12
C THR A 47 -7.83 -1.38 -5.74
N MET A 48 -6.63 -0.81 -5.68
CA MET A 48 -5.94 -0.49 -4.44
C MET A 48 -6.69 0.59 -3.64
N LYS A 49 -7.29 1.59 -4.30
CA LYS A 49 -8.16 2.57 -3.64
C LYS A 49 -9.40 1.88 -3.06
N ASN A 50 -9.97 0.90 -3.75
CA ASN A 50 -11.11 0.13 -3.23
C ASN A 50 -10.69 -0.68 -1.98
N VAL A 51 -9.48 -1.26 -1.99
CA VAL A 51 -8.86 -1.95 -0.84
C VAL A 51 -8.66 -0.99 0.33
N LEU A 52 -8.23 0.25 0.08
CA LEU A 52 -8.05 1.28 1.11
C LEU A 52 -9.41 1.72 1.70
N ASN A 53 -10.38 2.02 0.83
CA ASN A 53 -11.76 2.34 1.23
C ASN A 53 -12.33 1.19 2.09
N HIS A 54 -12.04 -0.05 1.71
CA HIS A 54 -12.43 -1.22 2.49
C HIS A 54 -11.69 -1.23 3.83
N MET A 55 -10.37 -1.05 3.88
CA MET A 55 -9.63 -1.04 5.15
C MET A 55 -10.18 0.00 6.15
N THR A 56 -10.72 1.13 5.67
CA THR A 56 -11.34 2.12 6.57
C THR A 56 -12.77 1.72 6.99
N HIS A 57 -13.58 1.16 6.08
CA HIS A 57 -14.93 0.65 6.38
C HIS A 57 -14.95 -0.72 7.10
N CYS A 58 -13.80 -1.39 7.18
CA CYS A 58 -13.56 -2.72 7.75
C CYS A 58 -14.11 -2.90 9.18
N GLN A 59 -14.38 -4.16 9.55
CA GLN A 59 -14.91 -4.55 10.87
C GLN A 59 -14.07 -5.63 11.57
N ALA A 60 -12.81 -5.75 11.14
CA ALA A 60 -11.81 -6.65 11.72
C ALA A 60 -10.38 -6.11 11.55
N PRO A 61 -10.08 -5.53 10.39
CA PRO A 61 -8.76 -5.02 9.96
C PRO A 61 -7.65 -6.07 9.92
N LYS A 62 -7.24 -6.60 11.08
CA LYS A 62 -6.23 -7.64 11.28
C LYS A 62 -6.79 -9.04 11.02
N ALA A 63 -7.96 -9.30 11.59
CA ALA A 63 -8.74 -10.55 11.47
C ALA A 63 -9.45 -10.67 10.10
N CYS A 64 -9.46 -9.60 9.30
CA CYS A 64 -10.02 -9.49 7.95
C CYS A 64 -9.11 -10.16 6.92
N GLN A 65 -8.83 -11.40 7.25
CA GLN A 65 -8.13 -12.49 6.57
C GLN A 65 -8.30 -12.54 5.03
N VAL A 66 -9.22 -11.75 4.45
CA VAL A 66 -9.34 -11.59 2.99
C VAL A 66 -7.97 -11.15 2.47
N ALA A 67 -7.36 -11.93 1.58
CA ALA A 67 -5.99 -11.75 1.07
C ALA A 67 -5.52 -10.29 0.94
N HIS A 68 -6.19 -9.52 0.08
CA HIS A 68 -5.86 -8.12 -0.19
C HIS A 68 -6.01 -7.20 1.04
N CYS A 69 -7.07 -7.32 1.84
CA CYS A 69 -7.27 -6.46 3.01
C CYS A 69 -6.29 -6.80 4.16
N ALA A 70 -6.18 -8.08 4.53
CA ALA A 70 -5.23 -8.54 5.54
C ALA A 70 -3.81 -8.09 5.17
N SER A 71 -3.41 -8.27 3.91
CA SER A 71 -2.12 -7.79 3.43
C SER A 71 -2.03 -6.27 3.57
N SER A 72 -3.00 -5.51 3.02
CA SER A 72 -3.03 -4.04 3.08
C SER A 72 -2.78 -3.49 4.48
N ARG A 73 -3.50 -4.02 5.48
CA ARG A 73 -3.38 -3.63 6.88
C ARG A 73 -2.02 -4.02 7.45
N GLN A 74 -1.48 -5.19 7.12
CA GLN A 74 -0.14 -5.60 7.57
C GLN A 74 0.96 -4.66 7.02
N ILE A 75 0.99 -4.36 5.72
CA ILE A 75 1.96 -3.40 5.16
C ILE A 75 1.83 -1.96 5.67
N ILE A 76 0.61 -1.45 5.78
CA ILE A 76 0.40 -0.10 6.32
C ILE A 76 0.69 -0.04 7.83
N SER A 77 0.46 -1.12 8.58
CA SER A 77 0.81 -1.20 10.01
C SER A 77 2.33 -1.17 10.14
N HIS A 78 3.06 -1.87 9.25
CA HIS A 78 4.53 -1.78 9.20
C HIS A 78 4.93 -0.31 8.96
N TRP A 79 4.39 0.32 7.90
CA TRP A 79 4.68 1.72 7.56
C TRP A 79 4.42 2.69 8.72
N LYS A 80 3.35 2.46 9.50
CA LYS A 80 3.01 3.27 10.68
C LYS A 80 4.01 3.09 11.84
N ASN A 81 4.38 1.85 12.14
CA ASN A 81 5.29 1.50 13.25
C ASN A 81 6.80 1.67 12.99
N CYS A 82 7.25 1.49 11.75
CA CYS A 82 8.66 1.50 11.36
C CYS A 82 9.43 2.81 11.66
N THR A 83 10.70 2.63 12.04
CA THR A 83 11.67 3.68 12.37
C THR A 83 13.01 3.52 11.61
N ARG A 84 13.14 2.48 10.76
CA ARG A 84 14.36 2.17 9.99
C ARG A 84 14.52 3.08 8.77
N HIS A 85 15.64 3.80 8.70
CA HIS A 85 16.01 4.65 7.57
C HIS A 85 16.48 3.86 6.33
N ASP A 86 16.69 2.55 6.46
CA ASP A 86 17.24 1.61 5.48
C ASP A 86 16.44 0.28 5.40
N CYS A 87 15.10 0.40 5.42
CA CYS A 87 14.16 -0.73 5.38
C CYS A 87 13.99 -1.28 3.94
N PRO A 88 13.68 -2.57 3.74
CA PRO A 88 13.45 -3.19 2.42
C PRO A 88 12.38 -2.53 1.54
N VAL A 89 11.57 -1.61 2.11
CA VAL A 89 10.48 -0.90 1.43
C VAL A 89 10.56 0.62 1.66
N CYS A 90 10.86 1.06 2.90
CA CYS A 90 11.10 2.47 3.20
C CYS A 90 12.28 3.05 2.40
N LEU A 91 13.46 2.40 2.36
CA LEU A 91 14.58 2.88 1.55
C LEU A 91 14.20 3.08 0.07
N PRO A 92 13.64 2.08 -0.64
CA PRO A 92 13.08 2.27 -1.98
C PRO A 92 12.20 3.52 -2.11
N LEU A 93 11.18 3.67 -1.25
CA LEU A 93 10.28 4.84 -1.28
C LEU A 93 10.96 6.17 -0.96
N LYS A 94 11.96 6.12 -0.09
CA LYS A 94 12.71 7.31 0.38
C LYS A 94 13.51 7.82 -0.82
N ASN A 95 14.20 6.90 -1.51
CA ASN A 95 14.91 7.18 -2.76
C ASN A 95 13.92 7.62 -3.86
N ALA A 96 12.77 6.95 -3.99
CA ALA A 96 11.68 7.27 -4.93
C ALA A 96 11.09 8.68 -4.78
N SER A 97 11.36 9.37 -3.67
CA SER A 97 10.94 10.75 -3.40
C SER A 97 12.10 11.73 -3.57
N ASP A 98 13.33 11.31 -3.25
CA ASP A 98 14.55 12.10 -3.48
C ASP A 98 14.82 12.32 -4.98
N LYS A 99 14.56 11.30 -5.81
CA LYS A 99 14.68 11.31 -7.28
C LYS A 99 13.81 10.22 -7.92
N ARG A 100 13.30 10.48 -9.13
CA ARG A 100 12.46 9.55 -9.91
C ARG A 100 12.63 9.73 -11.43
N ALA A 1 9.78 -23.44 -3.65
CA ALA A 1 11.14 -22.89 -3.41
C ALA A 1 12.22 -23.85 -3.88
N THR A 2 13.36 -23.30 -4.30
CA THR A 2 14.59 -24.03 -4.70
C THR A 2 15.45 -24.35 -3.46
N GLY A 3 14.80 -24.48 -2.31
CA GLY A 3 15.32 -24.66 -0.96
C GLY A 3 14.17 -24.91 0.05
N PRO A 4 14.44 -24.82 1.36
CA PRO A 4 13.45 -24.98 2.43
C PRO A 4 12.37 -23.90 2.37
N THR A 5 12.77 -22.64 2.10
CA THR A 5 11.91 -21.47 1.90
C THR A 5 12.72 -20.37 1.21
N ALA A 6 12.15 -19.79 0.15
CA ALA A 6 12.73 -18.74 -0.70
C ALA A 6 11.68 -18.38 -1.77
N ASP A 7 11.14 -17.16 -1.70
CA ASP A 7 10.10 -16.70 -2.63
C ASP A 7 10.17 -15.18 -2.87
N PRO A 8 11.12 -14.70 -3.70
CA PRO A 8 11.27 -13.28 -4.00
C PRO A 8 10.04 -12.65 -4.63
N GLU A 9 9.15 -13.42 -5.26
CA GLU A 9 7.91 -12.90 -5.86
C GLU A 9 7.02 -12.29 -4.79
N LYS A 10 6.97 -12.91 -3.61
CA LYS A 10 6.24 -12.46 -2.42
C LYS A 10 6.83 -11.15 -1.91
N ARG A 11 8.17 -10.99 -1.93
CA ARG A 11 8.88 -9.74 -1.54
C ARG A 11 8.44 -8.56 -2.41
N LYS A 12 8.66 -8.65 -3.73
CA LYS A 12 8.21 -7.61 -4.69
C LYS A 12 6.70 -7.39 -4.61
N LEU A 13 5.91 -8.46 -4.45
CA LEU A 13 4.45 -8.36 -4.35
C LEU A 13 4.09 -7.56 -3.09
N ILE A 14 4.66 -7.89 -1.92
CA ILE A 14 4.34 -7.21 -0.64
C ILE A 14 4.64 -5.70 -0.70
N GLN A 15 5.83 -5.37 -1.20
CA GLN A 15 6.18 -3.95 -1.36
C GLN A 15 5.27 -3.27 -2.40
N GLN A 16 4.85 -3.98 -3.46
CA GLN A 16 3.91 -3.45 -4.44
C GLN A 16 2.56 -3.14 -3.78
N GLN A 17 2.05 -3.97 -2.86
CA GLN A 17 0.85 -3.61 -2.10
C GLN A 17 1.04 -2.32 -1.31
N LEU A 18 2.06 -2.26 -0.46
CA LEU A 18 2.37 -1.05 0.33
C LEU A 18 2.48 0.21 -0.57
N VAL A 19 3.28 0.17 -1.63
CA VAL A 19 3.46 1.29 -2.58
C VAL A 19 2.14 1.69 -3.27
N LEU A 20 1.30 0.74 -3.66
CA LEU A 20 0.01 1.02 -4.33
C LEU A 20 -1.07 1.47 -3.32
N LEU A 21 -0.93 1.13 -2.04
CA LEU A 21 -1.77 1.58 -0.93
C LEU A 21 -1.52 3.08 -0.68
N LEU A 22 -0.24 3.44 -0.63
CA LEU A 22 0.17 4.84 -0.49
C LEU A 22 -0.26 5.64 -1.71
N HIS A 23 -0.08 5.07 -2.92
CA HIS A 23 -0.56 5.67 -4.15
C HIS A 23 -2.09 5.81 -4.12
N ALA A 24 -2.82 4.80 -3.61
CA ALA A 24 -4.26 4.84 -3.49
C ALA A 24 -4.73 6.02 -2.65
N HIS A 25 -4.16 6.24 -1.45
CA HIS A 25 -4.52 7.39 -0.61
C HIS A 25 -4.23 8.72 -1.32
N LYS A 26 -3.01 8.84 -1.87
CA LYS A 26 -2.53 9.98 -2.68
C LYS A 26 -3.52 10.36 -3.78
N CYS A 27 -3.78 9.40 -4.65
CA CYS A 27 -4.59 9.50 -5.84
C CYS A 27 -6.09 9.60 -5.47
N GLN A 28 -6.53 9.10 -4.31
CA GLN A 28 -7.89 9.29 -3.79
C GLN A 28 -8.10 10.77 -3.45
N ARG A 29 -7.18 11.39 -2.70
CA ARG A 29 -7.26 12.83 -2.38
C ARG A 29 -7.20 13.69 -3.63
N ARG A 30 -6.26 13.37 -4.52
CA ARG A 30 -6.03 14.06 -5.79
C ARG A 30 -7.22 13.98 -6.74
N GLU A 31 -7.86 12.82 -6.83
CA GLU A 31 -9.04 12.61 -7.68
C GLU A 31 -10.26 13.36 -7.11
N GLN A 32 -10.56 13.10 -5.83
CA GLN A 32 -11.67 13.73 -5.12
C GLN A 32 -11.55 15.27 -5.03
N ALA A 33 -10.34 15.83 -5.14
CA ALA A 33 -10.12 17.28 -5.15
C ALA A 33 -10.90 18.03 -6.26
N ASN A 34 -11.22 17.39 -7.39
CA ASN A 34 -11.93 18.02 -8.53
C ASN A 34 -12.77 17.08 -9.43
N GLY A 35 -12.63 15.76 -9.34
CA GLY A 35 -13.34 14.78 -10.17
C GLY A 35 -12.84 14.66 -11.62
N GLU A 36 -11.75 15.35 -11.98
CA GLU A 36 -11.17 15.38 -13.32
C GLU A 36 -10.00 14.40 -13.51
N VAL A 37 -9.27 14.05 -12.43
CA VAL A 37 -8.15 13.07 -12.45
C VAL A 37 -8.68 11.62 -12.42
N ARG A 38 -9.67 11.35 -13.28
CA ARG A 38 -10.44 10.10 -13.44
C ARG A 38 -9.70 8.96 -14.16
N ALA A 39 -8.45 9.18 -14.54
CA ALA A 39 -7.54 8.24 -15.21
C ALA A 39 -6.16 8.26 -14.54
N CYS A 40 -5.35 7.21 -14.77
CA CYS A 40 -4.05 7.05 -14.12
C CYS A 40 -3.06 6.24 -14.99
N SER A 41 -1.82 6.09 -14.50
CA SER A 41 -0.74 5.37 -15.18
C SER A 41 -0.82 3.83 -15.10
N LEU A 42 -1.68 3.27 -14.24
CA LEU A 42 -1.89 1.82 -14.07
C LEU A 42 -3.33 1.49 -13.63
N PRO A 43 -3.92 0.35 -14.08
CA PRO A 43 -5.28 -0.04 -13.70
C PRO A 43 -5.38 -0.52 -12.24
N HIS A 44 -4.31 -1.11 -11.71
CA HIS A 44 -4.23 -1.60 -10.33
C HIS A 44 -4.41 -0.50 -9.26
N CYS A 45 -4.25 0.77 -9.65
CA CYS A 45 -4.48 1.94 -8.81
C CYS A 45 -5.91 1.93 -8.23
N ARG A 46 -6.93 1.75 -9.08
CA ARG A 46 -8.35 1.69 -8.66
C ARG A 46 -8.65 0.46 -7.79
N THR A 47 -7.97 -0.66 -8.02
CA THR A 47 -8.07 -1.88 -7.20
C THR A 47 -7.56 -1.59 -5.79
N MET A 48 -6.35 -1.03 -5.66
CA MET A 48 -5.82 -0.66 -4.34
C MET A 48 -6.60 0.51 -3.71
N LYS A 49 -7.18 1.43 -4.48
CA LYS A 49 -8.10 2.46 -3.96
C LYS A 49 -9.31 1.79 -3.31
N ASN A 50 -9.85 0.73 -3.92
CA ASN A 50 -10.96 -0.03 -3.31
C ASN A 50 -10.49 -0.70 -2.00
N VAL A 51 -9.30 -1.31 -2.00
CA VAL A 51 -8.69 -1.95 -0.81
C VAL A 51 -8.40 -0.93 0.31
N LEU A 52 -7.93 0.26 -0.05
CA LEU A 52 -7.59 1.35 0.88
C LEU A 52 -8.86 1.94 1.50
N ASN A 53 -9.86 2.30 0.67
CA ASN A 53 -11.16 2.76 1.15
C ASN A 53 -11.84 1.67 2.01
N HIS A 54 -11.63 0.39 1.68
CA HIS A 54 -12.11 -0.70 2.53
C HIS A 54 -11.37 -0.65 3.87
N MET A 55 -10.02 -0.56 3.89
CA MET A 55 -9.26 -0.46 5.14
C MET A 55 -9.68 0.74 6.01
N THR A 56 -10.19 1.83 5.40
CA THR A 56 -10.70 2.97 6.18
C THR A 56 -12.08 2.68 6.78
N HIS A 57 -12.98 2.05 6.00
CA HIS A 57 -14.32 1.66 6.44
C HIS A 57 -14.40 0.36 7.28
N CYS A 58 -13.29 -0.40 7.34
CA CYS A 58 -13.14 -1.68 8.02
C CYS A 58 -13.53 -1.65 9.53
N GLN A 59 -13.90 -2.82 10.06
CA GLN A 59 -14.28 -3.02 11.46
C GLN A 59 -13.50 -4.15 12.17
N ALA A 60 -12.35 -4.50 11.61
CA ALA A 60 -11.41 -5.49 12.16
C ALA A 60 -9.95 -5.16 11.83
N PRO A 61 -9.70 -4.70 10.59
CA PRO A 61 -8.39 -4.40 10.00
C PRO A 61 -7.39 -5.57 9.97
N LYS A 62 -6.93 -6.01 11.15
CA LYS A 62 -6.00 -7.14 11.36
C LYS A 62 -6.71 -8.49 11.30
N ALA A 63 -7.87 -8.56 11.97
CA ALA A 63 -8.77 -9.71 12.02
C ALA A 63 -9.60 -9.86 10.72
N CYS A 64 -9.55 -8.87 9.82
CA CYS A 64 -10.20 -8.79 8.52
C CYS A 64 -9.42 -9.62 7.51
N GLN A 65 -9.31 -10.88 7.89
CA GLN A 65 -8.75 -12.06 7.22
C GLN A 65 -8.98 -12.14 5.69
N VAL A 66 -9.82 -11.27 5.12
CA VAL A 66 -9.98 -11.12 3.67
C VAL A 66 -8.59 -10.84 3.10
N ALA A 67 -8.08 -11.71 2.23
CA ALA A 67 -6.71 -11.70 1.71
C ALA A 67 -6.11 -10.30 1.48
N HIS A 68 -6.76 -9.50 0.62
CA HIS A 68 -6.31 -8.15 0.28
C HIS A 68 -6.26 -7.22 1.50
N CYS A 69 -7.30 -7.18 2.35
CA CYS A 69 -7.36 -6.29 3.51
C CYS A 69 -6.38 -6.70 4.62
N ALA A 70 -6.37 -7.98 5.00
CA ALA A 70 -5.43 -8.50 6.01
C ALA A 70 -3.98 -8.21 5.58
N SER A 71 -3.66 -8.44 4.30
CA SER A 71 -2.33 -8.08 3.77
C SER A 71 -2.12 -6.57 3.87
N SER A 72 -3.04 -5.76 3.33
CA SER A 72 -2.98 -4.29 3.33
C SER A 72 -2.65 -3.71 4.70
N ARG A 73 -3.35 -4.14 5.75
CA ARG A 73 -3.14 -3.67 7.12
C ARG A 73 -1.86 -4.22 7.72
N GLN A 74 -1.41 -5.44 7.39
CA GLN A 74 -0.10 -5.92 7.86
C GLN A 74 1.05 -5.06 7.30
N ILE A 75 1.06 -4.79 5.98
CA ILE A 75 2.08 -3.89 5.38
C ILE A 75 2.02 -2.45 5.88
N ILE A 76 0.83 -1.87 6.01
CA ILE A 76 0.68 -0.50 6.50
C ILE A 76 0.94 -0.39 8.02
N SER A 77 0.63 -1.43 8.81
CA SER A 77 0.96 -1.46 10.24
C SER A 77 2.48 -1.51 10.42
N HIS A 78 3.20 -2.30 9.59
CA HIS A 78 4.66 -2.26 9.57
C HIS A 78 5.09 -0.80 9.28
N TRP A 79 4.61 -0.21 8.18
CA TRP A 79 4.96 1.17 7.80
C TRP A 79 4.70 2.21 8.90
N LYS A 80 3.62 2.05 9.67
CA LYS A 80 3.26 2.91 10.82
C LYS A 80 4.23 2.77 11.99
N ASN A 81 4.63 1.53 12.33
CA ASN A 81 5.54 1.23 13.44
C ASN A 81 7.04 1.46 13.11
N CYS A 82 7.41 1.33 11.84
CA CYS A 82 8.78 1.42 11.34
C CYS A 82 9.49 2.77 11.61
N THR A 83 10.81 2.68 11.72
CA THR A 83 11.76 3.80 11.88
C THR A 83 12.45 4.15 10.55
N ARG A 84 11.69 3.93 9.45
CA ARG A 84 11.82 4.02 7.98
C ARG A 84 13.13 4.44 7.27
N HIS A 85 14.08 5.10 7.92
CA HIS A 85 15.35 5.58 7.35
C HIS A 85 16.27 4.50 6.75
N ASP A 86 16.00 3.21 6.96
CA ASP A 86 16.83 2.09 6.50
C ASP A 86 16.06 0.77 6.28
N CYS A 87 14.90 0.80 5.60
CA CYS A 87 14.07 -0.40 5.36
C CYS A 87 14.00 -0.72 3.85
N PRO A 88 13.86 -1.98 3.38
CA PRO A 88 13.89 -2.35 1.96
C PRO A 88 12.66 -1.91 1.15
N VAL A 89 11.73 -1.17 1.76
CA VAL A 89 10.50 -0.62 1.17
C VAL A 89 10.36 0.87 1.51
N CYS A 90 10.61 1.23 2.77
CA CYS A 90 10.67 2.60 3.23
C CYS A 90 11.77 3.45 2.59
N LEU A 91 13.02 2.97 2.48
CA LEU A 91 14.08 3.71 1.77
C LEU A 91 13.69 3.99 0.31
N PRO A 92 13.27 2.98 -0.50
CA PRO A 92 12.71 3.19 -1.83
C PRO A 92 11.65 4.29 -1.88
N LEU A 93 10.61 4.20 -1.04
CA LEU A 93 9.52 5.21 -0.98
C LEU A 93 10.01 6.59 -0.59
N LYS A 94 11.00 6.65 0.31
CA LYS A 94 11.60 7.89 0.79
C LYS A 94 12.32 8.59 -0.37
N ASN A 95 12.96 7.81 -1.25
CA ASN A 95 13.57 8.30 -2.49
C ASN A 95 12.52 8.60 -3.59
N ALA A 96 11.45 7.81 -3.66
CA ALA A 96 10.34 7.95 -4.63
C ALA A 96 9.53 9.25 -4.43
N SER A 97 9.32 9.65 -3.18
CA SER A 97 8.58 10.86 -2.78
C SER A 97 9.27 12.15 -3.20
N ASP A 98 8.60 12.95 -4.04
CA ASP A 98 9.08 14.27 -4.45
C ASP A 98 8.88 15.29 -3.32
N LYS A 99 7.71 15.24 -2.65
CA LYS A 99 7.35 16.09 -1.49
C LYS A 99 6.09 15.64 -0.70
N ARG A 100 5.92 14.32 -0.50
CA ARG A 100 4.77 13.70 0.21
C ARG A 100 5.20 12.82 1.39
N ALA A 1 24.10 -9.18 3.33
CA ALA A 1 23.56 -10.36 4.06
C ALA A 1 22.69 -11.23 3.14
N THR A 2 22.66 -12.53 3.43
CA THR A 2 21.77 -13.51 2.78
C THR A 2 20.30 -13.25 3.14
N GLY A 3 20.09 -12.62 4.30
CA GLY A 3 18.84 -12.13 4.86
C GLY A 3 17.88 -13.16 5.46
N PRO A 4 16.91 -12.68 6.27
CA PRO A 4 15.83 -13.50 6.84
C PRO A 4 14.84 -14.01 5.79
N THR A 5 14.91 -13.49 4.55
CA THR A 5 14.05 -13.83 3.40
C THR A 5 14.00 -15.34 3.11
N ALA A 6 12.78 -15.86 2.90
CA ALA A 6 12.51 -17.27 2.59
C ALA A 6 11.58 -17.48 1.38
N ASP A 7 10.99 -16.40 0.84
CA ASP A 7 10.09 -16.40 -0.32
C ASP A 7 10.15 -15.04 -1.05
N PRO A 8 11.07 -14.86 -2.02
CA PRO A 8 11.25 -13.62 -2.75
C PRO A 8 10.00 -13.11 -3.49
N GLU A 9 9.06 -13.97 -3.86
CA GLU A 9 7.81 -13.56 -4.53
C GLU A 9 6.95 -12.71 -3.59
N LYS A 10 6.97 -13.05 -2.30
CA LYS A 10 6.29 -12.27 -1.26
C LYS A 10 6.95 -10.90 -1.15
N ARG A 11 8.28 -10.81 -1.11
CA ARG A 11 9.01 -9.52 -1.09
C ARG A 11 8.49 -8.54 -2.15
N LYS A 12 8.59 -8.90 -3.43
CA LYS A 12 8.11 -8.08 -4.57
C LYS A 12 6.62 -7.78 -4.52
N LEU A 13 5.73 -8.78 -4.46
CA LEU A 13 4.30 -8.49 -4.41
C LEU A 13 3.83 -7.74 -3.15
N ILE A 14 4.35 -8.04 -1.95
CA ILE A 14 3.96 -7.33 -0.71
C ILE A 14 4.37 -5.84 -0.77
N GLN A 15 5.62 -5.58 -1.19
CA GLN A 15 6.06 -4.18 -1.37
C GLN A 15 5.22 -3.47 -2.45
N GLN A 16 4.82 -4.19 -3.52
CA GLN A 16 3.94 -3.64 -4.54
C GLN A 16 2.56 -3.25 -3.95
N GLN A 17 1.95 -4.05 -3.06
CA GLN A 17 0.74 -3.60 -2.35
C GLN A 17 0.97 -2.31 -1.59
N LEU A 18 1.98 -2.26 -0.71
CA LEU A 18 2.30 -1.05 0.06
C LEU A 18 2.45 0.19 -0.86
N VAL A 19 3.27 0.11 -1.92
CA VAL A 19 3.46 1.21 -2.89
C VAL A 19 2.15 1.62 -3.58
N LEU A 20 1.29 0.66 -3.94
CA LEU A 20 0.01 0.93 -4.60
C LEU A 20 -1.07 1.45 -3.62
N LEU A 21 -0.97 1.09 -2.34
CA LEU A 21 -1.80 1.58 -1.24
C LEU A 21 -1.51 3.07 -1.02
N LEU A 22 -0.22 3.42 -1.03
CA LEU A 22 0.21 4.80 -0.91
C LEU A 22 -0.17 5.58 -2.17
N HIS A 23 -0.07 4.98 -3.37
CA HIS A 23 -0.59 5.60 -4.59
C HIS A 23 -2.10 5.84 -4.43
N ALA A 24 -2.86 4.86 -3.92
CA ALA A 24 -4.28 5.00 -3.70
C ALA A 24 -4.62 6.17 -2.75
N HIS A 25 -3.92 6.35 -1.62
CA HIS A 25 -4.11 7.47 -0.70
C HIS A 25 -3.88 8.82 -1.42
N LYS A 26 -2.69 8.93 -2.03
CA LYS A 26 -2.25 10.04 -2.90
C LYS A 26 -3.31 10.44 -3.90
N CYS A 27 -3.70 9.46 -4.71
CA CYS A 27 -4.63 9.58 -5.81
C CYS A 27 -6.06 9.83 -5.32
N GLN A 28 -6.44 9.42 -4.10
CA GLN A 28 -7.74 9.75 -3.52
C GLN A 28 -7.79 11.24 -3.15
N ARG A 29 -6.74 11.77 -2.51
CA ARG A 29 -6.61 13.21 -2.20
C ARG A 29 -6.57 14.06 -3.47
N ARG A 30 -5.82 13.59 -4.46
CA ARG A 30 -5.68 14.20 -5.77
C ARG A 30 -7.02 14.24 -6.51
N GLU A 31 -7.74 13.12 -6.53
CA GLU A 31 -9.05 13.00 -7.17
C GLU A 31 -10.08 13.93 -6.52
N GLN A 32 -10.11 13.90 -5.18
CA GLN A 32 -10.94 14.78 -4.35
C GLN A 32 -10.65 16.26 -4.66
N ALA A 33 -9.39 16.62 -4.95
CA ALA A 33 -9.01 17.98 -5.34
C ALA A 33 -9.44 18.31 -6.79
N ASN A 34 -9.22 17.39 -7.73
CA ASN A 34 -9.63 17.46 -9.14
C ASN A 34 -9.70 16.05 -9.76
N GLY A 35 -10.88 15.64 -10.23
CA GLY A 35 -11.15 14.35 -10.87
C GLY A 35 -11.91 14.46 -12.19
N GLU A 36 -12.02 15.67 -12.77
CA GLU A 36 -12.75 15.94 -14.02
C GLU A 36 -11.85 15.89 -15.27
N VAL A 37 -10.52 15.96 -15.09
CA VAL A 37 -9.51 15.96 -16.17
C VAL A 37 -8.38 14.95 -15.86
N ARG A 38 -8.77 13.83 -15.23
CA ARG A 38 -7.87 12.74 -14.81
C ARG A 38 -7.07 12.10 -15.96
N ALA A 39 -5.91 11.54 -15.63
CA ALA A 39 -5.00 10.87 -16.56
C ALA A 39 -4.27 9.66 -15.89
N CYS A 40 -4.88 9.08 -14.86
CA CYS A 40 -4.34 7.98 -14.07
C CYS A 40 -4.48 6.60 -14.76
N SER A 41 -3.67 6.38 -15.81
CA SER A 41 -3.68 5.13 -16.62
C SER A 41 -3.36 3.83 -15.86
N LEU A 42 -2.88 3.91 -14.61
CA LEU A 42 -2.55 2.77 -13.74
C LEU A 42 -3.81 1.90 -13.49
N PRO A 43 -3.87 0.63 -13.94
CA PRO A 43 -5.07 -0.21 -13.82
C PRO A 43 -5.42 -0.65 -12.40
N HIS A 44 -4.43 -1.03 -11.59
CA HIS A 44 -4.60 -1.51 -10.21
C HIS A 44 -5.08 -0.44 -9.21
N CYS A 45 -4.94 0.84 -9.57
CA CYS A 45 -5.24 2.01 -8.76
C CYS A 45 -6.65 2.01 -8.13
N ARG A 46 -7.72 1.89 -8.93
CA ARG A 46 -9.10 1.92 -8.41
C ARG A 46 -9.44 0.72 -7.53
N THR A 47 -8.87 -0.44 -7.81
CA THR A 47 -8.99 -1.65 -6.97
C THR A 47 -8.31 -1.40 -5.63
N MET A 48 -7.09 -0.86 -5.63
CA MET A 48 -6.36 -0.51 -4.42
C MET A 48 -7.04 0.60 -3.62
N LYS A 49 -7.61 1.61 -4.27
CA LYS A 49 -8.45 2.66 -3.65
C LYS A 49 -9.65 2.03 -2.95
N ASN A 50 -10.29 1.04 -3.57
CA ASN A 50 -11.42 0.32 -2.94
C ASN A 50 -10.94 -0.50 -1.72
N VAL A 51 -9.79 -1.18 -1.84
CA VAL A 51 -9.13 -1.94 -0.76
C VAL A 51 -8.75 -1.02 0.41
N LEU A 52 -8.29 0.21 0.12
CA LEU A 52 -7.93 1.20 1.13
C LEU A 52 -9.19 1.67 1.87
N ASN A 53 -10.25 2.06 1.16
CA ASN A 53 -11.53 2.43 1.78
C ASN A 53 -12.07 1.27 2.65
N HIS A 54 -11.93 0.04 2.16
CA HIS A 54 -12.28 -1.14 2.94
C HIS A 54 -11.44 -1.18 4.21
N MET A 55 -10.11 -1.04 4.12
CA MET A 55 -9.25 -1.03 5.32
C MET A 55 -9.62 0.09 6.29
N THR A 56 -10.21 1.21 5.81
CA THR A 56 -10.67 2.28 6.71
C THR A 56 -11.91 1.85 7.49
N HIS A 57 -12.90 1.21 6.84
CA HIS A 57 -14.09 0.70 7.55
C HIS A 57 -13.88 -0.65 8.28
N CYS A 58 -12.83 -1.40 7.94
CA CYS A 58 -12.46 -2.71 8.48
C CYS A 58 -12.21 -2.65 10.01
N GLN A 59 -12.52 -3.76 10.70
CA GLN A 59 -12.40 -3.88 12.16
C GLN A 59 -11.38 -4.90 12.64
N ALA A 60 -11.13 -5.97 11.88
CA ALA A 60 -10.11 -6.96 12.22
C ALA A 60 -8.74 -6.58 11.65
N PRO A 61 -8.73 -6.04 10.43
CA PRO A 61 -7.56 -5.70 9.63
C PRO A 61 -6.67 -6.91 9.27
N LYS A 62 -6.01 -7.50 10.25
CA LYS A 62 -5.14 -8.70 10.13
C LYS A 62 -5.95 -10.00 10.08
N ALA A 63 -6.93 -10.10 10.98
CA ALA A 63 -7.86 -11.24 11.10
C ALA A 63 -8.97 -11.22 10.03
N CYS A 64 -9.09 -10.11 9.27
CA CYS A 64 -9.94 -9.92 8.10
C CYS A 64 -9.19 -10.56 6.90
N GLN A 65 -8.89 -11.84 7.11
CA GLN A 65 -8.16 -12.85 6.33
C GLN A 65 -8.27 -12.80 4.78
N VAL A 66 -9.17 -11.98 4.21
CA VAL A 66 -9.28 -11.74 2.76
C VAL A 66 -7.89 -11.32 2.26
N ALA A 67 -7.29 -12.11 1.36
CA ALA A 67 -5.92 -11.94 0.89
C ALA A 67 -5.42 -10.50 0.75
N HIS A 68 -6.12 -9.71 -0.08
CA HIS A 68 -5.77 -8.32 -0.33
C HIS A 68 -5.77 -7.46 0.92
N CYS A 69 -6.84 -7.46 1.74
CA CYS A 69 -6.96 -6.64 2.96
C CYS A 69 -6.04 -7.12 4.10
N ALA A 70 -5.99 -8.42 4.38
CA ALA A 70 -5.09 -8.98 5.40
C ALA A 70 -3.63 -8.59 5.10
N SER A 71 -3.19 -8.76 3.84
CA SER A 71 -1.85 -8.33 3.41
C SER A 71 -1.73 -6.81 3.55
N SER A 72 -2.64 -6.05 2.94
CA SER A 72 -2.74 -4.58 2.95
C SER A 72 -2.57 -3.98 4.34
N ARG A 73 -3.30 -4.45 5.34
CA ARG A 73 -3.18 -3.99 6.73
C ARG A 73 -1.84 -4.44 7.34
N GLN A 74 -1.34 -5.64 7.06
CA GLN A 74 -0.01 -6.03 7.57
C GLN A 74 1.12 -5.12 7.01
N ILE A 75 1.15 -4.84 5.70
CA ILE A 75 2.14 -3.91 5.13
C ILE A 75 2.01 -2.49 5.64
N ILE A 76 0.79 -1.97 5.74
CA ILE A 76 0.60 -0.62 6.26
C ILE A 76 0.86 -0.56 7.78
N SER A 77 0.67 -1.64 8.53
CA SER A 77 1.05 -1.72 9.94
C SER A 77 2.57 -1.64 10.07
N HIS A 78 3.33 -2.33 9.19
CA HIS A 78 4.78 -2.15 9.13
C HIS A 78 5.10 -0.68 8.85
N TRP A 79 4.51 -0.09 7.80
CA TRP A 79 4.70 1.32 7.41
C TRP A 79 4.42 2.31 8.55
N LYS A 80 3.37 2.07 9.35
CA LYS A 80 2.98 2.90 10.51
C LYS A 80 4.00 2.80 11.66
N ASN A 81 4.46 1.58 11.98
CA ASN A 81 5.40 1.32 13.08
C ASN A 81 6.87 1.62 12.75
N CYS A 82 7.30 1.46 11.49
CA CYS A 82 8.66 1.64 11.01
C CYS A 82 9.12 3.12 11.00
N THR A 83 10.35 3.32 11.47
CA THR A 83 11.08 4.61 11.53
C THR A 83 12.46 4.52 10.87
N ARG A 84 12.79 3.36 10.29
CA ARG A 84 14.08 3.05 9.66
C ARG A 84 14.41 3.94 8.45
N HIS A 85 15.65 4.45 8.42
CA HIS A 85 16.22 5.32 7.39
C HIS A 85 16.68 4.57 6.12
N ASP A 86 16.72 3.23 6.15
CA ASP A 86 17.25 2.34 5.10
C ASP A 86 16.47 1.00 4.95
N CYS A 87 15.14 1.06 4.99
CA CYS A 87 14.29 -0.14 4.90
C CYS A 87 14.15 -0.60 3.42
N PRO A 88 14.01 -1.90 3.11
CA PRO A 88 13.87 -2.43 1.74
C PRO A 88 12.73 -1.83 0.89
N VAL A 89 11.78 -1.13 1.53
CA VAL A 89 10.59 -0.51 0.92
C VAL A 89 10.47 0.98 1.28
N CYS A 90 10.73 1.33 2.55
CA CYS A 90 10.80 2.72 2.99
C CYS A 90 11.88 3.53 2.26
N LEU A 91 13.12 3.06 2.11
CA LEU A 91 14.14 3.80 1.35
C LEU A 91 13.68 4.16 -0.08
N PRO A 92 13.23 3.19 -0.90
CA PRO A 92 12.59 3.48 -2.19
C PRO A 92 11.52 4.59 -2.11
N LEU A 93 10.54 4.46 -1.21
CA LEU A 93 9.46 5.46 -1.05
C LEU A 93 9.96 6.81 -0.54
N LYS A 94 11.02 6.80 0.27
CA LYS A 94 11.64 8.00 0.86
C LYS A 94 12.29 8.82 -0.27
N ASN A 95 12.86 8.13 -1.27
CA ASN A 95 13.43 8.74 -2.47
C ASN A 95 12.34 9.11 -3.52
N ALA A 96 11.25 8.34 -3.58
CA ALA A 96 10.11 8.53 -4.48
C ALA A 96 9.28 9.82 -4.21
N SER A 97 8.39 10.17 -5.15
CA SER A 97 7.49 11.34 -5.11
C SER A 97 6.50 11.39 -3.95
N ASP A 98 6.42 10.34 -3.11
CA ASP A 98 5.62 10.33 -1.88
C ASP A 98 6.05 11.46 -0.92
N LYS A 99 7.34 11.85 -0.99
CA LYS A 99 7.96 12.90 -0.16
C LYS A 99 8.59 14.00 -1.03
N ARG A 100 7.78 15.01 -1.35
CA ARG A 100 8.11 16.18 -2.18
C ARG A 100 7.42 17.45 -1.67
N ALA A 1 11.05 -20.69 11.53
CA ALA A 1 10.36 -21.39 10.42
C ALA A 1 11.25 -21.54 9.19
N THR A 2 10.84 -22.45 8.30
CA THR A 2 11.46 -22.77 6.99
C THR A 2 10.49 -22.39 5.83
N GLY A 3 9.42 -21.67 6.18
CA GLY A 3 8.36 -21.16 5.34
C GLY A 3 8.72 -19.94 4.47
N PRO A 4 7.71 -19.28 3.87
CA PRO A 4 7.81 -18.07 3.05
C PRO A 4 8.14 -16.82 3.90
N THR A 5 9.21 -16.85 4.70
CA THR A 5 9.62 -15.74 5.58
C THR A 5 10.07 -14.49 4.81
N ALA A 6 10.82 -14.66 3.72
CA ALA A 6 11.39 -13.58 2.89
C ALA A 6 11.59 -13.98 1.41
N ASP A 7 10.75 -14.89 0.90
CA ASP A 7 10.78 -15.40 -0.48
C ASP A 7 10.75 -14.26 -1.55
N PRO A 8 11.51 -14.33 -2.66
CA PRO A 8 11.52 -13.29 -3.68
C PRO A 8 10.17 -12.83 -4.23
N GLU A 9 9.19 -13.72 -4.41
CA GLU A 9 7.84 -13.33 -4.88
C GLU A 9 7.16 -12.44 -3.82
N LYS A 10 7.37 -12.76 -2.55
CA LYS A 10 6.87 -11.98 -1.42
C LYS A 10 7.46 -10.60 -1.49
N ARG A 11 8.78 -10.47 -1.63
CA ARG A 11 9.49 -9.18 -1.76
C ARG A 11 8.83 -8.23 -2.78
N LYS A 12 8.72 -8.65 -4.04
CA LYS A 12 8.09 -7.86 -5.12
C LYS A 12 6.61 -7.57 -4.88
N LEU A 13 5.76 -8.60 -4.69
CA LEU A 13 4.34 -8.32 -4.45
C LEU A 13 4.05 -7.53 -3.16
N ILE A 14 4.69 -7.81 -2.03
CA ILE A 14 4.46 -7.08 -0.76
C ILE A 14 4.94 -5.62 -0.84
N GLN A 15 6.12 -5.39 -1.42
CA GLN A 15 6.61 -4.01 -1.60
C GLN A 15 5.73 -3.25 -2.61
N GLN A 16 5.17 -3.93 -3.61
CA GLN A 16 4.27 -3.30 -4.57
C GLN A 16 2.91 -3.01 -3.91
N GLN A 17 2.45 -3.87 -3.00
CA GLN A 17 1.17 -3.71 -2.31
C GLN A 17 1.25 -2.42 -1.50
N LEU A 18 2.33 -2.26 -0.71
CA LEU A 18 2.56 -1.06 0.09
C LEU A 18 2.66 0.18 -0.82
N VAL A 19 3.49 0.15 -1.87
CA VAL A 19 3.62 1.27 -2.84
C VAL A 19 2.29 1.64 -3.50
N LEU A 20 1.45 0.65 -3.82
CA LEU A 20 0.14 0.84 -4.47
C LEU A 20 -0.92 1.33 -3.48
N LEU A 21 -0.82 0.96 -2.21
CA LEU A 21 -1.65 1.43 -1.10
C LEU A 21 -1.42 2.94 -0.89
N LEU A 22 -0.14 3.32 -0.86
CA LEU A 22 0.27 4.71 -0.73
C LEU A 22 -0.12 5.49 -1.99
N HIS A 23 0.00 4.88 -3.19
CA HIS A 23 -0.50 5.48 -4.41
C HIS A 23 -2.03 5.70 -4.29
N ALA A 24 -2.79 4.72 -3.81
CA ALA A 24 -4.23 4.85 -3.62
C ALA A 24 -4.60 6.01 -2.68
N HIS A 25 -3.88 6.21 -1.57
CA HIS A 25 -4.07 7.36 -0.67
C HIS A 25 -3.83 8.70 -1.38
N LYS A 26 -2.63 8.81 -1.96
CA LYS A 26 -2.16 9.91 -2.84
C LYS A 26 -3.18 10.30 -3.90
N CYS A 27 -3.63 9.29 -4.63
CA CYS A 27 -4.50 9.39 -5.77
C CYS A 27 -5.95 9.69 -5.35
N GLN A 28 -6.42 9.23 -4.18
CA GLN A 28 -7.74 9.60 -3.64
C GLN A 28 -7.73 11.11 -3.32
N ARG A 29 -6.70 11.59 -2.62
CA ARG A 29 -6.46 13.02 -2.33
C ARG A 29 -6.44 13.84 -3.62
N ARG A 30 -5.65 13.40 -4.59
CA ARG A 30 -5.49 14.02 -5.91
C ARG A 30 -6.81 14.09 -6.68
N GLU A 31 -7.54 12.99 -6.70
CA GLU A 31 -8.83 12.84 -7.39
C GLU A 31 -9.86 13.84 -6.87
N GLN A 32 -10.10 13.82 -5.55
CA GLN A 32 -11.03 14.74 -4.90
C GLN A 32 -10.55 16.21 -4.99
N ALA A 33 -9.25 16.46 -5.01
CA ALA A 33 -8.71 17.83 -5.17
C ALA A 33 -8.91 18.38 -6.59
N ASN A 34 -8.73 17.55 -7.62
CA ASN A 34 -8.91 17.93 -9.03
C ASN A 34 -10.40 17.96 -9.45
N GLY A 35 -11.27 17.23 -8.76
CA GLY A 35 -12.71 17.16 -9.03
C GLY A 35 -13.07 16.27 -10.23
N GLU A 36 -12.25 15.26 -10.55
CA GLU A 36 -12.41 14.35 -11.69
C GLU A 36 -12.02 12.91 -11.30
N VAL A 37 -12.99 11.97 -11.36
CA VAL A 37 -12.77 10.54 -11.06
C VAL A 37 -11.72 9.91 -11.98
N ARG A 38 -11.70 10.37 -13.25
CA ARG A 38 -10.78 9.98 -14.34
C ARG A 38 -9.32 10.45 -14.18
N ALA A 39 -8.93 10.95 -13.01
CA ALA A 39 -7.57 11.44 -12.70
C ALA A 39 -6.44 10.38 -12.81
N CYS A 40 -6.75 9.09 -12.89
CA CYS A 40 -5.79 7.98 -12.98
C CYS A 40 -6.22 6.91 -14.00
N SER A 41 -5.27 6.06 -14.40
CA SER A 41 -5.44 4.97 -15.39
C SER A 41 -4.71 3.67 -15.06
N LEU A 42 -3.93 3.61 -13.96
CA LEU A 42 -3.21 2.42 -13.48
C LEU A 42 -4.24 1.31 -13.15
N PRO A 43 -4.29 0.17 -13.86
CA PRO A 43 -5.30 -0.88 -13.67
C PRO A 43 -5.57 -1.33 -12.22
N HIS A 44 -4.51 -1.54 -11.42
CA HIS A 44 -4.62 -2.01 -10.04
C HIS A 44 -4.97 -0.91 -9.01
N CYS A 45 -4.83 0.37 -9.39
CA CYS A 45 -5.10 1.54 -8.54
C CYS A 45 -6.53 1.54 -7.99
N ARG A 46 -7.54 1.36 -8.86
CA ARG A 46 -8.96 1.34 -8.45
C ARG A 46 -9.28 0.22 -7.45
N THR A 47 -8.65 -0.94 -7.61
CA THR A 47 -8.78 -2.09 -6.71
C THR A 47 -8.18 -1.73 -5.35
N MET A 48 -6.95 -1.19 -5.31
CA MET A 48 -6.34 -0.78 -4.05
C MET A 48 -7.05 0.41 -3.39
N LYS A 49 -7.62 1.35 -4.16
CA LYS A 49 -8.47 2.44 -3.63
C LYS A 49 -9.72 1.85 -2.96
N ASN A 50 -10.33 0.83 -3.56
CA ASN A 50 -11.49 0.14 -2.97
C ASN A 50 -11.09 -0.58 -1.66
N VAL A 51 -9.93 -1.25 -1.66
CA VAL A 51 -9.33 -1.93 -0.51
C VAL A 51 -8.97 -0.92 0.60
N LEU A 52 -8.50 0.27 0.27
CA LEU A 52 -8.18 1.33 1.25
C LEU A 52 -9.47 1.84 1.91
N ASN A 53 -10.50 2.15 1.12
CA ASN A 53 -11.81 2.54 1.62
C ASN A 53 -12.38 1.46 2.56
N HIS A 54 -12.18 0.18 2.18
CA HIS A 54 -12.53 -0.93 3.03
C HIS A 54 -11.68 -0.93 4.29
N MET A 55 -10.36 -0.81 4.24
CA MET A 55 -9.51 -0.81 5.44
C MET A 55 -9.89 0.26 6.46
N THR A 56 -10.43 1.40 5.99
CA THR A 56 -10.91 2.45 6.92
C THR A 56 -12.30 2.11 7.48
N HIS A 57 -13.17 1.48 6.68
CA HIS A 57 -14.49 0.98 7.14
C HIS A 57 -14.40 -0.29 8.03
N CYS A 58 -13.35 -1.10 7.84
CA CYS A 58 -13.05 -2.38 8.49
C CYS A 58 -12.95 -2.28 10.02
N GLN A 59 -13.28 -3.37 10.71
CA GLN A 59 -13.26 -3.49 12.17
C GLN A 59 -12.41 -4.67 12.68
N ALA A 60 -12.02 -5.61 11.81
CA ALA A 60 -11.12 -6.71 12.16
C ALA A 60 -9.65 -6.36 11.91
N PRO A 61 -9.37 -5.77 10.75
CA PRO A 61 -8.04 -5.42 10.24
C PRO A 61 -7.07 -6.62 10.06
N LYS A 62 -6.66 -7.23 11.17
CA LYS A 62 -5.78 -8.43 11.25
C LYS A 62 -6.54 -9.74 11.00
N ALA A 63 -7.74 -9.83 11.58
CA ALA A 63 -8.68 -10.94 11.46
C ALA A 63 -9.47 -10.92 10.14
N CYS A 64 -9.37 -9.82 9.37
CA CYS A 64 -10.02 -9.57 8.07
C CYS A 64 -9.24 -10.28 6.96
N GLN A 65 -9.05 -11.57 7.20
CA GLN A 65 -8.43 -12.63 6.39
C GLN A 65 -8.71 -12.53 4.87
N VAL A 66 -9.62 -11.65 4.41
CA VAL A 66 -9.81 -11.35 2.97
C VAL A 66 -8.45 -10.96 2.40
N ALA A 67 -7.92 -11.74 1.45
CA ALA A 67 -6.56 -11.62 0.90
C ALA A 67 -6.01 -10.19 0.81
N HIS A 68 -6.65 -9.34 0.01
CA HIS A 68 -6.22 -7.95 -0.18
C HIS A 68 -6.30 -7.11 1.10
N CYS A 69 -7.34 -7.22 1.94
CA CYS A 69 -7.45 -6.41 3.16
C CYS A 69 -6.44 -6.87 4.24
N ALA A 70 -6.37 -8.16 4.54
CA ALA A 70 -5.40 -8.71 5.50
C ALA A 70 -3.97 -8.30 5.09
N SER A 71 -3.64 -8.46 3.80
CA SER A 71 -2.35 -8.00 3.28
C SER A 71 -2.21 -6.49 3.48
N SER A 72 -3.17 -5.69 2.98
CA SER A 72 -3.14 -4.23 3.06
C SER A 72 -2.83 -3.71 4.47
N ARG A 73 -3.53 -4.20 5.49
CA ARG A 73 -3.32 -3.77 6.88
C ARG A 73 -2.00 -4.28 7.43
N GLN A 74 -1.53 -5.48 7.06
CA GLN A 74 -0.19 -5.94 7.47
C GLN A 74 0.93 -5.03 6.92
N ILE A 75 0.91 -4.70 5.60
CA ILE A 75 1.88 -3.76 5.03
C ILE A 75 1.81 -2.33 5.54
N ILE A 76 0.61 -1.79 5.70
CA ILE A 76 0.44 -0.43 6.23
C ILE A 76 0.77 -0.40 7.74
N SER A 77 0.60 -1.50 8.47
CA SER A 77 1.01 -1.62 9.88
C SER A 77 2.54 -1.62 9.94
N HIS A 78 3.24 -2.29 9.00
CA HIS A 78 4.70 -2.21 8.90
C HIS A 78 5.10 -0.74 8.68
N TRP A 79 4.52 -0.08 7.67
CA TRP A 79 4.78 1.32 7.35
C TRP A 79 4.57 2.26 8.56
N LYS A 80 3.56 1.99 9.40
CA LYS A 80 3.28 2.75 10.63
C LYS A 80 4.34 2.54 11.73
N ASN A 81 4.69 1.28 12.00
CA ASN A 81 5.61 0.89 13.09
C ASN A 81 7.11 1.05 12.79
N CYS A 82 7.54 0.89 11.53
CA CYS A 82 8.92 0.91 11.10
C CYS A 82 9.65 2.25 11.36
N THR A 83 10.87 2.13 11.88
CA THR A 83 11.82 3.23 12.17
C THR A 83 13.10 3.10 11.36
N ARG A 84 13.24 2.02 10.57
CA ARG A 84 14.40 1.72 9.71
C ARG A 84 14.50 2.71 8.55
N HIS A 85 15.42 3.66 8.64
CA HIS A 85 15.68 4.69 7.64
C HIS A 85 16.21 4.14 6.29
N ASP A 86 16.57 2.84 6.24
CA ASP A 86 17.15 2.12 5.10
C ASP A 86 16.46 0.76 4.86
N CYS A 87 15.13 0.75 4.92
CA CYS A 87 14.30 -0.46 4.74
C CYS A 87 14.14 -0.82 3.26
N PRO A 88 14.01 -2.11 2.87
CA PRO A 88 13.81 -2.57 1.49
C PRO A 88 12.59 -1.98 0.77
N VAL A 89 11.72 -1.26 1.49
CA VAL A 89 10.49 -0.64 0.98
C VAL A 89 10.39 0.84 1.39
N CYS A 90 10.68 1.16 2.67
CA CYS A 90 10.77 2.54 3.13
C CYS A 90 11.81 3.37 2.36
N LEU A 91 13.07 2.93 2.21
CA LEU A 91 14.07 3.67 1.43
C LEU A 91 13.58 4.03 0.01
N PRO A 92 13.12 3.05 -0.82
CA PRO A 92 12.47 3.34 -2.10
C PRO A 92 11.40 4.44 -2.02
N LEU A 93 10.41 4.29 -1.13
CA LEU A 93 9.33 5.29 -0.97
C LEU A 93 9.80 6.64 -0.46
N LYS A 94 10.84 6.64 0.37
CA LYS A 94 11.41 7.84 1.00
C LYS A 94 12.05 8.68 -0.11
N ASN A 95 12.70 8.02 -1.09
CA ASN A 95 13.23 8.65 -2.30
C ASN A 95 12.10 9.03 -3.28
N ALA A 96 11.08 8.17 -3.43
CA ALA A 96 9.91 8.41 -4.30
C ALA A 96 9.11 9.67 -3.91
N SER A 97 9.03 9.97 -2.61
CA SER A 97 8.35 11.13 -2.00
C SER A 97 9.14 12.45 -2.16
N ASP A 98 9.81 12.65 -3.29
CA ASP A 98 10.58 13.86 -3.63
C ASP A 98 9.71 15.14 -3.59
N LYS A 99 8.42 14.99 -3.91
CA LYS A 99 7.38 16.04 -3.88
C LYS A 99 6.04 15.53 -3.33
N ARG A 100 5.22 16.46 -2.85
CA ARG A 100 3.89 16.22 -2.24
C ARG A 100 2.91 15.45 -3.13
N ALA A 1 26.52 -14.85 -3.70
CA ALA A 1 25.65 -15.59 -2.77
C ALA A 1 24.21 -15.67 -3.26
N THR A 2 23.56 -16.80 -2.98
CA THR A 2 22.13 -17.02 -3.22
C THR A 2 21.27 -16.17 -2.27
N GLY A 3 21.86 -15.81 -1.12
CA GLY A 3 21.37 -14.90 -0.10
C GLY A 3 20.45 -15.52 0.97
N PRO A 4 20.26 -14.77 2.08
CA PRO A 4 19.31 -15.11 3.14
C PRO A 4 17.85 -15.07 2.61
N THR A 5 17.61 -14.31 1.54
CA THR A 5 16.31 -14.19 0.85
C THR A 5 15.88 -15.53 0.25
N ALA A 6 14.66 -15.98 0.53
CA ALA A 6 14.10 -17.25 0.04
C ALA A 6 12.76 -17.09 -0.71
N ASP A 7 12.25 -15.85 -0.83
CA ASP A 7 10.97 -15.53 -1.50
C ASP A 7 10.97 -14.17 -2.23
N PRO A 8 11.80 -13.97 -3.27
CA PRO A 8 11.92 -12.70 -4.00
C PRO A 8 10.60 -12.18 -4.58
N GLU A 9 9.69 -13.05 -5.02
CA GLU A 9 8.37 -12.66 -5.52
C GLU A 9 7.58 -11.90 -4.45
N LYS A 10 7.66 -12.36 -3.20
CA LYS A 10 7.06 -11.77 -2.01
C LYS A 10 7.63 -10.39 -1.78
N ARG A 11 8.97 -10.22 -1.84
CA ARG A 11 9.65 -8.92 -1.68
C ARG A 11 9.06 -7.86 -2.60
N LYS A 12 9.12 -8.07 -3.92
CA LYS A 12 8.53 -7.17 -4.94
C LYS A 12 7.02 -7.02 -4.75
N LEU A 13 6.28 -8.10 -4.50
CA LEU A 13 4.83 -8.04 -4.35
C LEU A 13 4.46 -7.17 -3.13
N ILE A 14 5.06 -7.41 -1.96
CA ILE A 14 4.77 -6.69 -0.70
C ILE A 14 5.08 -5.19 -0.83
N GLN A 15 6.25 -4.86 -1.39
CA GLN A 15 6.56 -3.45 -1.63
C GLN A 15 5.54 -2.83 -2.60
N GLN A 16 5.12 -3.57 -3.64
CA GLN A 16 4.11 -3.08 -4.57
C GLN A 16 2.75 -2.85 -3.87
N GLN A 17 2.31 -3.67 -2.92
CA GLN A 17 1.10 -3.37 -2.15
C GLN A 17 1.19 -2.06 -1.37
N LEU A 18 2.21 -1.93 -0.52
CA LEU A 18 2.38 -0.70 0.30
C LEU A 18 2.49 0.53 -0.62
N VAL A 19 3.33 0.49 -1.65
CA VAL A 19 3.50 1.58 -2.63
C VAL A 19 2.18 1.90 -3.37
N LEU A 20 1.37 0.89 -3.71
CA LEU A 20 0.08 1.06 -4.39
C LEU A 20 -1.00 1.60 -3.42
N LEU A 21 -0.92 1.27 -2.14
CA LEU A 21 -1.77 1.78 -1.06
C LEU A 21 -1.55 3.29 -0.88
N LEU A 22 -0.28 3.70 -0.88
CA LEU A 22 0.10 5.09 -0.80
C LEU A 22 -0.33 5.84 -2.07
N HIS A 23 -0.16 5.21 -3.25
CA HIS A 23 -0.68 5.76 -4.51
C HIS A 23 -2.21 5.89 -4.42
N ALA A 24 -2.91 4.91 -3.87
CA ALA A 24 -4.37 4.95 -3.70
C ALA A 24 -4.80 6.14 -2.83
N HIS A 25 -4.14 6.42 -1.70
CA HIS A 25 -4.43 7.61 -0.88
C HIS A 25 -4.27 8.89 -1.70
N LYS A 26 -3.09 9.04 -2.30
CA LYS A 26 -2.68 10.11 -3.21
C LYS A 26 -3.72 10.39 -4.30
N CYS A 27 -4.02 9.37 -5.06
CA CYS A 27 -4.90 9.40 -6.21
C CYS A 27 -6.37 9.53 -5.79
N GLN A 28 -6.77 9.10 -4.57
CA GLN A 28 -8.14 9.32 -4.08
C GLN A 28 -8.36 10.80 -3.73
N ARG A 29 -7.45 11.43 -2.96
CA ARG A 29 -7.55 12.87 -2.68
C ARG A 29 -7.41 13.72 -3.95
N ARG A 30 -6.54 13.30 -4.86
CA ARG A 30 -6.33 13.94 -6.16
C ARG A 30 -7.58 13.87 -7.04
N GLU A 31 -8.21 12.70 -7.12
CA GLU A 31 -9.44 12.48 -7.91
C GLU A 31 -10.59 13.34 -7.35
N GLN A 32 -10.79 13.25 -6.03
CA GLN A 32 -11.79 14.02 -5.28
C GLN A 32 -11.57 15.54 -5.43
N ALA A 33 -10.32 15.99 -5.55
CA ALA A 33 -9.99 17.41 -5.75
C ALA A 33 -10.24 17.84 -7.22
N ASN A 34 -9.62 17.13 -8.18
CA ASN A 34 -9.75 17.34 -9.63
C ASN A 34 -9.08 16.18 -10.42
N GLY A 35 -9.82 15.13 -10.75
CA GLY A 35 -9.32 13.99 -11.52
C GLY A 35 -10.38 12.96 -11.94
N GLU A 36 -9.96 12.00 -12.78
CA GLU A 36 -10.80 10.91 -13.33
C GLU A 36 -9.99 9.61 -13.47
N VAL A 37 -10.67 8.45 -13.56
CA VAL A 37 -10.04 7.12 -13.70
C VAL A 37 -9.09 7.06 -14.90
N ARG A 38 -9.49 7.62 -16.05
CA ARG A 38 -8.72 7.65 -17.30
C ARG A 38 -7.42 8.47 -17.25
N ALA A 39 -7.26 9.37 -16.27
CA ALA A 39 -6.07 10.19 -16.09
C ALA A 39 -4.91 9.46 -15.36
N CYS A 40 -5.20 8.30 -14.73
CA CYS A 40 -4.25 7.48 -14.00
C CYS A 40 -3.30 6.68 -14.92
N SER A 41 -2.41 5.87 -14.31
CA SER A 41 -1.40 5.05 -15.00
C SER A 41 -1.26 3.62 -14.44
N LEU A 42 -2.15 3.17 -13.56
CA LEU A 42 -2.11 1.84 -12.93
C LEU A 42 -3.53 1.23 -12.83
N PRO A 43 -3.89 0.19 -13.63
CA PRO A 43 -5.21 -0.45 -13.57
C PRO A 43 -5.64 -0.90 -12.16
N HIS A 44 -4.70 -1.39 -11.34
CA HIS A 44 -4.92 -1.86 -9.97
C HIS A 44 -5.24 -0.75 -8.95
N CYS A 45 -5.03 0.51 -9.32
CA CYS A 45 -5.26 1.68 -8.47
C CYS A 45 -6.68 1.73 -7.87
N ARG A 46 -7.73 1.57 -8.69
CA ARG A 46 -9.14 1.62 -8.22
C ARG A 46 -9.49 0.45 -7.28
N THR A 47 -8.86 -0.71 -7.47
CA THR A 47 -8.99 -1.86 -6.57
C THR A 47 -8.39 -1.51 -5.22
N MET A 48 -7.16 -0.98 -5.19
CA MET A 48 -6.54 -0.58 -3.92
C MET A 48 -7.23 0.64 -3.27
N LYS A 49 -7.77 1.59 -4.04
CA LYS A 49 -8.61 2.69 -3.53
C LYS A 49 -9.85 2.12 -2.83
N ASN A 50 -10.46 1.08 -3.40
CA ASN A 50 -11.61 0.41 -2.79
C ASN A 50 -11.21 -0.27 -1.47
N VAL A 51 -10.09 -1.02 -1.46
CA VAL A 51 -9.48 -1.67 -0.27
C VAL A 51 -9.11 -0.64 0.80
N LEU A 52 -8.70 0.58 0.42
CA LEU A 52 -8.36 1.66 1.35
C LEU A 52 -9.63 2.22 2.02
N ASN A 53 -10.68 2.54 1.25
CA ASN A 53 -11.98 2.92 1.83
C ASN A 53 -12.52 1.78 2.72
N HIS A 54 -12.31 0.54 2.27
CA HIS A 54 -12.61 -0.66 3.05
C HIS A 54 -11.83 -0.61 4.36
N MET A 55 -10.52 -0.31 4.35
CA MET A 55 -9.72 -0.26 5.59
C MET A 55 -10.16 0.91 6.49
N THR A 56 -10.76 1.94 5.89
CA THR A 56 -11.34 3.07 6.64
C THR A 56 -12.56 2.58 7.44
N HIS A 57 -13.40 1.71 6.85
CA HIS A 57 -14.53 1.06 7.54
C HIS A 57 -14.14 -0.16 8.43
N CYS A 58 -13.12 -0.93 8.05
CA CYS A 58 -12.62 -2.15 8.67
C CYS A 58 -12.06 -1.93 10.09
N GLN A 59 -12.16 -2.97 10.93
CA GLN A 59 -11.67 -2.97 12.32
C GLN A 59 -10.93 -4.26 12.72
N ALA A 60 -11.02 -5.33 11.91
CA ALA A 60 -10.32 -6.59 12.19
C ALA A 60 -8.87 -6.59 11.69
N PRO A 61 -8.68 -6.14 10.44
CA PRO A 61 -7.42 -6.17 9.69
C PRO A 61 -6.84 -7.57 9.48
N LYS A 62 -6.39 -8.21 10.55
CA LYS A 62 -5.79 -9.57 10.58
C LYS A 62 -6.84 -10.67 10.56
N ALA A 63 -7.93 -10.48 11.29
CA ALA A 63 -9.06 -11.42 11.33
C ALA A 63 -9.99 -11.24 10.12
N CYS A 64 -9.86 -10.11 9.41
CA CYS A 64 -10.56 -9.75 8.18
C CYS A 64 -9.86 -10.44 6.96
N GLN A 65 -9.25 -11.61 7.23
CA GLN A 65 -8.43 -12.58 6.48
C GLN A 65 -8.46 -12.63 4.93
N VAL A 66 -9.38 -11.92 4.27
CA VAL A 66 -9.44 -11.75 2.81
C VAL A 66 -8.07 -11.24 2.35
N ALA A 67 -7.47 -11.93 1.39
CA ALA A 67 -6.10 -11.69 0.91
C ALA A 67 -5.69 -10.21 0.84
N HIS A 68 -6.41 -9.43 0.02
CA HIS A 68 -6.13 -8.01 -0.18
C HIS A 68 -6.17 -7.18 1.11
N CYS A 69 -7.16 -7.38 2.00
CA CYS A 69 -7.26 -6.60 3.24
C CYS A 69 -6.21 -7.00 4.27
N ALA A 70 -6.12 -8.29 4.59
CA ALA A 70 -5.17 -8.80 5.57
C ALA A 70 -3.74 -8.37 5.19
N SER A 71 -3.39 -8.46 3.89
CA SER A 71 -2.12 -7.91 3.39
C SER A 71 -2.08 -6.39 3.59
N SER A 72 -3.04 -5.63 3.06
CA SER A 72 -3.09 -4.15 3.17
C SER A 72 -2.78 -3.61 4.57
N ARG A 73 -3.48 -4.14 5.58
CA ARG A 73 -3.30 -3.71 6.97
C ARG A 73 -1.99 -4.21 7.55
N GLN A 74 -1.52 -5.42 7.20
CA GLN A 74 -0.18 -5.86 7.66
C GLN A 74 0.93 -4.93 7.12
N ILE A 75 0.94 -4.59 5.82
CA ILE A 75 1.91 -3.63 5.26
C ILE A 75 1.82 -2.21 5.80
N ILE A 76 0.61 -1.68 5.98
CA ILE A 76 0.44 -0.32 6.52
C ILE A 76 0.72 -0.27 8.03
N SER A 77 0.44 -1.33 8.79
CA SER A 77 0.83 -1.44 10.20
C SER A 77 2.37 -1.48 10.30
N HIS A 78 3.03 -2.22 9.40
CA HIS A 78 4.48 -2.16 9.25
C HIS A 78 4.93 -0.71 8.96
N TRP A 79 4.30 -0.01 8.01
CA TRP A 79 4.62 1.38 7.68
C TRP A 79 4.48 2.33 8.89
N LYS A 80 3.47 2.11 9.75
CA LYS A 80 3.23 2.90 10.96
C LYS A 80 4.28 2.65 12.06
N ASN A 81 4.65 1.38 12.28
CA ASN A 81 5.62 0.96 13.30
C ASN A 81 7.11 1.15 12.92
N CYS A 82 7.50 0.67 11.73
CA CYS A 82 8.85 0.67 11.21
C CYS A 82 9.35 2.07 10.80
N THR A 83 10.65 2.31 11.04
CA THR A 83 11.38 3.55 10.71
C THR A 83 12.73 3.28 10.02
N ARG A 84 13.09 2.01 9.83
CA ARG A 84 14.38 1.54 9.27
C ARG A 84 14.82 2.21 7.96
N HIS A 85 16.13 2.45 7.89
CA HIS A 85 16.89 2.99 6.77
C HIS A 85 17.23 1.95 5.69
N ASP A 86 16.98 0.66 5.94
CA ASP A 86 17.40 -0.51 5.15
C ASP A 86 16.35 -1.65 5.10
N CYS A 87 15.09 -1.30 4.86
CA CYS A 87 13.96 -2.26 4.82
C CYS A 87 13.55 -2.55 3.34
N PRO A 88 12.98 -3.70 2.96
CA PRO A 88 12.65 -4.03 1.56
C PRO A 88 11.50 -3.21 0.96
N VAL A 89 10.94 -2.27 1.73
CA VAL A 89 9.86 -1.36 1.33
C VAL A 89 10.19 0.08 1.76
N CYS A 90 10.70 0.27 2.99
CA CYS A 90 11.21 1.56 3.45
C CYS A 90 12.36 2.11 2.60
N LEU A 91 13.39 1.32 2.23
CA LEU A 91 14.46 1.82 1.35
C LEU A 91 13.89 2.37 0.02
N PRO A 92 13.12 1.58 -0.75
CA PRO A 92 12.41 2.07 -1.93
C PRO A 92 11.69 3.40 -1.71
N LEU A 93 10.81 3.49 -0.71
CA LEU A 93 10.04 4.72 -0.44
C LEU A 93 10.91 5.88 0.04
N LYS A 94 12.01 5.59 0.74
CA LYS A 94 12.96 6.58 1.24
C LYS A 94 13.70 7.22 0.06
N ASN A 95 13.99 6.43 -0.98
CA ASN A 95 14.59 6.88 -2.23
C ASN A 95 13.56 7.56 -3.16
N ALA A 96 12.31 7.07 -3.18
CA ALA A 96 11.20 7.56 -4.00
C ALA A 96 10.88 9.05 -3.76
N SER A 97 11.10 9.88 -4.79
CA SER A 97 10.89 11.34 -4.80
C SER A 97 9.49 11.82 -4.35
N ASP A 98 8.49 10.94 -4.36
CA ASP A 98 7.11 11.21 -3.89
C ASP A 98 7.07 11.65 -2.43
N LYS A 99 7.99 11.13 -1.59
CA LYS A 99 8.14 11.44 -0.16
C LYS A 99 9.60 11.29 0.30
N ARG A 100 10.47 12.17 -0.21
CA ARG A 100 11.92 12.21 0.05
C ARG A 100 12.41 13.64 0.30
N ALA A 1 6.55 -21.39 2.78
CA ALA A 1 7.57 -21.92 3.70
C ALA A 1 7.06 -21.96 5.14
N THR A 2 7.48 -22.98 5.90
CA THR A 2 7.21 -23.18 7.33
C THR A 2 8.24 -22.37 8.16
N GLY A 3 8.40 -21.09 7.78
CA GLY A 3 9.40 -20.17 8.28
C GLY A 3 9.16 -18.71 7.87
N PRO A 4 10.15 -17.84 8.13
CA PRO A 4 10.13 -16.44 7.72
C PRO A 4 10.15 -16.38 6.18
N THR A 5 9.08 -15.85 5.57
CA THR A 5 8.90 -15.79 4.11
C THR A 5 9.78 -14.74 3.42
N ALA A 6 11.10 -14.96 3.42
CA ALA A 6 12.12 -14.08 2.82
C ALA A 6 12.11 -14.07 1.28
N ASP A 7 11.35 -14.99 0.68
CA ASP A 7 11.10 -15.20 -0.75
C ASP A 7 11.14 -13.91 -1.60
N PRO A 8 12.11 -13.74 -2.53
CA PRO A 8 12.24 -12.58 -3.40
C PRO A 8 10.99 -12.16 -4.17
N GLU A 9 10.09 -13.08 -4.55
CA GLU A 9 8.85 -12.72 -5.25
C GLU A 9 7.90 -11.99 -4.31
N LYS A 10 7.90 -12.38 -3.03
CA LYS A 10 7.14 -11.75 -1.96
C LYS A 10 7.69 -10.37 -1.68
N ARG A 11 9.01 -10.17 -1.68
CA ARG A 11 9.65 -8.83 -1.52
C ARG A 11 9.06 -7.82 -2.51
N LYS A 12 9.17 -8.09 -3.82
CA LYS A 12 8.59 -7.24 -4.89
C LYS A 12 7.08 -7.09 -4.76
N LEU A 13 6.37 -8.19 -4.49
CA LEU A 13 4.90 -8.17 -4.39
C LEU A 13 4.47 -7.26 -3.22
N ILE A 14 5.05 -7.46 -2.02
CA ILE A 14 4.73 -6.71 -0.80
C ILE A 14 5.02 -5.21 -0.94
N GLN A 15 6.19 -4.87 -1.52
CA GLN A 15 6.47 -3.45 -1.79
C GLN A 15 5.44 -2.88 -2.76
N GLN A 16 5.05 -3.62 -3.81
CA GLN A 16 4.03 -3.17 -4.75
C GLN A 16 2.69 -2.89 -4.03
N GLN A 17 2.25 -3.73 -3.07
CA GLN A 17 1.06 -3.41 -2.27
C GLN A 17 1.20 -2.11 -1.48
N LEU A 18 2.23 -1.98 -0.63
CA LEU A 18 2.45 -0.77 0.19
C LEU A 18 2.53 0.49 -0.72
N VAL A 19 3.36 0.46 -1.76
CA VAL A 19 3.51 1.57 -2.73
C VAL A 19 2.19 1.92 -3.44
N LEU A 20 1.38 0.92 -3.79
CA LEU A 20 0.07 1.12 -4.45
C LEU A 20 -1.00 1.60 -3.46
N LEU A 21 -0.89 1.25 -2.18
CA LEU A 21 -1.73 1.73 -1.08
C LEU A 21 -1.51 3.23 -0.88
N LEU A 22 -0.23 3.64 -0.86
CA LEU A 22 0.14 5.03 -0.76
C LEU A 22 -0.32 5.80 -2.01
N HIS A 23 -0.19 5.21 -3.21
CA HIS A 23 -0.75 5.80 -4.42
C HIS A 23 -2.28 5.92 -4.30
N ALA A 24 -2.99 4.91 -3.80
CA ALA A 24 -4.44 4.96 -3.61
C ALA A 24 -4.86 6.12 -2.68
N HIS A 25 -4.14 6.37 -1.58
CA HIS A 25 -4.38 7.52 -0.69
C HIS A 25 -4.20 8.85 -1.44
N LYS A 26 -3.02 9.00 -2.06
CA LYS A 26 -2.62 10.11 -2.96
C LYS A 26 -3.67 10.46 -4.00
N CYS A 27 -4.05 9.46 -4.77
CA CYS A 27 -4.96 9.53 -5.89
C CYS A 27 -6.42 9.67 -5.41
N GLN A 28 -6.79 9.23 -4.21
CA GLN A 28 -8.11 9.52 -3.64
C GLN A 28 -8.19 11.02 -3.31
N ARG A 29 -7.14 11.60 -2.71
CA ARG A 29 -7.06 13.05 -2.51
C ARG A 29 -7.09 13.80 -3.83
N ARG A 30 -6.30 13.40 -4.82
CA ARG A 30 -6.27 14.08 -6.12
C ARG A 30 -7.64 14.03 -6.82
N GLU A 31 -8.29 12.87 -6.74
CA GLU A 31 -9.57 12.63 -7.39
C GLU A 31 -10.64 13.58 -6.82
N GLN A 32 -10.77 13.55 -5.49
CA GLN A 32 -11.68 14.45 -4.76
C GLN A 32 -11.31 15.93 -4.92
N ALA A 33 -10.01 16.26 -5.07
CA ALA A 33 -9.52 17.63 -5.22
C ALA A 33 -9.87 18.23 -6.60
N ASN A 34 -9.52 17.55 -7.71
CA ASN A 34 -9.79 18.01 -9.09
C ASN A 34 -9.71 16.93 -10.20
N GLY A 35 -9.20 15.73 -9.91
CA GLY A 35 -9.00 14.64 -10.88
C GLY A 35 -10.21 13.73 -11.15
N GLU A 36 -9.96 12.66 -11.90
CA GLU A 36 -10.92 11.60 -12.27
C GLU A 36 -10.18 10.30 -12.64
N VAL A 37 -10.91 9.21 -12.90
CA VAL A 37 -10.33 7.90 -13.27
C VAL A 37 -9.39 7.99 -14.48
N ARG A 38 -9.77 8.77 -15.52
CA ARG A 38 -8.98 8.99 -16.75
C ARG A 38 -7.66 9.73 -16.51
N ALA A 39 -7.52 10.48 -15.41
CA ALA A 39 -6.29 11.20 -15.08
C ALA A 39 -5.18 10.31 -14.51
N CYS A 40 -5.50 9.05 -14.14
CA CYS A 40 -4.55 8.07 -13.60
C CYS A 40 -3.70 7.40 -14.71
N SER A 41 -2.72 6.60 -14.28
CA SER A 41 -1.77 5.88 -15.16
C SER A 41 -1.54 4.41 -14.76
N LEU A 42 -2.37 3.85 -13.86
CA LEU A 42 -2.24 2.50 -13.34
C LEU A 42 -3.62 1.86 -13.03
N PRO A 43 -4.19 1.01 -13.91
CA PRO A 43 -5.51 0.37 -13.72
C PRO A 43 -5.77 -0.27 -12.35
N HIS A 44 -4.75 -0.85 -11.70
CA HIS A 44 -4.86 -1.49 -10.37
C HIS A 44 -5.19 -0.50 -9.23
N CYS A 45 -4.99 0.80 -9.45
CA CYS A 45 -5.24 1.88 -8.52
C CYS A 45 -6.67 1.86 -7.96
N ARG A 46 -7.70 1.72 -8.80
CA ARG A 46 -9.12 1.69 -8.36
C ARG A 46 -9.45 0.48 -7.48
N THR A 47 -8.81 -0.65 -7.75
CA THR A 47 -8.93 -1.86 -6.90
C THR A 47 -8.31 -1.58 -5.54
N MET A 48 -7.09 -1.04 -5.48
CA MET A 48 -6.48 -0.69 -4.19
C MET A 48 -7.19 0.46 -3.46
N LYS A 49 -7.74 1.43 -4.17
CA LYS A 49 -8.62 2.47 -3.59
C LYS A 49 -9.83 1.82 -2.93
N ASN A 50 -10.41 0.79 -3.55
CA ASN A 50 -11.53 0.04 -2.94
C ASN A 50 -11.07 -0.72 -1.67
N VAL A 51 -9.89 -1.37 -1.72
CA VAL A 51 -9.25 -2.05 -0.58
C VAL A 51 -8.96 -1.06 0.56
N LEU A 52 -8.52 0.17 0.25
CA LEU A 52 -8.25 1.22 1.22
C LEU A 52 -9.56 1.68 1.89
N ASN A 53 -10.61 1.95 1.11
CA ASN A 53 -11.93 2.28 1.66
C ASN A 53 -12.45 1.13 2.55
N HIS A 54 -12.22 -0.12 2.14
CA HIS A 54 -12.58 -1.27 2.98
C HIS A 54 -11.79 -1.20 4.28
N MET A 55 -10.46 -1.04 4.25
CA MET A 55 -9.65 -0.93 5.48
C MET A 55 -10.10 0.24 6.37
N THR A 56 -10.68 1.29 5.77
CA THR A 56 -11.20 2.47 6.46
C THR A 56 -12.50 2.13 7.22
N HIS A 57 -13.39 1.33 6.62
CA HIS A 57 -14.62 0.85 7.26
C HIS A 57 -14.40 -0.35 8.21
N CYS A 58 -13.37 -1.17 7.95
CA CYS A 58 -12.98 -2.38 8.68
C CYS A 58 -12.65 -2.12 10.17
N GLN A 59 -12.86 -3.15 10.99
CA GLN A 59 -12.61 -3.14 12.43
C GLN A 59 -11.67 -4.25 12.91
N ALA A 60 -11.58 -5.38 12.18
CA ALA A 60 -10.63 -6.44 12.50
C ALA A 60 -9.23 -6.11 12.01
N PRO A 61 -9.13 -5.64 10.76
CA PRO A 61 -7.92 -5.32 9.99
C PRO A 61 -6.92 -6.48 9.83
N LYS A 62 -6.35 -6.96 10.94
CA LYS A 62 -5.42 -8.10 11.03
C LYS A 62 -6.15 -9.45 11.00
N ALA A 63 -7.25 -9.50 11.75
CA ALA A 63 -8.17 -10.64 11.84
C ALA A 63 -9.12 -10.69 10.62
N CYS A 64 -9.13 -9.64 9.78
CA CYS A 64 -9.88 -9.49 8.53
C CYS A 64 -9.16 -10.23 7.42
N GLN A 65 -8.94 -11.51 7.70
CA GLN A 65 -8.33 -12.59 6.93
C GLN A 65 -8.63 -12.58 5.42
N VAL A 66 -9.57 -11.74 4.94
CA VAL A 66 -9.81 -11.53 3.49
C VAL A 66 -8.47 -11.11 2.87
N ALA A 67 -7.95 -11.91 1.93
CA ALA A 67 -6.61 -11.75 1.34
C ALA A 67 -6.14 -10.30 1.17
N HIS A 68 -6.89 -9.51 0.38
CA HIS A 68 -6.55 -8.12 0.11
C HIS A 68 -6.47 -7.23 1.35
N CYS A 69 -7.45 -7.30 2.27
CA CYS A 69 -7.46 -6.46 3.48
C CYS A 69 -6.42 -6.90 4.52
N ALA A 70 -6.33 -8.21 4.81
CA ALA A 70 -5.32 -8.73 5.73
C ALA A 70 -3.92 -8.31 5.26
N SER A 71 -3.63 -8.43 3.96
CA SER A 71 -2.36 -7.94 3.40
C SER A 71 -2.24 -6.42 3.53
N SER A 72 -3.22 -5.64 3.03
CA SER A 72 -3.19 -4.17 3.07
C SER A 72 -2.89 -3.60 4.46
N ARG A 73 -3.60 -4.09 5.48
CA ARG A 73 -3.40 -3.70 6.88
C ARG A 73 -2.04 -4.16 7.39
N GLN A 74 -1.56 -5.36 7.05
CA GLN A 74 -0.21 -5.79 7.45
C GLN A 74 0.87 -4.84 6.90
N ILE A 75 0.86 -4.51 5.61
CA ILE A 75 1.82 -3.54 5.04
C ILE A 75 1.70 -2.10 5.56
N ILE A 76 0.49 -1.58 5.72
CA ILE A 76 0.31 -0.22 6.24
C ILE A 76 0.60 -0.13 7.75
N SER A 77 0.32 -1.19 8.53
CA SER A 77 0.69 -1.26 9.95
C SER A 77 2.21 -1.34 10.09
N HIS A 78 2.89 -2.09 9.20
CA HIS A 78 4.36 -2.09 9.13
C HIS A 78 4.84 -0.65 8.85
N TRP A 79 4.32 0.01 7.81
CA TRP A 79 4.68 1.38 7.45
C TRP A 79 4.50 2.38 8.61
N LYS A 80 3.43 2.22 9.40
CA LYS A 80 3.14 3.05 10.58
C LYS A 80 4.13 2.82 11.72
N ASN A 81 4.48 1.56 12.01
CA ASN A 81 5.38 1.19 13.11
C ASN A 81 6.88 1.35 12.80
N CYS A 82 7.31 1.04 11.57
CA CYS A 82 8.70 1.05 11.13
C CYS A 82 9.35 2.45 11.07
N THR A 83 10.63 2.49 11.45
CA THR A 83 11.52 3.66 11.47
C THR A 83 12.87 3.35 10.80
N ARG A 84 13.05 2.13 10.27
CA ARG A 84 14.26 1.60 9.66
C ARG A 84 14.69 2.34 8.39
N HIS A 85 15.98 2.70 8.33
CA HIS A 85 16.64 3.38 7.23
C HIS A 85 17.04 2.48 6.03
N ASP A 86 16.94 1.16 6.17
CA ASP A 86 17.37 0.12 5.22
C ASP A 86 16.40 -1.08 5.11
N CYS A 87 15.09 -0.79 5.07
CA CYS A 87 14.05 -1.82 5.06
C CYS A 87 13.72 -2.28 3.60
N PRO A 88 13.27 -3.53 3.37
CA PRO A 88 12.91 -4.09 2.05
C PRO A 88 11.90 -3.27 1.23
N VAL A 89 11.17 -2.35 1.87
CA VAL A 89 10.14 -1.49 1.26
C VAL A 89 10.37 -0.01 1.59
N CYS A 90 10.76 0.30 2.83
CA CYS A 90 11.14 1.66 3.22
C CYS A 90 12.33 2.21 2.46
N LEU A 91 13.44 1.48 2.25
CA LEU A 91 14.55 1.97 1.43
C LEU A 91 14.09 2.39 0.02
N PRO A 92 13.41 1.52 -0.76
CA PRO A 92 12.78 1.88 -2.03
C PRO A 92 11.97 3.19 -1.95
N LEU A 93 11.00 3.30 -1.03
CA LEU A 93 10.17 4.51 -0.89
C LEU A 93 10.95 5.75 -0.45
N LYS A 94 11.99 5.56 0.36
CA LYS A 94 12.84 6.64 0.88
C LYS A 94 13.59 7.28 -0.29
N ASN A 95 14.11 6.43 -1.20
CA ASN A 95 14.75 6.85 -2.44
C ASN A 95 13.71 7.46 -3.40
N ALA A 96 12.56 6.79 -3.60
CA ALA A 96 11.46 7.25 -4.46
C ALA A 96 10.95 8.66 -4.11
N SER A 97 10.88 8.98 -2.82
CA SER A 97 10.43 10.30 -2.32
C SER A 97 11.50 11.39 -2.48
N ASP A 98 12.78 11.04 -2.47
CA ASP A 98 13.88 12.00 -2.70
C ASP A 98 13.94 12.43 -4.17
N LYS A 99 13.91 11.46 -5.09
CA LYS A 99 13.88 11.65 -6.55
C LYS A 99 13.44 10.37 -7.29
N ARG A 100 12.72 10.54 -8.40
CA ARG A 100 12.25 9.46 -9.30
C ARG A 100 13.41 8.60 -9.83
N ALA A 1 16.45 -20.33 -2.68
CA ALA A 1 16.10 -19.10 -1.92
C ALA A 1 17.28 -18.59 -1.10
N THR A 2 17.34 -17.26 -0.92
CA THR A 2 18.29 -16.57 -0.03
C THR A 2 17.99 -16.96 1.43
N GLY A 3 16.70 -17.14 1.73
CA GLY A 3 16.09 -17.64 2.94
C GLY A 3 14.58 -17.44 2.93
N PRO A 4 13.81 -18.29 3.61
CA PRO A 4 12.36 -18.13 3.77
C PRO A 4 12.05 -16.84 4.56
N THR A 5 13.00 -16.39 5.40
CA THR A 5 12.96 -15.16 6.18
C THR A 5 13.13 -13.88 5.34
N ALA A 6 13.44 -14.01 4.05
CA ALA A 6 13.66 -12.92 3.08
C ALA A 6 13.15 -13.29 1.67
N ASP A 7 12.22 -14.26 1.60
CA ASP A 7 11.62 -14.85 0.40
C ASP A 7 11.46 -13.84 -0.77
N PRO A 8 12.28 -13.94 -1.84
CA PRO A 8 12.28 -13.00 -2.97
C PRO A 8 10.93 -12.75 -3.63
N GLU A 9 10.07 -13.76 -3.80
CA GLU A 9 8.74 -13.60 -4.42
C GLU A 9 7.84 -12.73 -3.54
N LYS A 10 7.94 -12.94 -2.23
CA LYS A 10 7.21 -12.14 -1.25
C LYS A 10 7.74 -10.72 -1.28
N ARG A 11 9.07 -10.49 -1.35
CA ARG A 11 9.66 -9.15 -1.49
C ARG A 11 8.97 -8.34 -2.59
N LYS A 12 8.98 -8.84 -3.83
CA LYS A 12 8.34 -8.18 -5.00
C LYS A 12 6.83 -7.99 -4.82
N LEU A 13 6.04 -9.05 -4.58
CA LEU A 13 4.60 -8.84 -4.42
C LEU A 13 4.19 -7.99 -3.20
N ILE A 14 4.78 -8.20 -2.02
CA ILE A 14 4.46 -7.42 -0.80
C ILE A 14 4.82 -5.94 -0.97
N GLN A 15 6.00 -5.65 -1.54
CA GLN A 15 6.42 -4.26 -1.78
C GLN A 15 5.58 -3.59 -2.88
N GLN A 16 5.15 -4.30 -3.91
CA GLN A 16 4.34 -3.70 -4.98
C GLN A 16 2.92 -3.41 -4.46
N GLN A 17 2.38 -4.29 -3.61
CA GLN A 17 1.06 -4.15 -3.01
C GLN A 17 1.05 -2.89 -2.15
N LEU A 18 2.05 -2.78 -1.26
CA LEU A 18 2.28 -1.62 -0.39
C LEU A 18 2.45 -0.35 -1.24
N VAL A 19 3.30 -0.35 -2.28
CA VAL A 19 3.48 0.81 -3.18
C VAL A 19 2.15 1.23 -3.85
N LEU A 20 1.29 0.29 -4.24
CA LEU A 20 -0.01 0.58 -4.86
C LEU A 20 -1.04 1.06 -3.85
N LEU A 21 -0.95 0.63 -2.59
CA LEU A 21 -1.77 1.10 -1.47
C LEU A 21 -1.45 2.56 -1.15
N LEU A 22 -0.17 2.89 -1.14
CA LEU A 22 0.30 4.26 -0.93
C LEU A 22 -0.06 5.12 -2.14
N HIS A 23 0.03 4.58 -3.37
CA HIS A 23 -0.47 5.27 -4.56
C HIS A 23 -1.98 5.53 -4.40
N ALA A 24 -2.76 4.56 -3.94
CA ALA A 24 -4.19 4.73 -3.70
C ALA A 24 -4.47 5.87 -2.71
N HIS A 25 -3.74 5.96 -1.59
CA HIS A 25 -3.87 7.06 -0.62
C HIS A 25 -3.59 8.43 -1.28
N LYS A 26 -2.42 8.53 -1.90
CA LYS A 26 -1.92 9.66 -2.71
C LYS A 26 -2.95 10.17 -3.71
N CYS A 27 -3.38 9.27 -4.58
CA CYS A 27 -4.27 9.50 -5.68
C CYS A 27 -5.70 9.80 -5.20
N GLN A 28 -6.17 9.19 -4.09
CA GLN A 28 -7.48 9.54 -3.53
C GLN A 28 -7.46 10.99 -3.01
N ARG A 29 -6.38 11.39 -2.31
CA ARG A 29 -6.19 12.78 -1.87
C ARG A 29 -6.15 13.75 -3.05
N ARG A 30 -5.34 13.45 -4.07
CA ARG A 30 -5.23 14.31 -5.26
C ARG A 30 -6.56 14.44 -6.01
N GLU A 31 -7.30 13.33 -6.12
CA GLU A 31 -8.57 13.25 -6.82
C GLU A 31 -9.61 14.13 -6.12
N GLN A 32 -9.84 13.87 -4.83
CA GLN A 32 -10.77 14.64 -4.00
C GLN A 32 -10.39 16.13 -3.90
N ALA A 33 -9.09 16.45 -3.92
CA ALA A 33 -8.61 17.83 -3.82
C ALA A 33 -8.67 18.64 -5.13
N ASN A 34 -8.33 18.04 -6.28
CA ASN A 34 -8.24 18.76 -7.57
C ASN A 34 -8.40 17.91 -8.86
N GLY A 35 -9.01 16.71 -8.82
CA GLY A 35 -9.13 15.84 -10.01
C GLY A 35 -10.33 14.89 -10.07
N GLU A 36 -11.39 15.11 -9.30
CA GLU A 36 -12.60 14.27 -9.24
C GLU A 36 -13.30 14.05 -10.59
N VAL A 37 -13.17 15.02 -11.51
CA VAL A 37 -13.75 14.99 -12.88
C VAL A 37 -12.98 14.02 -13.81
N ARG A 38 -11.76 13.60 -13.44
CA ARG A 38 -10.86 12.71 -14.19
C ARG A 38 -10.69 11.33 -13.50
N ALA A 39 -9.93 10.44 -14.13
CA ALA A 39 -9.63 9.08 -13.64
C ALA A 39 -8.15 8.72 -13.89
N CYS A 40 -7.57 7.94 -12.97
CA CYS A 40 -6.17 7.49 -13.02
C CYS A 40 -5.91 6.44 -14.13
N SER A 41 -4.69 6.44 -14.69
CA SER A 41 -4.27 5.53 -15.76
C SER A 41 -3.83 4.13 -15.28
N LEU A 42 -3.43 3.96 -14.02
CA LEU A 42 -3.02 2.67 -13.46
C LEU A 42 -4.23 1.72 -13.32
N PRO A 43 -4.16 0.45 -13.80
CA PRO A 43 -5.29 -0.49 -13.72
C PRO A 43 -5.59 -0.96 -12.29
N HIS A 44 -4.56 -1.20 -11.47
CA HIS A 44 -4.71 -1.66 -10.08
C HIS A 44 -5.13 -0.56 -9.09
N CYS A 45 -4.91 0.71 -9.46
CA CYS A 45 -5.18 1.89 -8.64
C CYS A 45 -6.59 1.88 -8.02
N ARG A 46 -7.61 1.75 -8.86
CA ARG A 46 -9.03 1.76 -8.46
C ARG A 46 -9.37 0.59 -7.52
N THR A 47 -8.78 -0.59 -7.74
CA THR A 47 -8.93 -1.77 -6.87
C THR A 47 -8.30 -1.50 -5.51
N MET A 48 -7.08 -0.96 -5.48
CA MET A 48 -6.37 -0.60 -4.25
C MET A 48 -7.09 0.53 -3.49
N LYS A 49 -7.64 1.51 -4.21
CA LYS A 49 -8.50 2.58 -3.66
C LYS A 49 -9.73 1.97 -3.00
N ASN A 50 -10.34 0.95 -3.62
CA ASN A 50 -11.47 0.22 -3.02
C ASN A 50 -11.03 -0.55 -1.76
N VAL A 51 -9.86 -1.20 -1.78
CA VAL A 51 -9.25 -1.91 -0.64
C VAL A 51 -8.97 -0.94 0.52
N LEU A 52 -8.51 0.28 0.22
CA LEU A 52 -8.23 1.31 1.22
C LEU A 52 -9.55 1.81 1.83
N ASN A 53 -10.53 2.19 1.01
CA ASN A 53 -11.86 2.58 1.49
C ASN A 53 -12.53 1.44 2.29
N HIS A 54 -12.25 0.19 1.92
CA HIS A 54 -12.69 -0.97 2.70
C HIS A 54 -11.99 -0.94 4.05
N MET A 55 -10.65 -0.82 4.11
CA MET A 55 -9.92 -0.74 5.38
C MET A 55 -10.41 0.42 6.27
N THR A 56 -10.94 1.51 5.70
CA THR A 56 -11.49 2.62 6.50
C THR A 56 -12.87 2.28 7.06
N HIS A 57 -13.76 1.68 6.27
CA HIS A 57 -15.10 1.25 6.73
C HIS A 57 -15.11 -0.09 7.52
N CYS A 58 -13.99 -0.83 7.51
CA CYS A 58 -13.78 -2.15 8.10
C CYS A 58 -14.22 -2.26 9.58
N GLN A 59 -14.51 -3.50 10.02
CA GLN A 59 -14.94 -3.82 11.38
C GLN A 59 -14.10 -4.92 12.06
N ALA A 60 -12.89 -5.12 11.56
CA ALA A 60 -11.90 -6.04 12.12
C ALA A 60 -10.45 -5.63 11.79
N PRO A 61 -10.22 -5.14 10.57
CA PRO A 61 -8.92 -4.77 10.01
C PRO A 61 -7.88 -5.91 9.94
N LYS A 62 -7.42 -6.40 11.09
CA LYS A 62 -6.46 -7.52 11.25
C LYS A 62 -7.16 -8.87 11.12
N ALA A 63 -8.27 -9.02 11.83
CA ALA A 63 -9.15 -10.20 11.85
C ALA A 63 -9.99 -10.32 10.55
N CYS A 64 -9.98 -9.28 9.69
CA CYS A 64 -10.63 -9.18 8.39
C CYS A 64 -9.80 -9.94 7.35
N GLN A 65 -9.61 -11.20 7.69
CA GLN A 65 -8.94 -12.32 7.02
C GLN A 65 -9.14 -12.37 5.49
N VAL A 66 -10.04 -11.54 4.91
CA VAL A 66 -10.19 -11.39 3.45
C VAL A 66 -8.81 -11.04 2.89
N ALA A 67 -8.25 -11.91 2.03
CA ALA A 67 -6.87 -11.83 1.53
C ALA A 67 -6.32 -10.41 1.30
N HIS A 68 -6.97 -9.66 0.41
CA HIS A 68 -6.57 -8.30 0.07
C HIS A 68 -6.63 -7.33 1.27
N CYS A 69 -7.66 -7.36 2.11
CA CYS A 69 -7.79 -6.45 3.25
C CYS A 69 -6.82 -6.81 4.40
N ALA A 70 -6.80 -8.07 4.83
CA ALA A 70 -5.86 -8.54 5.87
C ALA A 70 -4.42 -8.20 5.49
N SER A 71 -4.04 -8.49 4.22
CA SER A 71 -2.71 -8.12 3.73
C SER A 71 -2.55 -6.61 3.75
N SER A 72 -3.48 -5.83 3.17
CA SER A 72 -3.41 -4.36 3.14
C SER A 72 -3.10 -3.74 4.50
N ARG A 73 -3.81 -4.19 5.54
CA ARG A 73 -3.58 -3.73 6.92
C ARG A 73 -2.20 -4.16 7.41
N GLN A 74 -1.75 -5.39 7.12
CA GLN A 74 -0.41 -5.88 7.47
C GLN A 74 0.72 -4.96 6.92
N ILE A 75 0.71 -4.69 5.61
CA ILE A 75 1.73 -3.84 4.94
C ILE A 75 1.69 -2.38 5.33
N ILE A 76 0.50 -1.78 5.39
CA ILE A 76 0.39 -0.37 5.76
C ILE A 76 0.76 -0.21 7.26
N SER A 77 0.49 -1.20 8.11
CA SER A 77 0.94 -1.18 9.51
C SER A 77 2.46 -1.32 9.58
N HIS A 78 3.08 -2.16 8.75
CA HIS A 78 4.55 -2.21 8.67
C HIS A 78 5.09 -0.82 8.32
N TRP A 79 4.59 -0.21 7.23
CA TRP A 79 5.01 1.12 6.78
C TRP A 79 4.84 2.19 7.87
N LYS A 80 3.75 2.12 8.66
CA LYS A 80 3.52 3.03 9.81
C LYS A 80 4.51 2.81 10.97
N ASN A 81 4.77 1.55 11.32
CA ASN A 81 5.64 1.15 12.44
C ASN A 81 7.15 1.18 12.16
N CYS A 82 7.59 1.12 10.89
CA CYS A 82 8.99 1.06 10.47
C CYS A 82 9.84 2.31 10.80
N THR A 83 10.31 2.41 12.04
CA THR A 83 11.23 3.46 12.51
C THR A 83 12.59 3.35 11.81
N ARG A 84 12.99 2.11 11.49
CA ARG A 84 14.20 1.73 10.72
C ARG A 84 13.94 1.93 9.22
N HIS A 85 13.51 3.14 8.88
CA HIS A 85 13.12 3.68 7.56
C HIS A 85 14.10 3.42 6.39
N ASP A 86 15.31 2.94 6.66
CA ASP A 86 16.34 2.50 5.71
C ASP A 86 16.02 1.06 5.20
N CYS A 87 14.72 0.80 5.09
CA CYS A 87 14.09 -0.46 4.71
C CYS A 87 14.12 -0.65 3.17
N PRO A 88 14.17 -1.89 2.65
CA PRO A 88 14.14 -2.22 1.21
C PRO A 88 12.92 -1.68 0.43
N VAL A 89 11.96 -1.04 1.12
CA VAL A 89 10.71 -0.49 0.58
C VAL A 89 10.43 0.93 1.06
N CYS A 90 10.53 1.20 2.37
CA CYS A 90 10.41 2.54 2.94
C CYS A 90 11.41 3.54 2.38
N LEU A 91 12.72 3.24 2.38
CA LEU A 91 13.73 4.13 1.81
C LEU A 91 13.45 4.48 0.33
N PRO A 92 13.24 3.50 -0.56
CA PRO A 92 12.79 3.76 -1.94
C PRO A 92 11.61 4.74 -2.02
N LEU A 93 10.51 4.47 -1.31
CA LEU A 93 9.33 5.35 -1.30
C LEU A 93 9.60 6.74 -0.74
N LYS A 94 10.51 6.83 0.24
CA LYS A 94 10.88 8.09 0.87
C LYS A 94 11.65 8.95 -0.14
N ASN A 95 12.48 8.32 -0.98
CA ASN A 95 13.18 8.98 -2.10
C ASN A 95 12.23 9.23 -3.31
N ALA A 96 11.23 8.38 -3.52
CA ALA A 96 10.25 8.41 -4.63
C ALA A 96 9.52 9.76 -4.83
N SER A 97 9.46 10.61 -3.80
CA SER A 97 8.86 11.96 -3.86
C SER A 97 9.79 13.07 -3.35
N ASP A 98 10.96 12.72 -2.81
CA ASP A 98 12.02 13.68 -2.48
C ASP A 98 12.65 14.21 -3.79
N LYS A 99 12.67 13.35 -4.82
CA LYS A 99 13.15 13.63 -6.18
C LYS A 99 11.99 13.88 -7.17
N ARG A 100 12.34 14.25 -8.42
CA ARG A 100 11.41 14.59 -9.52
C ARG A 100 11.64 13.68 -10.74
N ALA A 1 21.54 -18.23 12.64
CA ALA A 1 20.39 -17.64 11.91
C ALA A 1 19.07 -18.29 12.32
N THR A 2 18.00 -17.51 12.30
CA THR A 2 16.62 -17.98 12.49
C THR A 2 16.21 -18.87 11.30
N GLY A 3 16.77 -18.54 10.12
CA GLY A 3 16.72 -19.27 8.86
C GLY A 3 17.38 -18.51 7.71
N PRO A 4 17.97 -19.21 6.73
CA PRO A 4 18.56 -18.64 5.51
C PRO A 4 17.48 -18.18 4.49
N THR A 5 16.20 -18.38 4.81
CA THR A 5 15.02 -18.03 4.01
C THR A 5 14.91 -16.53 3.68
N ALA A 6 14.23 -16.20 2.58
CA ALA A 6 14.03 -14.83 2.10
C ALA A 6 12.77 -14.64 1.23
N ASP A 7 12.34 -15.70 0.53
CA ASP A 7 11.17 -15.76 -0.36
C ASP A 7 10.99 -14.50 -1.25
N PRO A 8 11.80 -14.37 -2.32
CA PRO A 8 11.80 -13.21 -3.21
C PRO A 8 10.44 -12.82 -3.78
N GLU A 9 9.52 -13.76 -4.02
CA GLU A 9 8.18 -13.47 -4.54
C GLU A 9 7.38 -12.60 -3.56
N LYS A 10 7.54 -12.88 -2.26
CA LYS A 10 6.93 -12.06 -1.20
C LYS A 10 7.55 -10.67 -1.27
N ARG A 11 8.88 -10.54 -1.33
CA ARG A 11 9.57 -9.23 -1.45
C ARG A 11 8.92 -8.34 -2.51
N LYS A 12 8.92 -8.76 -3.78
CA LYS A 12 8.32 -8.01 -4.91
C LYS A 12 6.82 -7.75 -4.75
N LEU A 13 5.98 -8.78 -4.63
CA LEU A 13 4.53 -8.55 -4.50
C LEU A 13 4.10 -7.78 -3.25
N ILE A 14 4.68 -8.03 -2.06
CA ILE A 14 4.34 -7.30 -0.82
C ILE A 14 4.81 -5.85 -0.89
N GLN A 15 6.03 -5.59 -1.37
CA GLN A 15 6.48 -4.19 -1.53
C GLN A 15 5.63 -3.45 -2.57
N GLN A 16 5.16 -4.16 -3.61
CA GLN A 16 4.32 -3.54 -4.64
C GLN A 16 2.93 -3.23 -4.07
N GLN A 17 2.39 -4.09 -3.19
CA GLN A 17 1.08 -3.91 -2.56
C GLN A 17 1.14 -2.61 -1.75
N LEU A 18 2.16 -2.51 -0.89
CA LEU A 18 2.42 -1.32 -0.06
C LEU A 18 2.50 -0.05 -0.95
N VAL A 19 3.34 -0.06 -1.99
CA VAL A 19 3.46 1.07 -2.92
C VAL A 19 2.13 1.42 -3.62
N LEU A 20 1.29 0.44 -3.96
CA LEU A 20 -0.01 0.66 -4.60
C LEU A 20 -1.06 1.20 -3.62
N LEU A 21 -1.00 0.76 -2.36
CA LEU A 21 -1.82 1.24 -1.24
C LEU A 21 -1.56 2.73 -0.99
N LEU A 22 -0.28 3.10 -0.97
CA LEU A 22 0.14 4.48 -0.79
C LEU A 22 -0.18 5.30 -2.05
N HIS A 23 -0.09 4.71 -3.26
CA HIS A 23 -0.58 5.37 -4.47
C HIS A 23 -2.09 5.61 -4.32
N ALA A 24 -2.89 4.64 -3.85
CA ALA A 24 -4.32 4.82 -3.63
C ALA A 24 -4.62 5.99 -2.68
N HIS A 25 -3.92 6.12 -1.54
CA HIS A 25 -4.10 7.25 -0.63
C HIS A 25 -3.78 8.59 -1.33
N LYS A 26 -2.56 8.66 -1.90
CA LYS A 26 -2.02 9.79 -2.70
C LYS A 26 -2.99 10.22 -3.79
N CYS A 27 -3.56 9.25 -4.49
CA CYS A 27 -4.47 9.42 -5.58
C CYS A 27 -5.91 9.72 -5.15
N GLN A 28 -6.41 9.25 -4.00
CA GLN A 28 -7.71 9.73 -3.48
C GLN A 28 -7.58 11.24 -3.21
N ARG A 29 -6.45 11.66 -2.61
CA ARG A 29 -6.08 13.07 -2.44
C ARG A 29 -5.96 13.79 -3.78
N ARG A 30 -5.20 13.25 -4.74
CA ARG A 30 -5.02 13.87 -6.07
C ARG A 30 -6.34 14.07 -6.81
N GLU A 31 -7.23 13.09 -6.68
CA GLU A 31 -8.53 13.03 -7.33
C GLU A 31 -9.45 14.11 -6.78
N GLN A 32 -9.69 14.10 -5.46
CA GLN A 32 -10.53 15.10 -4.79
C GLN A 32 -9.97 16.53 -4.88
N ALA A 33 -8.65 16.70 -5.01
CA ALA A 33 -8.00 18.00 -5.17
C ALA A 33 -8.31 18.72 -6.50
N ASN A 34 -8.93 18.03 -7.48
CA ASN A 34 -9.29 18.62 -8.79
C ASN A 34 -10.72 18.25 -9.25
N GLY A 35 -11.21 17.05 -8.94
CA GLY A 35 -12.57 16.59 -9.23
C GLY A 35 -12.84 15.99 -10.63
N GLU A 36 -11.82 15.93 -11.50
CA GLU A 36 -11.97 15.42 -12.89
C GLU A 36 -10.75 14.60 -13.40
N VAL A 37 -9.87 14.15 -12.51
CA VAL A 37 -8.67 13.36 -12.86
C VAL A 37 -9.05 12.08 -13.61
N ARG A 38 -8.52 11.95 -14.83
CA ARG A 38 -8.79 10.83 -15.78
C ARG A 38 -7.56 10.37 -16.59
N ALA A 39 -6.37 10.73 -16.13
CA ALA A 39 -5.07 10.40 -16.75
C ALA A 39 -4.26 9.36 -15.95
N CYS A 40 -4.84 8.80 -14.89
CA CYS A 40 -4.26 7.78 -14.01
C CYS A 40 -4.40 6.38 -14.64
N SER A 41 -3.67 6.13 -15.74
CA SER A 41 -3.71 4.89 -16.54
C SER A 41 -3.41 3.57 -15.80
N LEU A 42 -2.88 3.62 -14.57
CA LEU A 42 -2.57 2.45 -13.72
C LEU A 42 -3.85 1.62 -13.45
N PRO A 43 -3.97 0.36 -13.94
CA PRO A 43 -5.20 -0.42 -13.78
C PRO A 43 -5.48 -0.88 -12.34
N HIS A 44 -4.43 -1.23 -11.59
CA HIS A 44 -4.53 -1.71 -10.20
C HIS A 44 -5.02 -0.62 -9.21
N CYS A 45 -4.88 0.65 -9.58
CA CYS A 45 -5.23 1.82 -8.78
C CYS A 45 -6.65 1.79 -8.20
N ARG A 46 -7.69 1.56 -9.02
CA ARG A 46 -9.10 1.53 -8.55
C ARG A 46 -9.42 0.36 -7.62
N THR A 47 -8.84 -0.81 -7.86
CA THR A 47 -8.98 -1.99 -6.99
C THR A 47 -8.34 -1.70 -5.64
N MET A 48 -7.13 -1.14 -5.65
CA MET A 48 -6.40 -0.76 -4.44
C MET A 48 -7.07 0.41 -3.70
N LYS A 49 -7.64 1.40 -4.41
CA LYS A 49 -8.46 2.47 -3.81
C LYS A 49 -9.65 1.86 -3.09
N ASN A 50 -10.29 0.83 -3.67
CA ASN A 50 -11.40 0.15 -2.99
C ASN A 50 -10.92 -0.58 -1.72
N VAL A 51 -9.78 -1.27 -1.80
CA VAL A 51 -9.12 -1.96 -0.66
C VAL A 51 -8.70 -0.99 0.44
N LEU A 52 -8.14 0.16 0.07
CA LEU A 52 -7.66 1.19 0.99
C LEU A 52 -8.83 1.96 1.62
N ASN A 53 -9.89 2.25 0.87
CA ASN A 53 -11.12 2.83 1.41
C ASN A 53 -11.78 1.84 2.40
N HIS A 54 -11.79 0.55 2.04
CA HIS A 54 -12.29 -0.51 2.90
C HIS A 54 -11.44 -0.58 4.18
N MET A 55 -10.13 -0.81 4.04
CA MET A 55 -9.23 -0.97 5.18
C MET A 55 -9.16 0.25 6.09
N THR A 56 -9.46 1.46 5.58
CA THR A 56 -9.51 2.66 6.46
C THR A 56 -10.84 2.71 7.21
N HIS A 57 -11.95 2.29 6.58
CA HIS A 57 -13.26 2.17 7.24
C HIS A 57 -13.36 0.94 8.19
N CYS A 58 -12.64 -0.14 7.87
CA CYS A 58 -12.60 -1.44 8.53
C CYS A 58 -12.36 -1.37 10.05
N GLN A 59 -13.32 -1.91 10.81
CA GLN A 59 -13.26 -1.94 12.28
C GLN A 59 -12.51 -3.17 12.82
N ALA A 60 -12.40 -4.26 12.03
CA ALA A 60 -11.62 -5.42 12.41
C ALA A 60 -10.13 -5.17 12.22
N PRO A 61 -9.76 -4.69 11.03
CA PRO A 61 -8.40 -4.43 10.52
C PRO A 61 -7.47 -5.66 10.51
N LYS A 62 -7.18 -6.20 11.70
CA LYS A 62 -6.37 -7.39 11.98
C LYS A 62 -7.16 -8.69 11.76
N ALA A 63 -8.39 -8.69 12.28
CA ALA A 63 -9.38 -9.77 12.22
C ALA A 63 -10.07 -9.88 10.85
N CYS A 64 -9.87 -8.89 9.96
CA CYS A 64 -10.42 -8.78 8.62
C CYS A 64 -9.63 -9.65 7.63
N GLN A 65 -9.47 -10.90 8.04
CA GLN A 65 -8.87 -12.06 7.37
C GLN A 65 -9.15 -12.17 5.85
N VAL A 66 -10.06 -11.35 5.30
CA VAL A 66 -10.30 -11.23 3.84
C VAL A 66 -8.93 -10.95 3.19
N ALA A 67 -8.45 -11.84 2.32
CA ALA A 67 -7.11 -11.80 1.73
C ALA A 67 -6.55 -10.41 1.42
N HIS A 68 -7.27 -9.64 0.60
CA HIS A 68 -6.85 -8.30 0.20
C HIS A 68 -6.74 -7.31 1.37
N CYS A 69 -7.72 -7.27 2.29
CA CYS A 69 -7.69 -6.35 3.42
C CYS A 69 -6.67 -6.76 4.49
N ALA A 70 -6.66 -8.03 4.92
CA ALA A 70 -5.68 -8.52 5.90
C ALA A 70 -4.25 -8.27 5.39
N SER A 71 -3.96 -8.56 4.11
CA SER A 71 -2.65 -8.25 3.52
C SER A 71 -2.40 -6.74 3.54
N SER A 72 -3.35 -5.93 3.06
CA SER A 72 -3.24 -4.46 3.03
C SER A 72 -2.84 -3.88 4.40
N ARG A 73 -3.52 -4.31 5.46
CA ARG A 73 -3.25 -3.86 6.83
C ARG A 73 -1.90 -4.36 7.33
N GLN A 74 -1.48 -5.58 7.01
CA GLN A 74 -0.15 -6.08 7.37
C GLN A 74 0.98 -5.24 6.75
N ILE A 75 0.92 -4.94 5.44
CA ILE A 75 1.92 -4.04 4.81
C ILE A 75 1.92 -2.60 5.31
N ILE A 76 0.75 -2.00 5.45
CA ILE A 76 0.67 -0.64 5.99
C ILE A 76 1.06 -0.61 7.48
N SER A 77 0.84 -1.69 8.23
CA SER A 77 1.29 -1.83 9.62
C SER A 77 2.83 -1.88 9.64
N HIS A 78 3.48 -2.56 8.68
CA HIS A 78 4.94 -2.50 8.57
C HIS A 78 5.35 -1.02 8.38
N TRP A 79 4.76 -0.33 7.39
CA TRP A 79 5.09 1.08 7.12
C TRP A 79 4.89 2.00 8.34
N LYS A 80 3.88 1.73 9.17
CA LYS A 80 3.62 2.48 10.41
C LYS A 80 4.65 2.19 11.51
N ASN A 81 5.02 0.92 11.71
CA ASN A 81 5.96 0.47 12.76
C ASN A 81 7.46 0.66 12.43
N CYS A 82 7.87 0.61 11.17
CA CYS A 82 9.26 0.68 10.71
C CYS A 82 10.00 1.94 11.21
N THR A 83 10.92 1.74 12.14
CA THR A 83 11.77 2.80 12.73
C THR A 83 12.93 3.22 11.82
N ARG A 84 13.33 2.37 10.87
CA ARG A 84 14.43 2.62 9.93
C ARG A 84 14.07 3.66 8.86
N HIS A 85 14.93 4.67 8.74
CA HIS A 85 14.86 5.70 7.71
C HIS A 85 15.34 5.20 6.32
N ASP A 86 15.93 4.00 6.25
CA ASP A 86 16.60 3.38 5.11
C ASP A 86 16.21 1.91 4.86
N CYS A 87 14.92 1.60 5.01
CA CYS A 87 14.39 0.24 4.78
C CYS A 87 14.18 -0.01 3.26
N PRO A 88 14.36 -1.25 2.75
CA PRO A 88 14.29 -1.62 1.33
C PRO A 88 13.05 -1.20 0.54
N VAL A 89 12.00 -0.76 1.23
CA VAL A 89 10.70 -0.33 0.69
C VAL A 89 10.34 1.08 1.17
N CYS A 90 10.64 1.35 2.45
CA CYS A 90 10.49 2.61 3.14
C CYS A 90 11.26 3.73 2.43
N LEU A 91 12.59 3.57 2.24
CA LEU A 91 13.44 4.52 1.54
C LEU A 91 12.93 4.87 0.13
N PRO A 92 12.66 3.90 -0.77
CA PRO A 92 11.98 4.15 -2.04
C PRO A 92 10.75 5.05 -1.90
N LEU A 93 9.81 4.69 -1.02
CA LEU A 93 8.58 5.46 -0.80
C LEU A 93 8.81 6.85 -0.20
N LYS A 94 9.84 6.98 0.63
CA LYS A 94 10.21 8.23 1.31
C LYS A 94 10.69 9.22 0.25
N ASN A 95 11.44 8.73 -0.75
CA ASN A 95 11.86 9.51 -1.92
C ASN A 95 10.68 9.76 -2.89
N ALA A 96 9.78 8.76 -3.07
CA ALA A 96 8.59 8.81 -3.93
C ALA A 96 7.48 9.77 -3.44
N SER A 97 7.59 10.29 -2.20
CA SER A 97 6.64 11.19 -1.55
C SER A 97 6.40 12.48 -2.34
N ASP A 98 5.23 12.55 -2.98
CA ASP A 98 4.77 13.73 -3.74
C ASP A 98 4.71 14.97 -2.81
N LYS A 99 4.31 14.73 -1.55
CA LYS A 99 4.32 15.68 -0.43
C LYS A 99 4.63 14.96 0.89
N ARG A 100 5.34 15.65 1.79
CA ARG A 100 5.76 15.18 3.12
C ARG A 100 6.10 16.35 4.05
N ALA A 1 19.35 -17.00 -2.94
CA ALA A 1 20.06 -17.60 -1.78
C ALA A 1 20.02 -19.13 -1.81
N THR A 2 20.97 -19.74 -1.11
CA THR A 2 21.13 -21.19 -0.88
C THR A 2 21.05 -21.51 0.64
N GLY A 3 20.46 -20.56 1.37
CA GLY A 3 20.26 -20.51 2.82
C GLY A 3 19.19 -21.46 3.38
N PRO A 4 18.87 -21.28 4.68
CA PRO A 4 17.85 -22.06 5.39
C PRO A 4 16.43 -21.80 4.84
N THR A 5 16.17 -20.58 4.34
CA THR A 5 14.89 -20.15 3.74
C THR A 5 15.05 -18.85 2.93
N ALA A 6 14.14 -18.60 2.00
CA ALA A 6 14.06 -17.41 1.15
C ALA A 6 12.62 -17.26 0.59
N ASP A 7 12.20 -16.03 0.27
CA ASP A 7 10.85 -15.72 -0.25
C ASP A 7 10.76 -14.55 -1.27
N PRO A 8 11.44 -14.63 -2.43
CA PRO A 8 11.48 -13.55 -3.42
C PRO A 8 10.12 -13.06 -3.91
N GLU A 9 9.15 -13.97 -4.11
CA GLU A 9 7.77 -13.65 -4.51
C GLU A 9 7.09 -12.71 -3.50
N LYS A 10 7.33 -12.94 -2.21
CA LYS A 10 6.84 -12.09 -1.13
C LYS A 10 7.53 -10.73 -1.23
N ARG A 11 8.86 -10.65 -1.40
CA ARG A 11 9.59 -9.38 -1.59
C ARG A 11 8.93 -8.47 -2.64
N LYS A 12 8.77 -8.95 -3.87
CA LYS A 12 8.14 -8.19 -4.99
C LYS A 12 6.69 -7.85 -4.74
N LEU A 13 5.81 -8.82 -4.45
CA LEU A 13 4.41 -8.48 -4.17
C LEU A 13 4.18 -7.63 -2.91
N ILE A 14 4.87 -7.86 -1.79
CA ILE A 14 4.72 -7.04 -0.57
C ILE A 14 5.12 -5.58 -0.82
N GLN A 15 6.29 -5.38 -1.47
CA GLN A 15 6.69 -4.01 -1.79
C GLN A 15 5.74 -3.36 -2.81
N GLN A 16 5.19 -4.12 -3.77
CA GLN A 16 4.25 -3.61 -4.76
C GLN A 16 2.91 -3.23 -4.10
N GLN A 17 2.48 -4.02 -3.12
CA GLN A 17 1.20 -3.84 -2.45
C GLN A 17 1.27 -2.52 -1.69
N LEU A 18 2.35 -2.33 -0.92
CA LEU A 18 2.58 -1.09 -0.15
C LEU A 18 2.63 0.11 -1.12
N VAL A 19 3.42 0.03 -2.20
CA VAL A 19 3.52 1.13 -3.20
C VAL A 19 2.17 1.45 -3.87
N LEU A 20 1.32 0.46 -4.14
CA LEU A 20 -0.02 0.64 -4.74
C LEU A 20 -1.01 1.21 -3.72
N LEU A 21 -0.89 0.83 -2.45
CA LEU A 21 -1.66 1.37 -1.33
C LEU A 21 -1.39 2.87 -1.18
N LEU A 22 -0.12 3.26 -1.25
CA LEU A 22 0.29 4.65 -1.17
C LEU A 22 -0.16 5.42 -2.43
N HIS A 23 -0.10 4.80 -3.62
CA HIS A 23 -0.68 5.42 -4.82
C HIS A 23 -2.19 5.62 -4.62
N ALA A 24 -2.91 4.63 -4.08
CA ALA A 24 -4.34 4.75 -3.82
C ALA A 24 -4.67 5.90 -2.86
N HIS A 25 -3.92 6.09 -1.77
CA HIS A 25 -4.08 7.20 -0.84
C HIS A 25 -3.91 8.55 -1.56
N LYS A 26 -2.75 8.69 -2.22
CA LYS A 26 -2.36 9.81 -3.10
C LYS A 26 -3.48 10.19 -4.05
N CYS A 27 -3.89 9.22 -4.84
CA CYS A 27 -4.84 9.34 -5.91
C CYS A 27 -6.27 9.55 -5.39
N GLN A 28 -6.61 9.13 -4.16
CA GLN A 28 -7.89 9.45 -3.54
C GLN A 28 -7.93 10.92 -3.13
N ARG A 29 -6.84 11.43 -2.52
CA ARG A 29 -6.71 12.87 -2.19
C ARG A 29 -6.72 13.74 -3.44
N ARG A 30 -6.02 13.30 -4.48
CA ARG A 30 -5.94 13.93 -5.79
C ARG A 30 -7.30 13.98 -6.47
N GLU A 31 -8.03 12.86 -6.45
CA GLU A 31 -9.38 12.76 -7.02
C GLU A 31 -10.33 13.72 -6.32
N GLN A 32 -10.35 13.66 -4.98
CA GLN A 32 -11.14 14.55 -4.13
C GLN A 32 -10.80 16.04 -4.37
N ALA A 33 -9.53 16.34 -4.68
CA ALA A 33 -9.06 17.71 -4.98
C ALA A 33 -9.51 18.25 -6.37
N ASN A 34 -10.08 17.42 -7.25
CA ASN A 34 -10.48 17.80 -8.62
C ASN A 34 -11.92 17.41 -9.00
N GLY A 35 -12.53 16.44 -8.33
CA GLY A 35 -13.88 15.92 -8.58
C GLY A 35 -13.96 14.85 -9.68
N GLU A 36 -12.89 14.67 -10.47
CA GLU A 36 -12.78 13.70 -11.56
C GLU A 36 -11.31 13.34 -11.88
N VAL A 37 -11.09 12.19 -12.51
CA VAL A 37 -9.78 11.66 -12.94
C VAL A 37 -9.96 11.02 -14.32
N ARG A 38 -9.46 11.70 -15.37
CA ARG A 38 -9.58 11.27 -16.78
C ARG A 38 -8.55 10.21 -17.21
N ALA A 39 -7.42 10.15 -16.52
CA ALA A 39 -6.33 9.19 -16.78
C ALA A 39 -5.54 8.90 -15.47
N CYS A 40 -4.98 7.70 -15.37
CA CYS A 40 -4.21 7.23 -14.23
C CYS A 40 -3.07 6.28 -14.64
N SER A 41 -2.10 6.07 -13.74
CA SER A 41 -0.89 5.25 -13.98
C SER A 41 -1.13 3.76 -14.25
N LEU A 42 -2.14 3.15 -13.62
CA LEU A 42 -2.46 1.72 -13.75
C LEU A 42 -3.92 1.41 -13.35
N PRO A 43 -4.56 0.34 -13.88
CA PRO A 43 -5.94 -0.02 -13.54
C PRO A 43 -6.11 -0.54 -12.11
N HIS A 44 -5.07 -1.19 -11.54
CA HIS A 44 -5.06 -1.72 -10.16
C HIS A 44 -5.24 -0.64 -9.08
N CYS A 45 -5.05 0.63 -9.44
CA CYS A 45 -5.26 1.80 -8.59
C CYS A 45 -6.66 1.78 -7.95
N ARG A 46 -7.69 1.60 -8.79
CA ARG A 46 -9.10 1.55 -8.40
C ARG A 46 -9.41 0.40 -7.44
N THR A 47 -8.75 -0.74 -7.64
CA THR A 47 -8.85 -1.92 -6.77
C THR A 47 -8.27 -1.58 -5.39
N MET A 48 -7.06 -1.01 -5.33
CA MET A 48 -6.46 -0.62 -4.06
C MET A 48 -7.21 0.56 -3.39
N LYS A 49 -7.77 1.49 -4.15
CA LYS A 49 -8.66 2.55 -3.63
C LYS A 49 -9.89 1.93 -2.95
N ASN A 50 -10.48 0.88 -3.56
CA ASN A 50 -11.61 0.16 -2.97
C ASN A 50 -11.18 -0.56 -1.68
N VAL A 51 -9.99 -1.17 -1.67
CA VAL A 51 -9.38 -1.83 -0.50
C VAL A 51 -9.09 -0.82 0.62
N LEU A 52 -8.66 0.41 0.29
CA LEU A 52 -8.45 1.47 1.29
C LEU A 52 -9.77 1.91 1.92
N ASN A 53 -10.83 2.12 1.11
CA ASN A 53 -12.17 2.45 1.63
C ASN A 53 -12.69 1.30 2.52
N HIS A 54 -12.37 0.05 2.15
CA HIS A 54 -12.68 -1.11 2.99
C HIS A 54 -11.90 -1.02 4.29
N MET A 55 -10.58 -0.82 4.28
CA MET A 55 -9.80 -0.67 5.53
C MET A 55 -10.32 0.49 6.40
N THR A 56 -10.91 1.49 5.76
CA THR A 56 -11.53 2.66 6.40
C THR A 56 -12.77 2.21 7.20
N HIS A 57 -13.68 1.42 6.61
CA HIS A 57 -14.84 0.87 7.36
C HIS A 57 -14.54 -0.38 8.23
N CYS A 58 -13.47 -1.12 7.93
CA CYS A 58 -13.00 -2.35 8.59
C CYS A 58 -12.61 -2.16 10.06
N GLN A 59 -12.55 -3.28 10.79
CA GLN A 59 -12.15 -3.35 12.20
C GLN A 59 -11.33 -4.59 12.59
N ALA A 60 -11.39 -5.70 11.84
CA ALA A 60 -10.63 -6.88 12.19
C ALA A 60 -9.14 -6.75 11.86
N PRO A 61 -8.83 -6.26 10.65
CA PRO A 61 -7.50 -6.10 10.06
C PRO A 61 -6.67 -7.40 9.92
N LYS A 62 -6.37 -8.04 11.05
CA LYS A 62 -5.63 -9.32 11.16
C LYS A 62 -6.56 -10.51 10.88
N ALA A 63 -7.70 -10.53 11.56
CA ALA A 63 -8.76 -11.52 11.38
C ALA A 63 -9.57 -11.25 10.08
N CYS A 64 -9.35 -10.10 9.43
CA CYS A 64 -9.91 -9.71 8.13
C CYS A 64 -9.15 -10.36 6.98
N GLN A 65 -8.89 -11.65 7.18
CA GLN A 65 -8.25 -12.65 6.32
C GLN A 65 -8.53 -12.52 4.80
N VAL A 66 -9.49 -11.67 4.38
CA VAL A 66 -9.72 -11.32 2.96
C VAL A 66 -8.35 -10.92 2.37
N ALA A 67 -7.86 -11.69 1.40
CA ALA A 67 -6.51 -11.56 0.83
C ALA A 67 -5.93 -10.14 0.76
N HIS A 68 -6.56 -9.28 -0.05
CA HIS A 68 -6.09 -7.90 -0.22
C HIS A 68 -6.21 -7.04 1.05
N CYS A 69 -7.26 -7.17 1.89
CA CYS A 69 -7.37 -6.37 3.12
C CYS A 69 -6.36 -6.81 4.20
N ALA A 70 -6.29 -8.11 4.50
CA ALA A 70 -5.31 -8.65 5.46
C ALA A 70 -3.89 -8.23 5.06
N SER A 71 -3.56 -8.40 3.77
CA SER A 71 -2.28 -7.93 3.23
C SER A 71 -2.15 -6.42 3.43
N SER A 72 -3.13 -5.62 2.96
CA SER A 72 -3.11 -4.15 3.07
C SER A 72 -2.77 -3.65 4.46
N ARG A 73 -3.45 -4.15 5.50
CA ARG A 73 -3.21 -3.73 6.88
C ARG A 73 -1.84 -4.20 7.37
N GLN A 74 -1.39 -5.41 7.00
CA GLN A 74 -0.04 -5.86 7.38
C GLN A 74 1.05 -4.92 6.82
N ILE A 75 1.02 -4.59 5.51
CA ILE A 75 1.96 -3.63 4.93
C ILE A 75 1.84 -2.20 5.41
N ILE A 76 0.63 -1.66 5.54
CA ILE A 76 0.44 -0.29 6.00
C ILE A 76 0.79 -0.17 7.49
N SER A 77 0.58 -1.21 8.30
CA SER A 77 1.01 -1.25 9.71
C SER A 77 2.55 -1.28 9.78
N HIS A 78 3.22 -2.06 8.90
CA HIS A 78 4.69 -2.02 8.80
C HIS A 78 5.14 -0.59 8.46
N TRP A 79 4.55 0.03 7.43
CA TRP A 79 4.86 1.40 7.00
C TRP A 79 4.66 2.44 8.12
N LYS A 80 3.61 2.29 8.94
CA LYS A 80 3.33 3.17 10.09
C LYS A 80 4.37 3.02 11.22
N ASN A 81 4.73 1.79 11.56
CA ASN A 81 5.67 1.49 12.65
C ASN A 81 7.16 1.66 12.31
N CYS A 82 7.59 1.19 11.14
CA CYS A 82 8.97 1.21 10.67
C CYS A 82 9.46 2.61 10.23
N THR A 83 10.70 2.92 10.63
CA THR A 83 11.42 4.17 10.33
C THR A 83 12.85 3.92 9.82
N ARG A 84 13.22 2.64 9.62
CA ARG A 84 14.56 2.15 9.23
C ARG A 84 15.14 2.84 8.00
N HIS A 85 16.37 3.34 8.17
CA HIS A 85 17.22 3.99 7.18
C HIS A 85 17.63 3.10 5.98
N ASP A 86 17.36 1.79 6.03
CA ASP A 86 17.75 0.80 5.01
C ASP A 86 16.76 -0.40 4.89
N CYS A 87 15.46 -0.13 4.83
CA CYS A 87 14.44 -1.19 4.70
C CYS A 87 14.19 -1.48 3.19
N PRO A 88 13.85 -2.72 2.78
CA PRO A 88 13.59 -3.10 1.39
C PRO A 88 12.53 -2.26 0.65
N VAL A 89 11.70 -1.53 1.41
CA VAL A 89 10.58 -0.71 0.90
C VAL A 89 10.65 0.72 1.44
N CYS A 90 11.02 0.90 2.72
CA CYS A 90 11.29 2.22 3.29
C CYS A 90 12.41 2.99 2.60
N LEU A 91 13.56 2.40 2.24
CA LEU A 91 14.61 3.12 1.50
C LEU A 91 14.07 3.69 0.17
N PRO A 92 13.49 2.87 -0.73
CA PRO A 92 12.79 3.36 -1.93
C PRO A 92 11.84 4.53 -1.64
N LEU A 93 10.94 4.38 -0.66
CA LEU A 93 9.98 5.42 -0.29
C LEU A 93 10.63 6.68 0.29
N LYS A 94 11.74 6.52 1.00
CA LYS A 94 12.50 7.60 1.64
C LYS A 94 13.15 8.47 0.56
N ASN A 95 13.54 7.85 -0.56
CA ASN A 95 14.02 8.55 -1.75
C ASN A 95 12.84 9.15 -2.57
N ALA A 96 11.72 8.42 -2.65
CA ALA A 96 10.50 8.79 -3.40
C ALA A 96 9.64 9.91 -2.78
N SER A 97 9.72 10.14 -1.46
CA SER A 97 8.91 11.11 -0.70
C SER A 97 9.04 12.60 -1.07
N ASP A 98 9.85 12.95 -2.07
CA ASP A 98 9.99 14.32 -2.59
C ASP A 98 8.63 14.89 -3.08
N LYS A 99 7.75 13.99 -3.53
CA LYS A 99 6.36 14.23 -3.96
C LYS A 99 5.44 13.15 -3.34
N ARG A 100 4.12 13.42 -3.29
CA ARG A 100 3.12 12.49 -2.73
C ARG A 100 3.08 11.15 -3.48
N ALA A 1 2.90 -25.40 3.83
CA ALA A 1 4.16 -25.96 3.28
C ALA A 1 5.33 -25.80 4.26
N THR A 2 6.26 -26.75 4.23
CA THR A 2 7.52 -26.76 5.00
C THR A 2 8.61 -25.87 4.36
N GLY A 3 8.27 -25.23 3.24
CA GLY A 3 9.06 -24.34 2.41
C GLY A 3 9.57 -23.04 3.05
N PRO A 4 10.22 -22.18 2.23
CA PRO A 4 10.75 -20.89 2.63
C PRO A 4 9.60 -19.88 2.89
N THR A 5 9.11 -19.81 4.12
CA THR A 5 8.01 -18.93 4.58
C THR A 5 8.32 -17.41 4.54
N ALA A 6 9.32 -17.01 3.76
CA ALA A 6 9.81 -15.64 3.54
C ALA A 6 10.03 -15.34 2.04
N ASP A 7 9.57 -16.25 1.16
CA ASP A 7 9.61 -16.27 -0.30
C ASP A 7 9.77 -14.89 -0.98
N PRO A 8 10.79 -14.67 -1.82
CA PRO A 8 10.99 -13.41 -2.53
C PRO A 8 9.79 -12.86 -3.28
N GLU A 9 8.90 -13.71 -3.82
CA GLU A 9 7.69 -13.25 -4.54
C GLU A 9 6.75 -12.52 -3.58
N LYS A 10 6.67 -12.98 -2.33
CA LYS A 10 5.93 -12.28 -1.29
C LYS A 10 6.60 -10.92 -1.08
N ARG A 11 7.93 -10.85 -0.94
CA ARG A 11 8.70 -9.58 -0.84
C ARG A 11 8.36 -8.56 -1.93
N LYS A 12 8.68 -8.85 -3.20
CA LYS A 12 8.42 -7.95 -4.34
C LYS A 12 6.94 -7.61 -4.53
N LEU A 13 6.02 -8.58 -4.60
CA LEU A 13 4.61 -8.24 -4.70
C LEU A 13 4.02 -7.51 -3.48
N ILE A 14 4.33 -7.88 -2.23
CA ILE A 14 3.79 -7.16 -1.04
C ILE A 14 4.27 -5.70 -1.03
N GLN A 15 5.55 -5.46 -1.32
CA GLN A 15 6.06 -4.08 -1.41
C GLN A 15 5.41 -3.30 -2.57
N GLN A 16 5.12 -3.96 -3.69
CA GLN A 16 4.37 -3.33 -4.80
C GLN A 16 2.97 -2.90 -4.32
N GLN A 17 2.26 -3.72 -3.50
CA GLN A 17 1.02 -3.25 -2.87
C GLN A 17 1.21 -2.04 -1.98
N LEU A 18 2.19 -2.06 -1.08
CA LEU A 18 2.49 -0.93 -0.18
C LEU A 18 2.68 0.37 -0.99
N VAL A 19 3.52 0.35 -2.03
CA VAL A 19 3.71 1.50 -2.93
C VAL A 19 2.39 1.92 -3.61
N LEU A 20 1.57 0.95 -4.02
CA LEU A 20 0.26 1.19 -4.65
C LEU A 20 -0.80 1.69 -3.65
N LEU A 21 -0.68 1.34 -2.37
CA LEU A 21 -1.52 1.75 -1.24
C LEU A 21 -1.28 3.23 -0.95
N LEU A 22 -0.01 3.62 -0.92
CA LEU A 22 0.40 5.01 -0.73
C LEU A 22 -0.07 5.84 -1.94
N HIS A 23 0.10 5.31 -3.15
CA HIS A 23 -0.44 5.93 -4.36
C HIS A 23 -1.96 6.03 -4.27
N ALA A 24 -2.66 4.99 -3.79
CA ALA A 24 -4.11 4.99 -3.63
C ALA A 24 -4.57 6.10 -2.66
N HIS A 25 -3.92 6.30 -1.51
CA HIS A 25 -4.25 7.38 -0.57
C HIS A 25 -4.13 8.74 -1.26
N LYS A 26 -2.94 8.98 -1.83
CA LYS A 26 -2.57 10.16 -2.65
C LYS A 26 -3.64 10.48 -3.69
N CYS A 27 -3.87 9.51 -4.55
CA CYS A 27 -4.69 9.60 -5.74
C CYS A 27 -6.19 9.63 -5.41
N GLN A 28 -6.64 9.02 -4.30
CA GLN A 28 -8.03 9.14 -3.84
C GLN A 28 -8.28 10.58 -3.38
N ARG A 29 -7.37 11.17 -2.58
CA ARG A 29 -7.50 12.58 -2.17
C ARG A 29 -7.46 13.53 -3.36
N ARG A 30 -6.58 13.27 -4.31
CA ARG A 30 -6.42 14.01 -5.56
C ARG A 30 -7.66 13.92 -6.46
N GLU A 31 -8.22 12.72 -6.59
CA GLU A 31 -9.42 12.44 -7.37
C GLU A 31 -10.63 13.19 -6.80
N GLN A 32 -10.81 13.08 -5.48
CA GLN A 32 -11.85 13.80 -4.74
C GLN A 32 -11.66 15.33 -4.84
N ALA A 33 -10.40 15.81 -4.92
CA ALA A 33 -10.09 17.25 -5.07
C ALA A 33 -10.40 17.80 -6.48
N ASN A 34 -10.36 16.95 -7.52
CA ASN A 34 -10.60 17.33 -8.91
C ASN A 34 -11.32 16.21 -9.71
N GLY A 35 -12.63 16.38 -9.92
CA GLY A 35 -13.49 15.44 -10.67
C GLY A 35 -13.03 15.10 -12.10
N GLU A 36 -12.16 15.92 -12.71
CA GLU A 36 -11.61 15.65 -14.06
C GLU A 36 -10.66 14.42 -14.09
N VAL A 37 -10.13 14.00 -12.92
CA VAL A 37 -9.24 12.83 -12.77
C VAL A 37 -10.08 11.52 -12.81
N ARG A 38 -10.80 11.32 -13.92
CA ARG A 38 -11.69 10.18 -14.20
C ARG A 38 -10.95 8.84 -14.38
N ALA A 39 -9.65 8.89 -14.66
CA ALA A 39 -8.77 7.73 -14.85
C ALA A 39 -7.34 8.00 -14.30
N CYS A 40 -6.49 6.97 -14.28
CA CYS A 40 -5.11 7.01 -13.81
C CYS A 40 -4.16 6.21 -14.75
N SER A 41 -2.85 6.34 -14.54
CA SER A 41 -1.80 5.70 -15.35
C SER A 41 -1.68 4.17 -15.19
N LEU A 42 -2.35 3.58 -14.19
CA LEU A 42 -2.36 2.14 -13.91
C LEU A 42 -3.76 1.68 -13.42
N PRO A 43 -4.48 0.79 -14.14
CA PRO A 43 -5.83 0.34 -13.76
C PRO A 43 -6.00 -0.18 -12.32
N HIS A 44 -4.97 -0.83 -11.76
CA HIS A 44 -4.98 -1.40 -10.41
C HIS A 44 -5.12 -0.34 -9.29
N CYS A 45 -4.90 0.94 -9.61
CA CYS A 45 -5.04 2.08 -8.72
C CYS A 45 -6.43 2.14 -8.04
N ARG A 46 -7.52 2.07 -8.83
CA ARG A 46 -8.91 2.04 -8.34
C ARG A 46 -9.20 0.82 -7.45
N THR A 47 -8.62 -0.33 -7.76
CA THR A 47 -8.75 -1.57 -6.98
C THR A 47 -8.13 -1.37 -5.60
N MET A 48 -6.90 -0.83 -5.53
CA MET A 48 -6.26 -0.55 -4.25
C MET A 48 -6.91 0.60 -3.49
N LYS A 49 -7.47 1.61 -4.16
CA LYS A 49 -8.29 2.65 -3.50
C LYS A 49 -9.54 2.02 -2.86
N ASN A 50 -10.14 1.02 -3.51
CA ASN A 50 -11.28 0.29 -2.95
C ASN A 50 -10.84 -0.54 -1.73
N VAL A 51 -9.69 -1.21 -1.81
CA VAL A 51 -9.06 -1.95 -0.70
C VAL A 51 -8.76 -1.03 0.48
N LEU A 52 -8.29 0.20 0.21
CA LEU A 52 -7.98 1.19 1.25
C LEU A 52 -9.27 1.61 1.97
N ASN A 53 -10.30 2.01 1.22
CA ASN A 53 -11.60 2.36 1.79
C ASN A 53 -12.19 1.18 2.58
N HIS A 54 -12.01 -0.06 2.09
CA HIS A 54 -12.41 -1.24 2.83
C HIS A 54 -11.60 -1.34 4.11
N MET A 55 -10.27 -1.20 4.08
CA MET A 55 -9.43 -1.25 5.29
C MET A 55 -9.85 -0.19 6.33
N THR A 56 -10.45 0.93 5.89
CA THR A 56 -10.98 1.96 6.82
C THR A 56 -12.31 1.52 7.44
N HIS A 57 -13.21 0.91 6.67
CA HIS A 57 -14.50 0.39 7.16
C HIS A 57 -14.40 -0.98 7.88
N CYS A 58 -13.30 -1.71 7.66
CA CYS A 58 -13.03 -3.05 8.18
C CYS A 58 -13.11 -3.14 9.72
N GLN A 59 -13.57 -4.30 10.21
CA GLN A 59 -13.78 -4.59 11.63
C GLN A 59 -12.98 -5.80 12.14
N ALA A 60 -11.95 -6.20 11.38
CA ALA A 60 -10.99 -7.24 11.74
C ALA A 60 -9.55 -6.85 11.38
N PRO A 61 -9.37 -6.24 10.21
CA PRO A 61 -8.09 -5.82 9.62
C PRO A 61 -7.07 -6.96 9.38
N LYS A 62 -6.56 -7.54 10.46
CA LYS A 62 -5.61 -8.66 10.49
C LYS A 62 -6.32 -10.00 10.29
N ALA A 63 -7.43 -10.17 10.99
CA ALA A 63 -8.32 -11.34 10.93
C ALA A 63 -9.22 -11.32 9.67
N CYS A 64 -9.22 -10.21 8.93
CA CYS A 64 -9.92 -9.99 7.65
C CYS A 64 -9.09 -10.61 6.53
N GLN A 65 -8.85 -11.90 6.72
CA GLN A 65 -8.15 -12.87 5.90
C GLN A 65 -8.33 -12.73 4.36
N VAL A 66 -9.25 -11.88 3.89
CA VAL A 66 -9.37 -11.51 2.46
C VAL A 66 -7.99 -11.05 2.00
N ALA A 67 -7.39 -11.75 1.01
CA ALA A 67 -6.01 -11.55 0.56
C ALA A 67 -5.52 -10.09 0.58
N HIS A 68 -6.16 -9.22 -0.20
CA HIS A 68 -5.77 -7.81 -0.29
C HIS A 68 -5.99 -7.03 1.01
N CYS A 69 -7.04 -7.28 1.81
CA CYS A 69 -7.28 -6.56 3.06
C CYS A 69 -6.26 -6.96 4.15
N ALA A 70 -6.15 -8.27 4.43
CA ALA A 70 -5.18 -8.80 5.40
C ALA A 70 -3.76 -8.31 5.05
N SER A 71 -3.37 -8.43 3.77
CA SER A 71 -2.08 -7.94 3.30
C SER A 71 -1.97 -6.43 3.51
N SER A 72 -2.85 -5.63 2.89
CA SER A 72 -2.88 -4.16 2.98
C SER A 72 -2.67 -3.64 4.42
N ARG A 73 -3.44 -4.15 5.39
CA ARG A 73 -3.32 -3.78 6.80
C ARG A 73 -1.98 -4.22 7.40
N GLN A 74 -1.48 -5.42 7.09
CA GLN A 74 -0.17 -5.88 7.61
C GLN A 74 1.01 -4.99 7.13
N ILE A 75 1.10 -4.70 5.82
CA ILE A 75 2.13 -3.81 5.26
C ILE A 75 2.03 -2.36 5.70
N ILE A 76 0.82 -1.80 5.72
CA ILE A 76 0.64 -0.43 6.20
C ILE A 76 0.90 -0.37 7.71
N SER A 77 0.67 -1.46 8.46
CA SER A 77 1.01 -1.52 9.89
C SER A 77 2.53 -1.48 10.05
N HIS A 78 3.27 -2.22 9.22
CA HIS A 78 4.74 -2.13 9.18
C HIS A 78 5.15 -0.67 8.90
N TRP A 79 4.62 -0.07 7.82
CA TRP A 79 4.91 1.31 7.43
C TRP A 79 4.62 2.33 8.55
N LYS A 80 3.52 2.15 9.31
CA LYS A 80 3.17 3.01 10.45
C LYS A 80 4.17 2.88 11.61
N ASN A 81 4.59 1.65 11.93
CA ASN A 81 5.53 1.38 13.03
C ASN A 81 7.02 1.65 12.72
N CYS A 82 7.46 1.38 11.49
CA CYS A 82 8.84 1.49 11.01
C CYS A 82 9.38 2.93 10.92
N THR A 83 10.62 3.08 11.36
CA THR A 83 11.42 4.33 11.35
C THR A 83 12.81 4.11 10.76
N ARG A 84 13.10 2.90 10.24
CA ARG A 84 14.41 2.49 9.68
C ARG A 84 14.87 3.34 8.50
N HIS A 85 16.15 3.70 8.55
CA HIS A 85 16.88 4.45 7.52
C HIS A 85 17.27 3.62 6.28
N ASP A 86 17.11 2.29 6.31
CA ASP A 86 17.54 1.35 5.26
C ASP A 86 16.66 0.09 5.14
N CYS A 87 15.33 0.26 5.10
CA CYS A 87 14.38 -0.86 4.98
C CYS A 87 14.19 -1.23 3.48
N PRO A 88 13.85 -2.46 3.08
CA PRO A 88 13.74 -2.86 1.66
C PRO A 88 12.57 -2.22 0.90
N VAL A 89 11.75 -1.39 1.58
CA VAL A 89 10.58 -0.68 1.02
C VAL A 89 10.63 0.81 1.41
N CYS A 90 10.93 1.11 2.67
CA CYS A 90 11.16 2.46 3.15
C CYS A 90 12.31 3.17 2.43
N LEU A 91 13.51 2.57 2.26
CA LEU A 91 14.60 3.21 1.51
C LEU A 91 14.17 3.59 0.07
N PRO A 92 13.63 2.66 -0.75
CA PRO A 92 13.03 3.01 -2.04
C PRO A 92 12.10 4.23 -1.99
N LEU A 93 11.10 4.21 -1.11
CA LEU A 93 10.13 5.32 -0.97
C LEU A 93 10.75 6.63 -0.45
N LYS A 94 11.82 6.52 0.34
CA LYS A 94 12.54 7.65 0.94
C LYS A 94 13.31 8.37 -0.18
N ASN A 95 13.87 7.61 -1.13
CA ASN A 95 14.56 8.10 -2.32
C ASN A 95 13.57 8.53 -3.44
N ALA A 96 12.40 7.88 -3.53
CA ALA A 96 11.35 8.15 -4.52
C ALA A 96 10.92 9.63 -4.52
N SER A 97 11.06 10.29 -5.67
CA SER A 97 10.73 11.73 -5.89
C SER A 97 9.22 12.01 -6.01
N ASP A 98 8.41 11.42 -5.11
CA ASP A 98 6.96 11.63 -5.02
C ASP A 98 6.59 13.10 -4.77
N LYS A 99 7.48 13.81 -4.07
CA LYS A 99 7.46 15.24 -3.74
C LYS A 99 8.87 15.84 -3.84
N ARG A 100 8.95 17.17 -3.96
CA ARG A 100 10.19 17.96 -4.06
C ARG A 100 10.09 19.25 -3.24
N ALA A 1 2.47 -16.64 -3.05
CA ALA A 1 1.66 -17.41 -2.09
C ALA A 1 1.24 -16.56 -0.90
N THR A 2 -0.03 -16.68 -0.51
CA THR A 2 -0.64 -16.03 0.67
C THR A 2 -0.18 -16.66 2.01
N GLY A 3 0.57 -17.77 1.92
CA GLY A 3 1.15 -18.57 2.99
C GLY A 3 2.18 -17.86 3.90
N PRO A 4 2.82 -18.63 4.79
CA PRO A 4 3.87 -18.19 5.70
C PRO A 4 5.22 -17.91 5.00
N THR A 5 5.29 -18.08 3.68
CA THR A 5 6.47 -17.91 2.83
C THR A 5 7.15 -16.52 2.90
N ALA A 6 8.46 -16.49 2.62
CA ALA A 6 9.29 -15.27 2.58
C ALA A 6 10.17 -15.19 1.30
N ASP A 7 9.82 -15.98 0.27
CA ASP A 7 10.46 -16.09 -1.05
C ASP A 7 10.51 -14.75 -1.81
N PRO A 8 11.49 -14.48 -2.70
CA PRO A 8 11.54 -13.26 -3.52
C PRO A 8 10.22 -12.88 -4.20
N GLU A 9 9.37 -13.83 -4.62
CA GLU A 9 8.04 -13.52 -5.21
C GLU A 9 7.14 -12.77 -4.22
N LYS A 10 7.25 -13.10 -2.94
CA LYS A 10 6.57 -12.44 -1.83
C LYS A 10 7.06 -11.00 -1.76
N ARG A 11 8.38 -10.80 -1.74
CA ARG A 11 9.04 -9.47 -1.74
C ARG A 11 8.47 -8.53 -2.79
N LYS A 12 8.48 -8.92 -4.07
CA LYS A 12 7.95 -8.11 -5.20
C LYS A 12 6.44 -7.88 -5.12
N LEU A 13 5.61 -8.93 -5.01
CA LEU A 13 4.17 -8.70 -4.91
C LEU A 13 3.71 -7.97 -3.64
N ILE A 14 4.32 -8.22 -2.47
CA ILE A 14 3.96 -7.52 -1.21
C ILE A 14 4.33 -6.03 -1.28
N GLN A 15 5.55 -5.71 -1.75
CA GLN A 15 5.93 -4.31 -1.95
C GLN A 15 5.05 -3.66 -3.02
N GLN A 16 4.61 -4.41 -4.05
CA GLN A 16 3.66 -3.90 -5.05
C GLN A 16 2.34 -3.51 -4.38
N GLN A 17 1.76 -4.30 -3.44
CA GLN A 17 0.61 -3.82 -2.66
C GLN A 17 0.89 -2.50 -1.96
N LEU A 18 1.97 -2.45 -1.18
CA LEU A 18 2.39 -1.25 -0.44
C LEU A 18 2.52 -0.02 -1.38
N VAL A 19 3.21 -0.15 -2.52
CA VAL A 19 3.35 0.89 -3.55
C VAL A 19 1.99 1.32 -4.12
N LEU A 20 1.06 0.37 -4.29
CA LEU A 20 -0.30 0.61 -4.81
C LEU A 20 -1.21 1.25 -3.76
N LEU A 21 -0.98 0.95 -2.48
CA LEU A 21 -1.66 1.54 -1.31
C LEU A 21 -1.32 3.03 -1.21
N LEU A 22 -0.03 3.33 -1.30
CA LEU A 22 0.48 4.69 -1.29
C LEU A 22 -0.02 5.44 -2.54
N HIS A 23 0.00 4.79 -3.71
CA HIS A 23 -0.58 5.36 -4.92
C HIS A 23 -2.08 5.61 -4.72
N ALA A 24 -2.83 4.67 -4.13
CA ALA A 24 -4.26 4.84 -3.87
C ALA A 24 -4.56 6.06 -3.00
N HIS A 25 -3.80 6.31 -1.93
CA HIS A 25 -3.94 7.51 -1.09
C HIS A 25 -3.68 8.79 -1.89
N LYS A 26 -2.49 8.82 -2.52
CA LYS A 26 -2.01 9.87 -3.45
C LYS A 26 -3.07 10.26 -4.47
N CYS A 27 -3.54 9.26 -5.18
CA CYS A 27 -4.48 9.35 -6.28
C CYS A 27 -5.89 9.66 -5.76
N GLN A 28 -6.28 9.25 -4.55
CA GLN A 28 -7.56 9.65 -3.95
C GLN A 28 -7.56 11.17 -3.75
N ARG A 29 -6.53 11.75 -3.12
CA ARG A 29 -6.45 13.21 -2.97
C ARG A 29 -6.31 13.93 -4.31
N ARG A 30 -5.54 13.40 -5.26
CA ARG A 30 -5.38 14.01 -6.60
C ARG A 30 -6.68 13.94 -7.42
N GLU A 31 -7.42 12.85 -7.34
CA GLU A 31 -8.73 12.67 -7.98
C GLU A 31 -9.75 13.68 -7.44
N GLN A 32 -9.84 13.75 -6.11
CA GLN A 32 -10.71 14.71 -5.41
C GLN A 32 -10.30 16.17 -5.67
N ALA A 33 -9.01 16.44 -5.91
CA ALA A 33 -8.49 17.79 -6.17
C ALA A 33 -8.72 18.27 -7.62
N ASN A 34 -8.29 17.48 -8.62
CA ASN A 34 -8.37 17.83 -10.05
C ASN A 34 -8.44 16.62 -11.01
N GLY A 35 -9.02 15.49 -10.56
CA GLY A 35 -9.17 14.25 -11.33
C GLY A 35 -9.81 14.39 -12.72
N GLU A 36 -10.62 15.42 -12.94
CA GLU A 36 -11.26 15.72 -14.23
C GLU A 36 -10.25 16.07 -15.34
N VAL A 37 -9.01 16.41 -14.96
CA VAL A 37 -7.89 16.77 -15.85
C VAL A 37 -6.65 15.90 -15.57
N ARG A 38 -6.37 15.60 -14.30
CA ARG A 38 -5.25 14.79 -13.80
C ARG A 38 -5.58 13.28 -13.69
N ALA A 39 -6.56 12.79 -14.46
CA ALA A 39 -7.07 11.42 -14.45
C ALA A 39 -5.99 10.31 -14.47
N CYS A 40 -6.36 9.17 -13.87
CA CYS A 40 -5.54 7.96 -13.75
C CYS A 40 -5.98 6.87 -14.78
N SER A 41 -5.10 5.92 -15.07
CA SER A 41 -5.30 4.84 -16.05
C SER A 41 -4.81 3.45 -15.59
N LEU A 42 -4.09 3.36 -14.48
CA LEU A 42 -3.60 2.11 -13.88
C LEU A 42 -4.81 1.26 -13.39
N PRO A 43 -5.03 0.02 -13.87
CA PRO A 43 -6.23 -0.75 -13.47
C PRO A 43 -6.22 -1.22 -12.01
N HIS A 44 -5.07 -1.63 -11.47
CA HIS A 44 -4.93 -2.12 -10.09
C HIS A 44 -5.17 -1.02 -9.03
N CYS A 45 -5.03 0.25 -9.43
CA CYS A 45 -5.24 1.46 -8.63
C CYS A 45 -6.61 1.49 -7.95
N ARG A 46 -7.67 1.30 -8.75
CA ARG A 46 -9.09 1.32 -8.31
C ARG A 46 -9.38 0.22 -7.29
N THR A 47 -8.78 -0.96 -7.47
CA THR A 47 -8.87 -2.10 -6.56
C THR A 47 -8.22 -1.73 -5.23
N MET A 48 -6.98 -1.21 -5.24
CA MET A 48 -6.32 -0.78 -4.00
C MET A 48 -6.99 0.42 -3.34
N LYS A 49 -7.59 1.35 -4.11
CA LYS A 49 -8.42 2.45 -3.59
C LYS A 49 -9.61 1.88 -2.81
N ASN A 50 -10.27 0.85 -3.36
CA ASN A 50 -11.39 0.19 -2.67
C ASN A 50 -10.91 -0.55 -1.40
N VAL A 51 -9.75 -1.23 -1.47
CA VAL A 51 -9.11 -1.90 -0.32
C VAL A 51 -8.73 -0.88 0.76
N LEU A 52 -8.26 0.31 0.38
CA LEU A 52 -7.88 1.36 1.32
C LEU A 52 -9.12 1.85 2.06
N ASN A 53 -10.18 2.22 1.34
CA ASN A 53 -11.44 2.64 1.96
C ASN A 53 -12.03 1.51 2.85
N HIS A 54 -11.87 0.25 2.44
CA HIS A 54 -12.26 -0.86 3.30
C HIS A 54 -11.38 -0.89 4.55
N MET A 55 -10.05 -0.81 4.43
CA MET A 55 -9.14 -0.79 5.58
C MET A 55 -9.45 0.35 6.55
N THR A 56 -10.03 1.48 6.08
CA THR A 56 -10.43 2.59 6.95
C THR A 56 -11.74 2.29 7.68
N HIS A 57 -12.72 1.68 6.99
CA HIS A 57 -14.01 1.28 7.56
C HIS A 57 -13.97 -0.04 8.37
N CYS A 58 -12.88 -0.80 8.26
CA CYS A 58 -12.62 -2.10 8.90
C CYS A 58 -12.74 -2.08 10.44
N GLN A 59 -12.94 -3.27 11.03
CA GLN A 59 -13.07 -3.47 12.48
C GLN A 59 -12.16 -4.58 13.05
N ALA A 60 -11.13 -4.96 12.29
CA ALA A 60 -10.08 -5.91 12.70
C ALA A 60 -8.72 -5.58 12.07
N PRO A 61 -8.74 -5.12 10.81
CA PRO A 61 -7.58 -4.82 9.97
C PRO A 61 -6.69 -6.04 9.66
N LYS A 62 -6.03 -6.61 10.68
CA LYS A 62 -5.17 -7.80 10.61
C LYS A 62 -5.96 -9.12 10.59
N ALA A 63 -6.92 -9.23 11.51
CA ALA A 63 -7.79 -10.40 11.70
C ALA A 63 -8.96 -10.45 10.70
N CYS A 64 -9.18 -9.37 9.92
CA CYS A 64 -10.12 -9.23 8.83
C CYS A 64 -9.48 -9.90 7.57
N GLN A 65 -9.13 -11.17 7.78
CA GLN A 65 -8.45 -12.19 6.96
C GLN A 65 -8.59 -12.15 5.41
N VAL A 66 -9.49 -11.33 4.85
CA VAL A 66 -9.66 -11.14 3.39
C VAL A 66 -8.30 -10.78 2.80
N ALA A 67 -7.84 -11.53 1.79
CA ALA A 67 -6.51 -11.42 1.18
C ALA A 67 -5.94 -9.99 1.11
N HIS A 68 -6.55 -9.12 0.32
CA HIS A 68 -6.05 -7.75 0.13
C HIS A 68 -6.19 -6.86 1.39
N CYS A 69 -7.23 -6.98 2.22
CA CYS A 69 -7.38 -6.18 3.44
C CYS A 69 -6.34 -6.57 4.50
N ALA A 70 -6.29 -7.86 4.85
CA ALA A 70 -5.33 -8.40 5.82
C ALA A 70 -3.89 -8.08 5.36
N SER A 71 -3.57 -8.27 4.07
CA SER A 71 -2.24 -7.90 3.55
C SER A 71 -2.01 -6.39 3.64
N SER A 72 -2.90 -5.56 3.09
CA SER A 72 -2.81 -4.09 3.10
C SER A 72 -2.48 -3.52 4.49
N ARG A 73 -3.24 -3.96 5.51
CA ARG A 73 -2.99 -3.57 6.90
C ARG A 73 -1.67 -4.11 7.42
N GLN A 74 -1.30 -5.37 7.13
CA GLN A 74 0.00 -5.92 7.54
C GLN A 74 1.19 -5.13 6.96
N ILE A 75 1.19 -4.79 5.66
CA ILE A 75 2.27 -3.96 5.07
C ILE A 75 2.33 -2.53 5.59
N ILE A 76 1.19 -1.87 5.68
CA ILE A 76 1.14 -0.48 6.17
C ILE A 76 1.47 -0.43 7.67
N SER A 77 1.06 -1.43 8.45
CA SER A 77 1.40 -1.57 9.88
C SER A 77 2.90 -1.82 10.04
N HIS A 78 3.53 -2.60 9.15
CA HIS A 78 4.99 -2.73 9.14
C HIS A 78 5.59 -1.33 8.98
N TRP A 79 5.20 -0.59 7.93
CA TRP A 79 5.74 0.74 7.62
C TRP A 79 5.56 1.73 8.79
N LYS A 80 4.44 1.63 9.53
CA LYS A 80 4.18 2.47 10.72
C LYS A 80 5.11 2.12 11.90
N ASN A 81 5.25 0.83 12.21
CA ASN A 81 6.08 0.31 13.32
C ASN A 81 7.60 0.21 13.02
N CYS A 82 8.01 0.27 11.74
CA CYS A 82 9.38 0.10 11.28
C CYS A 82 10.41 1.00 12.00
N THR A 83 11.63 0.47 12.14
CA THR A 83 12.82 1.17 12.66
C THR A 83 13.43 2.12 11.62
N ARG A 84 12.70 2.37 10.51
CA ARG A 84 12.89 3.14 9.26
C ARG A 84 14.19 3.93 8.95
N HIS A 85 15.36 3.47 9.40
CA HIS A 85 16.67 4.02 9.05
C HIS A 85 17.18 3.55 7.67
N ASP A 86 16.86 2.32 7.26
CA ASP A 86 17.36 1.68 6.03
C ASP A 86 16.49 0.48 5.55
N CYS A 87 15.16 0.64 5.46
CA CYS A 87 14.28 -0.46 5.03
C CYS A 87 14.11 -0.42 3.48
N PRO A 88 14.12 -1.58 2.77
CA PRO A 88 14.19 -1.69 1.29
C PRO A 88 13.13 -0.98 0.45
N VAL A 89 12.02 -0.57 1.06
CA VAL A 89 10.87 0.06 0.38
C VAL A 89 10.47 1.36 1.10
N CYS A 90 10.50 1.31 2.44
CA CYS A 90 10.34 2.38 3.42
C CYS A 90 11.12 3.61 2.94
N LEU A 91 12.46 3.52 2.92
CA LEU A 91 13.36 4.60 2.52
C LEU A 91 13.10 5.15 1.11
N PRO A 92 13.11 4.32 0.03
CA PRO A 92 12.77 4.79 -1.32
C PRO A 92 11.52 5.66 -1.40
N LEU A 93 10.37 5.16 -0.95
CA LEU A 93 9.11 5.92 -1.02
C LEU A 93 9.05 7.10 -0.04
N LYS A 94 9.74 6.98 1.11
CA LYS A 94 9.74 8.04 2.13
C LYS A 94 10.46 9.26 1.52
N ASN A 95 11.59 9.02 0.85
CA ASN A 95 12.34 10.04 0.11
C ASN A 95 11.54 10.54 -1.11
N ALA A 96 10.90 9.64 -1.86
CA ALA A 96 10.07 9.96 -3.04
C ALA A 96 8.84 10.84 -2.72
N SER A 97 8.45 10.97 -1.44
CA SER A 97 7.30 11.74 -0.95
C SER A 97 7.69 12.91 -0.03
N ASP A 98 8.99 13.10 0.26
CA ASP A 98 9.50 14.18 1.11
C ASP A 98 9.25 15.57 0.52
N LYS A 99 9.29 15.68 -0.81
CA LYS A 99 9.06 16.90 -1.60
C LYS A 99 8.60 16.55 -3.02
N ARG A 100 7.72 17.38 -3.60
CA ARG A 100 7.16 17.26 -4.96
C ARG A 100 6.72 18.62 -5.52
N ALA A 1 -2.37 -21.25 -1.46
CA ALA A 1 -2.30 -20.51 -0.18
C ALA A 1 -1.17 -19.47 -0.20
N THR A 2 -1.39 -18.37 0.50
CA THR A 2 -0.40 -17.31 0.73
C THR A 2 0.75 -17.85 1.60
N GLY A 3 0.40 -18.72 2.56
CA GLY A 3 1.25 -19.50 3.43
C GLY A 3 2.26 -18.79 4.34
N PRO A 4 2.99 -19.59 5.15
CA PRO A 4 4.06 -19.14 6.05
C PRO A 4 5.36 -18.77 5.30
N THR A 5 5.37 -18.87 3.97
CA THR A 5 6.50 -18.61 3.07
C THR A 5 7.04 -17.16 3.15
N ALA A 6 8.27 -16.96 2.69
CA ALA A 6 8.96 -15.65 2.65
C ALA A 6 9.86 -15.50 1.41
N ASP A 7 9.49 -16.17 0.31
CA ASP A 7 10.19 -16.23 -0.97
C ASP A 7 10.38 -14.84 -1.65
N PRO A 8 11.51 -14.56 -2.34
CA PRO A 8 11.75 -13.29 -3.03
C PRO A 8 10.64 -12.74 -3.93
N GLU A 9 9.83 -13.58 -4.59
CA GLU A 9 8.70 -13.10 -5.40
C GLU A 9 7.62 -12.46 -4.52
N LYS A 10 7.44 -12.97 -3.29
CA LYS A 10 6.54 -12.49 -2.25
C LYS A 10 7.04 -11.14 -1.74
N ARG A 11 8.35 -10.96 -1.57
CA ARG A 11 9.00 -9.69 -1.17
C ARG A 11 8.56 -8.55 -2.10
N LYS A 12 8.84 -8.68 -3.40
CA LYS A 12 8.43 -7.70 -4.44
C LYS A 12 6.91 -7.54 -4.48
N LEU A 13 6.15 -8.64 -4.45
CA LEU A 13 4.69 -8.60 -4.53
C LEU A 13 4.12 -7.80 -3.34
N ILE A 14 4.56 -8.09 -2.12
CA ILE A 14 4.08 -7.43 -0.89
C ILE A 14 4.42 -5.94 -0.87
N GLN A 15 5.67 -5.58 -1.21
CA GLN A 15 6.03 -4.16 -1.31
C GLN A 15 5.25 -3.48 -2.44
N GLN A 16 4.94 -4.18 -3.54
CA GLN A 16 4.09 -3.64 -4.62
C GLN A 16 2.69 -3.31 -4.08
N GLN A 17 2.08 -4.14 -3.22
CA GLN A 17 0.83 -3.72 -2.54
C GLN A 17 1.00 -2.44 -1.74
N LEU A 18 2.00 -2.40 -0.86
CA LEU A 18 2.30 -1.20 -0.06
C LEU A 18 2.47 0.06 -0.96
N VAL A 19 3.28 -0.03 -2.03
CA VAL A 19 3.50 1.04 -3.02
C VAL A 19 2.18 1.46 -3.68
N LEU A 20 1.28 0.51 -3.98
CA LEU A 20 -0.01 0.76 -4.61
C LEU A 20 -1.04 1.33 -3.62
N LEU A 21 -0.93 1.00 -2.33
CA LEU A 21 -1.72 1.54 -1.23
C LEU A 21 -1.41 3.02 -1.03
N LEU A 22 -0.12 3.36 -1.08
CA LEU A 22 0.34 4.73 -0.96
C LEU A 22 0.06 5.51 -2.23
N HIS A 23 0.19 4.87 -3.41
CA HIS A 23 -0.26 5.45 -4.66
C HIS A 23 -1.77 5.71 -4.58
N ALA A 24 -2.55 4.78 -4.03
CA ALA A 24 -3.99 4.93 -3.83
C ALA A 24 -4.31 6.12 -2.91
N HIS A 25 -3.61 6.33 -1.79
CA HIS A 25 -3.83 7.49 -0.92
C HIS A 25 -3.64 8.80 -1.71
N LYS A 26 -2.45 8.91 -2.33
CA LYS A 26 -2.00 9.98 -3.22
C LYS A 26 -3.03 10.32 -4.29
N CYS A 27 -3.35 9.32 -5.10
CA CYS A 27 -4.21 9.39 -6.26
C CYS A 27 -5.69 9.50 -5.87
N GLN A 28 -6.14 9.01 -4.71
CA GLN A 28 -7.51 9.21 -4.24
C GLN A 28 -7.70 10.70 -3.93
N ARG A 29 -6.78 11.32 -3.16
CA ARG A 29 -6.87 12.77 -2.87
C ARG A 29 -6.71 13.62 -4.13
N ARG A 30 -5.74 13.28 -4.98
CA ARG A 30 -5.49 13.97 -6.25
C ARG A 30 -6.68 13.88 -7.21
N GLU A 31 -7.32 12.71 -7.27
CA GLU A 31 -8.50 12.48 -8.11
C GLU A 31 -9.71 13.23 -7.57
N GLN A 32 -10.00 13.05 -6.28
CA GLN A 32 -11.06 13.76 -5.53
C GLN A 32 -10.96 15.29 -5.72
N ALA A 33 -9.72 15.81 -5.82
CA ALA A 33 -9.41 17.23 -6.02
C ALA A 33 -9.58 17.75 -7.47
N ASN A 34 -9.79 16.87 -8.46
CA ASN A 34 -9.91 17.23 -9.89
C ASN A 34 -11.14 16.60 -10.62
N GLY A 35 -11.77 15.60 -10.01
CA GLY A 35 -12.91 14.84 -10.54
C GLY A 35 -12.48 13.52 -11.21
N GLU A 36 -11.32 13.52 -11.87
CA GLU A 36 -10.72 12.39 -12.60
C GLU A 36 -9.20 12.56 -12.80
N VAL A 37 -8.48 11.47 -13.11
CA VAL A 37 -7.02 11.45 -13.36
C VAL A 37 -6.73 10.61 -14.60
N ARG A 38 -6.78 11.24 -15.78
CA ARG A 38 -6.51 10.62 -17.10
C ARG A 38 -5.06 10.16 -17.25
N ALA A 39 -4.13 10.83 -16.55
CA ALA A 39 -2.70 10.52 -16.53
C ALA A 39 -2.36 9.24 -15.74
N CYS A 40 -3.34 8.61 -15.08
CA CYS A 40 -3.21 7.38 -14.30
C CYS A 40 -4.02 6.25 -14.94
N SER A 41 -3.32 5.33 -15.59
CA SER A 41 -3.89 4.18 -16.32
C SER A 41 -3.65 2.83 -15.63
N LEU A 42 -3.06 2.82 -14.43
CA LEU A 42 -2.80 1.63 -13.62
C LEU A 42 -4.14 0.89 -13.34
N PRO A 43 -4.31 -0.38 -13.75
CA PRO A 43 -5.58 -1.12 -13.56
C PRO A 43 -5.88 -1.42 -12.09
N HIS A 44 -4.84 -1.66 -11.28
CA HIS A 44 -4.96 -1.97 -9.85
C HIS A 44 -5.23 -0.74 -8.97
N CYS A 45 -4.94 0.47 -9.46
CA CYS A 45 -5.06 1.73 -8.72
C CYS A 45 -6.44 1.97 -8.06
N ARG A 46 -7.53 1.99 -8.83
CA ARG A 46 -8.88 2.22 -8.28
C ARG A 46 -9.36 1.08 -7.37
N THR A 47 -8.93 -0.16 -7.65
CA THR A 47 -9.20 -1.33 -6.80
C THR A 47 -8.48 -1.16 -5.46
N MET A 48 -7.22 -0.73 -5.47
CA MET A 48 -6.43 -0.44 -4.27
C MET A 48 -7.01 0.74 -3.49
N LYS A 49 -7.51 1.80 -4.15
CA LYS A 49 -8.24 2.88 -3.47
C LYS A 49 -9.50 2.33 -2.78
N ASN A 50 -10.21 1.38 -3.40
CA ASN A 50 -11.37 0.73 -2.77
C ASN A 50 -10.94 -0.10 -1.54
N VAL A 51 -9.82 -0.83 -1.62
CA VAL A 51 -9.19 -1.57 -0.51
C VAL A 51 -8.79 -0.62 0.61
N LEU A 52 -8.28 0.56 0.29
CA LEU A 52 -7.89 1.58 1.28
C LEU A 52 -9.13 2.14 2.00
N ASN A 53 -10.18 2.51 1.23
CA ASN A 53 -11.46 2.95 1.77
C ASN A 53 -12.05 1.88 2.70
N HIS A 54 -11.90 0.60 2.33
CA HIS A 54 -12.30 -0.50 3.18
C HIS A 54 -11.42 -0.56 4.43
N MET A 55 -10.08 -0.53 4.31
CA MET A 55 -9.19 -0.58 5.49
C MET A 55 -9.50 0.52 6.52
N THR A 56 -9.99 1.69 6.08
CA THR A 56 -10.38 2.76 7.03
C THR A 56 -11.77 2.51 7.62
N HIS A 57 -12.73 1.99 6.83
CA HIS A 57 -14.07 1.60 7.30
C HIS A 57 -14.08 0.31 8.17
N CYS A 58 -13.03 -0.52 8.05
CA CYS A 58 -12.81 -1.80 8.70
C CYS A 58 -12.94 -1.79 10.24
N GLN A 59 -13.26 -2.96 10.80
CA GLN A 59 -13.40 -3.19 12.25
C GLN A 59 -12.59 -4.38 12.77
N ALA A 60 -11.54 -4.74 12.03
CA ALA A 60 -10.58 -5.79 12.38
C ALA A 60 -9.17 -5.52 11.85
N PRO A 61 -9.10 -5.02 10.61
CA PRO A 61 -7.87 -4.77 9.84
C PRO A 61 -6.96 -5.99 9.61
N LYS A 62 -6.34 -6.50 10.68
CA LYS A 62 -5.48 -7.71 10.69
C LYS A 62 -6.29 -9.00 10.72
N ALA A 63 -7.31 -9.02 11.59
CA ALA A 63 -8.28 -10.10 11.75
C ALA A 63 -9.29 -10.15 10.57
N CYS A 64 -9.28 -9.12 9.71
CA CYS A 64 -10.06 -8.97 8.50
C CYS A 64 -9.40 -9.78 7.39
N GLN A 65 -9.25 -11.05 7.70
CA GLN A 65 -8.75 -12.21 6.95
C GLN A 65 -9.03 -12.23 5.44
N VAL A 66 -9.89 -11.32 4.94
CA VAL A 66 -10.11 -11.12 3.49
C VAL A 66 -8.75 -10.81 2.88
N ALA A 67 -8.26 -11.63 1.94
CA ALA A 67 -6.92 -11.57 1.36
C ALA A 67 -6.34 -10.15 1.17
N HIS A 68 -7.02 -9.34 0.35
CA HIS A 68 -6.57 -7.97 0.06
C HIS A 68 -6.51 -7.07 1.31
N CYS A 69 -7.51 -7.08 2.19
CA CYS A 69 -7.51 -6.23 3.38
C CYS A 69 -6.49 -6.68 4.43
N ALA A 70 -6.47 -7.97 4.78
CA ALA A 70 -5.51 -8.55 5.72
C ALA A 70 -4.07 -8.22 5.27
N SER A 71 -3.75 -8.42 3.99
CA SER A 71 -2.44 -8.05 3.43
C SER A 71 -2.20 -6.55 3.55
N SER A 72 -3.10 -5.70 3.05
CA SER A 72 -3.01 -4.23 3.09
C SER A 72 -2.61 -3.69 4.47
N ARG A 73 -3.31 -4.14 5.50
CA ARG A 73 -3.07 -3.75 6.89
C ARG A 73 -1.76 -4.32 7.40
N GLN A 74 -1.38 -5.56 7.07
CA GLN A 74 -0.08 -6.11 7.48
C GLN A 74 1.11 -5.34 6.87
N ILE A 75 1.10 -4.97 5.58
CA ILE A 75 2.17 -4.13 4.99
C ILE A 75 2.25 -2.72 5.55
N ILE A 76 1.11 -2.04 5.64
CA ILE A 76 1.09 -0.70 6.23
C ILE A 76 1.46 -0.75 7.73
N SER A 77 1.12 -1.82 8.44
CA SER A 77 1.52 -2.05 9.83
C SER A 77 3.03 -2.29 9.91
N HIS A 78 3.63 -2.98 8.94
CA HIS A 78 5.09 -3.14 8.88
C HIS A 78 5.71 -1.74 8.87
N TRP A 79 5.38 -0.90 7.88
CA TRP A 79 5.98 0.45 7.78
C TRP A 79 5.69 1.31 9.03
N LYS A 80 4.51 1.18 9.65
CA LYS A 80 4.19 1.90 10.90
C LYS A 80 5.14 1.50 12.05
N ASN A 81 5.38 0.20 12.24
CA ASN A 81 6.25 -0.35 13.28
C ASN A 81 7.77 -0.28 12.97
N CYS A 82 8.13 -0.25 11.69
CA CYS A 82 9.49 -0.25 11.16
C CYS A 82 10.39 0.87 11.70
N THR A 83 11.71 0.63 11.65
CA THR A 83 12.77 1.61 11.89
C THR A 83 12.94 2.58 10.70
N ARG A 84 11.95 2.61 9.79
CA ARG A 84 11.64 3.29 8.52
C ARG A 84 12.59 4.32 7.86
N HIS A 85 13.56 4.89 8.56
CA HIS A 85 14.59 5.77 8.00
C HIS A 85 15.60 5.04 7.10
N ASP A 86 15.59 3.69 7.06
CA ASP A 86 16.54 2.86 6.30
C ASP A 86 16.02 1.48 5.84
N CYS A 87 14.78 1.40 5.32
CA CYS A 87 14.17 0.13 4.86
C CYS A 87 13.93 0.14 3.33
N PRO A 88 14.10 -1.00 2.60
CA PRO A 88 13.94 -1.14 1.14
C PRO A 88 12.59 -0.74 0.51
N VAL A 89 11.66 -0.19 1.28
CA VAL A 89 10.31 0.21 0.86
C VAL A 89 9.97 1.61 1.41
N CYS A 90 10.07 1.75 2.75
CA CYS A 90 10.00 3.01 3.48
C CYS A 90 10.93 4.06 2.84
N LEU A 91 12.25 3.83 2.75
CA LEU A 91 13.20 4.78 2.15
C LEU A 91 12.88 5.17 0.70
N PRO A 92 12.75 4.23 -0.26
CA PRO A 92 12.40 4.54 -1.65
C PRO A 92 11.20 5.47 -1.78
N LEU A 93 10.07 5.11 -1.17
CA LEU A 93 8.87 5.96 -1.25
C LEU A 93 9.04 7.28 -0.49
N LYS A 94 9.82 7.27 0.60
CA LYS A 94 10.09 8.49 1.39
C LYS A 94 10.86 9.51 0.55
N ASN A 95 11.76 9.03 -0.32
CA ASN A 95 12.52 9.84 -1.28
C ASN A 95 11.67 10.22 -2.52
N ALA A 96 10.71 9.36 -2.92
CA ALA A 96 9.78 9.52 -4.05
C ALA A 96 8.70 10.61 -3.86
N SER A 97 9.06 11.76 -3.27
CA SER A 97 8.22 12.93 -2.96
C SER A 97 7.40 13.49 -4.14
N ASP A 98 6.16 13.03 -4.27
CA ASP A 98 5.19 13.55 -5.27
C ASP A 98 4.82 15.02 -4.95
N LYS A 99 4.82 15.33 -3.65
CA LYS A 99 4.59 16.65 -3.04
C LYS A 99 5.47 16.84 -1.80
N ARG A 100 5.64 18.10 -1.37
CA ARG A 100 6.46 18.52 -0.22
C ARG A 100 5.75 19.59 0.62
N ALA A 1 8.01 -20.40 4.59
CA ALA A 1 7.27 -20.18 5.86
C ALA A 1 6.36 -18.94 5.77
N THR A 2 5.26 -18.98 6.50
CA THR A 2 4.28 -17.89 6.65
C THR A 2 4.79 -16.72 7.52
N GLY A 3 5.92 -16.95 8.21
CA GLY A 3 6.66 -16.05 9.08
C GLY A 3 7.17 -14.71 8.49
N PRO A 4 8.02 -14.00 9.25
CA PRO A 4 8.65 -12.72 8.88
C PRO A 4 9.75 -12.89 7.79
N THR A 5 9.61 -13.84 6.89
CA THR A 5 10.55 -14.16 5.80
C THR A 5 10.67 -13.03 4.76
N ALA A 6 11.67 -13.12 3.88
CA ALA A 6 12.01 -12.13 2.85
C ALA A 6 12.22 -12.77 1.46
N ASP A 7 11.52 -13.88 1.22
CA ASP A 7 11.53 -14.65 -0.03
C ASP A 7 11.24 -13.76 -1.27
N PRO A 8 11.84 -14.01 -2.45
CA PRO A 8 11.62 -13.18 -3.63
C PRO A 8 10.16 -12.90 -4.04
N GLU A 9 9.21 -13.83 -3.84
CA GLU A 9 7.79 -13.58 -4.13
C GLU A 9 7.23 -12.52 -3.16
N LYS A 10 7.66 -12.59 -1.90
CA LYS A 10 7.29 -11.61 -0.88
C LYS A 10 7.86 -10.25 -1.29
N ARG A 11 9.14 -10.14 -1.69
CA ARG A 11 9.73 -8.87 -2.16
C ARG A 11 8.81 -8.11 -3.13
N LYS A 12 8.52 -8.71 -4.28
CA LYS A 12 7.65 -8.15 -5.35
C LYS A 12 6.23 -7.88 -4.88
N LEU A 13 5.50 -8.89 -4.39
CA LEU A 13 4.12 -8.65 -3.94
C LEU A 13 3.97 -7.70 -2.75
N ILE A 14 4.78 -7.81 -1.69
CA ILE A 14 4.72 -6.92 -0.51
C ILE A 14 5.03 -5.47 -0.89
N GLN A 15 6.11 -5.26 -1.66
CA GLN A 15 6.46 -3.90 -2.07
C GLN A 15 5.42 -3.29 -3.02
N GLN A 16 4.84 -4.07 -3.95
CA GLN A 16 3.86 -3.52 -4.89
C GLN A 16 2.54 -3.22 -4.19
N GLN A 17 2.14 -4.06 -3.23
CA GLN A 17 0.91 -3.91 -2.46
C GLN A 17 0.98 -2.58 -1.69
N LEU A 18 2.03 -2.42 -0.89
CA LEU A 18 2.30 -1.23 -0.09
C LEU A 18 2.42 0.01 -1.00
N VAL A 19 3.24 -0.01 -2.06
CA VAL A 19 3.40 1.12 -3.00
C VAL A 19 2.07 1.53 -3.66
N LEU A 20 1.22 0.58 -4.04
CA LEU A 20 -0.09 0.86 -4.66
C LEU A 20 -1.12 1.34 -3.63
N LEU A 21 -1.02 0.90 -2.38
CA LEU A 21 -1.83 1.38 -1.26
C LEU A 21 -1.57 2.86 -1.01
N LEU A 22 -0.28 3.22 -0.99
CA LEU A 22 0.15 4.60 -0.83
C LEU A 22 -0.27 5.42 -2.04
N HIS A 23 -0.16 4.88 -3.27
CA HIS A 23 -0.68 5.55 -4.46
C HIS A 23 -2.20 5.77 -4.30
N ALA A 24 -2.95 4.76 -3.88
CA ALA A 24 -4.40 4.86 -3.67
C ALA A 24 -4.76 5.98 -2.68
N HIS A 25 -4.04 6.10 -1.54
CA HIS A 25 -4.25 7.18 -0.57
C HIS A 25 -4.00 8.56 -1.20
N LYS A 26 -2.81 8.71 -1.81
CA LYS A 26 -2.35 9.86 -2.60
C LYS A 26 -3.37 10.34 -3.64
N CYS A 27 -3.79 9.41 -4.48
CA CYS A 27 -4.67 9.61 -5.61
C CYS A 27 -6.10 9.91 -5.16
N GLN A 28 -6.61 9.20 -4.13
CA GLN A 28 -7.90 9.54 -3.52
C GLN A 28 -7.87 10.99 -3.06
N ARG A 29 -6.86 11.38 -2.26
CA ARG A 29 -6.69 12.75 -1.74
C ARG A 29 -6.58 13.83 -2.81
N ARG A 30 -5.71 13.67 -3.83
CA ARG A 30 -5.51 14.72 -4.85
C ARG A 30 -6.68 14.86 -5.84
N GLU A 31 -7.37 13.77 -6.19
CA GLU A 31 -8.56 13.83 -7.07
C GLU A 31 -9.72 14.44 -6.31
N GLN A 32 -9.87 14.00 -5.07
CA GLN A 32 -10.85 14.56 -4.12
C GLN A 32 -10.59 16.07 -3.92
N ALA A 33 -9.32 16.51 -3.89
CA ALA A 33 -8.95 17.92 -3.77
C ALA A 33 -9.32 18.73 -5.03
N ASN A 34 -9.11 18.14 -6.22
CA ASN A 34 -9.46 18.76 -7.51
C ASN A 34 -10.99 18.77 -7.76
N GLY A 35 -11.73 17.84 -7.16
CA GLY A 35 -13.19 17.71 -7.26
C GLY A 35 -13.68 17.02 -8.54
N GLU A 36 -12.91 16.06 -9.08
CA GLU A 36 -13.22 15.34 -10.33
C GLU A 36 -12.93 13.83 -10.25
N VAL A 37 -13.38 13.08 -11.27
CA VAL A 37 -13.20 11.63 -11.45
C VAL A 37 -12.78 11.38 -12.91
N ARG A 38 -11.63 10.71 -13.11
CA ARG A 38 -10.99 10.48 -14.42
C ARG A 38 -10.02 9.28 -14.39
N ALA A 39 -9.35 9.01 -15.52
CA ALA A 39 -8.35 7.96 -15.69
C ALA A 39 -7.10 8.16 -14.81
N CYS A 40 -6.28 7.10 -14.70
CA CYS A 40 -5.05 7.06 -13.92
C CYS A 40 -3.91 6.26 -14.60
N SER A 41 -2.72 6.25 -13.98
CA SER A 41 -1.48 5.63 -14.46
C SER A 41 -1.54 4.12 -14.73
N LEU A 42 -2.34 3.37 -13.97
CA LEU A 42 -2.51 1.91 -14.12
C LEU A 42 -3.90 1.44 -13.60
N PRO A 43 -4.55 0.45 -14.26
CA PRO A 43 -5.87 -0.06 -13.84
C PRO A 43 -5.96 -0.53 -12.38
N HIS A 44 -4.87 -1.08 -11.84
CA HIS A 44 -4.77 -1.59 -10.46
C HIS A 44 -5.07 -0.53 -9.38
N CYS A 45 -4.91 0.76 -9.71
CA CYS A 45 -5.18 1.88 -8.82
C CYS A 45 -6.60 1.82 -8.22
N ARG A 46 -7.63 1.65 -9.04
CA ARG A 46 -9.03 1.56 -8.60
C ARG A 46 -9.32 0.35 -7.71
N THR A 47 -8.68 -0.79 -7.99
CA THR A 47 -8.80 -2.01 -7.18
C THR A 47 -8.22 -1.77 -5.79
N MET A 48 -7.01 -1.20 -5.73
CA MET A 48 -6.34 -0.85 -4.48
C MET A 48 -7.06 0.27 -3.71
N LYS A 49 -7.63 1.27 -4.41
CA LYS A 49 -8.49 2.31 -3.83
C LYS A 49 -9.73 1.68 -3.19
N ASN A 50 -10.32 0.66 -3.83
CA ASN A 50 -11.47 -0.07 -3.26
C ASN A 50 -11.04 -0.87 -2.01
N VAL A 51 -9.88 -1.52 -2.05
CA VAL A 51 -9.27 -2.24 -0.90
C VAL A 51 -8.97 -1.28 0.26
N LEU A 52 -8.53 -0.05 -0.03
CA LEU A 52 -8.26 0.97 0.98
C LEU A 52 -9.58 1.45 1.62
N ASN A 53 -10.59 1.80 0.82
CA ASN A 53 -11.91 2.16 1.32
C ASN A 53 -12.55 0.99 2.13
N HIS A 54 -12.26 -0.26 1.75
CA HIS A 54 -12.65 -1.40 2.56
C HIS A 54 -11.89 -1.35 3.89
N MET A 55 -10.57 -1.18 3.90
CA MET A 55 -9.79 -1.10 5.15
C MET A 55 -10.26 0.04 6.07
N THR A 56 -10.85 1.12 5.51
CA THR A 56 -11.41 2.21 6.35
C THR A 56 -12.79 1.84 6.92
N HIS A 57 -13.63 1.17 6.13
CA HIS A 57 -14.96 0.69 6.54
C HIS A 57 -14.90 -0.60 7.39
N CYS A 58 -13.75 -1.29 7.41
CA CYS A 58 -13.44 -2.55 8.07
C CYS A 58 -13.83 -2.60 9.56
N GLN A 59 -14.08 -3.83 10.05
CA GLN A 59 -14.49 -4.10 11.44
C GLN A 59 -13.58 -5.12 12.15
N ALA A 60 -12.36 -5.26 11.66
CA ALA A 60 -11.30 -6.11 12.22
C ALA A 60 -9.90 -5.62 11.87
N PRO A 61 -9.72 -5.15 10.62
CA PRO A 61 -8.46 -4.72 10.01
C PRO A 61 -7.35 -5.78 9.96
N LYS A 62 -6.82 -6.18 11.13
CA LYS A 62 -5.76 -7.19 11.32
C LYS A 62 -6.32 -8.61 11.25
N ALA A 63 -7.46 -8.80 11.92
CA ALA A 63 -8.25 -10.03 12.00
C ALA A 63 -9.11 -10.27 10.72
N CYS A 64 -9.19 -9.27 9.83
CA CYS A 64 -9.89 -9.25 8.55
C CYS A 64 -9.10 -10.04 7.50
N GLN A 65 -8.91 -11.29 7.87
CA GLN A 65 -8.29 -12.43 7.19
C GLN A 65 -8.54 -12.51 5.66
N VAL A 66 -9.44 -11.69 5.11
CA VAL A 66 -9.64 -11.56 3.64
C VAL A 66 -8.28 -11.21 3.03
N ALA A 67 -7.73 -12.10 2.19
CA ALA A 67 -6.38 -12.00 1.60
C ALA A 67 -5.86 -10.57 1.37
N HIS A 68 -6.54 -9.83 0.49
CA HIS A 68 -6.16 -8.47 0.13
C HIS A 68 -6.14 -7.51 1.34
N CYS A 69 -7.20 -7.42 2.14
CA CYS A 69 -7.29 -6.52 3.30
C CYS A 69 -6.35 -6.91 4.44
N ALA A 70 -6.25 -8.20 4.79
CA ALA A 70 -5.32 -8.66 5.82
C ALA A 70 -3.87 -8.29 5.43
N SER A 71 -3.47 -8.58 4.19
CA SER A 71 -2.15 -8.20 3.69
C SER A 71 -2.01 -6.67 3.74
N SER A 72 -2.94 -5.96 3.11
CA SER A 72 -3.04 -4.50 3.04
C SER A 72 -2.86 -3.80 4.39
N ARG A 73 -3.61 -4.19 5.41
CA ARG A 73 -3.47 -3.64 6.77
C ARG A 73 -2.12 -3.99 7.36
N GLN A 74 -1.60 -5.21 7.17
CA GLN A 74 -0.27 -5.57 7.64
C GLN A 74 0.85 -4.72 7.00
N ILE A 75 0.85 -4.50 5.68
CA ILE A 75 1.85 -3.63 5.03
C ILE A 75 1.74 -2.15 5.40
N ILE A 76 0.52 -1.60 5.41
CA ILE A 76 0.32 -0.20 5.79
C ILE A 76 0.65 0.02 7.28
N SER A 77 0.32 -0.92 8.16
CA SER A 77 0.66 -0.85 9.59
C SER A 77 2.18 -0.93 9.77
N HIS A 78 2.88 -1.79 9.01
CA HIS A 78 4.34 -1.81 9.01
C HIS A 78 4.86 -0.42 8.62
N TRP A 79 4.42 0.14 7.48
CA TRP A 79 4.86 1.46 7.01
C TRP A 79 4.59 2.58 8.01
N LYS A 80 3.46 2.52 8.75
CA LYS A 80 3.11 3.49 9.80
C LYS A 80 4.05 3.41 11.01
N ASN A 81 4.32 2.20 11.50
CA ASN A 81 5.14 1.93 12.70
C ASN A 81 6.66 1.98 12.48
N CYS A 82 7.15 1.61 11.29
CA CYS A 82 8.56 1.51 10.95
C CYS A 82 9.35 2.83 11.07
N THR A 83 10.56 2.70 11.65
CA THR A 83 11.56 3.76 11.84
C THR A 83 12.91 3.40 11.22
N ARG A 84 13.03 2.22 10.59
CA ARG A 84 14.25 1.69 9.96
C ARG A 84 14.68 2.54 8.76
N HIS A 85 15.83 3.18 8.91
CA HIS A 85 16.52 4.02 7.91
C HIS A 85 16.96 3.28 6.63
N ASP A 86 16.88 1.95 6.59
CA ASP A 86 17.33 1.05 5.52
C ASP A 86 16.42 -0.19 5.35
N CYS A 87 15.10 0.01 5.26
CA CYS A 87 14.13 -1.09 5.16
C CYS A 87 13.94 -1.52 3.68
N PRO A 88 13.61 -2.80 3.37
CA PRO A 88 13.42 -3.34 2.02
C PRO A 88 12.43 -2.60 1.11
N VAL A 89 11.55 -1.78 1.68
CA VAL A 89 10.49 -1.02 0.97
C VAL A 89 10.50 0.47 1.37
N CYS A 90 10.76 0.78 2.65
CA CYS A 90 10.96 2.14 3.12
C CYS A 90 12.11 2.88 2.43
N LEU A 91 13.33 2.33 2.34
CA LEU A 91 14.43 2.98 1.63
C LEU A 91 14.06 3.37 0.18
N PRO A 92 13.56 2.43 -0.66
CA PRO A 92 13.01 2.74 -1.98
C PRO A 92 12.04 3.93 -1.97
N LEU A 93 10.97 3.87 -1.16
CA LEU A 93 9.98 4.98 -1.08
C LEU A 93 10.56 6.29 -0.55
N LYS A 94 11.54 6.20 0.35
CA LYS A 94 12.19 7.35 0.97
C LYS A 94 12.93 8.13 -0.12
N ASN A 95 13.57 7.42 -1.05
CA ASN A 95 14.23 8.01 -2.22
C ASN A 95 13.26 8.38 -3.36
N ALA A 96 12.13 7.67 -3.49
CA ALA A 96 11.12 7.84 -4.55
C ALA A 96 10.51 9.26 -4.60
N SER A 97 10.89 10.05 -5.60
CA SER A 97 10.38 11.43 -5.84
C SER A 97 8.90 11.49 -6.24
N ASP A 98 8.27 10.33 -6.47
CA ASP A 98 6.83 10.19 -6.74
C ASP A 98 5.98 10.72 -5.58
N LYS A 99 6.54 10.71 -4.37
CA LYS A 99 5.94 11.18 -3.11
C LYS A 99 6.85 12.12 -2.31
N ARG A 100 6.25 12.82 -1.34
CA ARG A 100 6.88 13.76 -0.40
C ARG A 100 6.25 13.65 1.00
N ALA A 1 12.52 -22.61 -0.16
CA ALA A 1 12.74 -21.30 0.50
C ALA A 1 13.14 -21.47 1.96
N THR A 2 13.87 -20.48 2.48
CA THR A 2 14.21 -20.34 3.91
C THR A 2 12.92 -20.05 4.72
N GLY A 3 11.96 -19.40 4.05
CA GLY A 3 10.59 -19.12 4.44
C GLY A 3 9.83 -18.47 3.28
N PRO A 4 8.49 -18.62 3.23
CA PRO A 4 7.63 -17.96 2.25
C PRO A 4 7.73 -16.43 2.40
N THR A 5 8.08 -15.94 3.59
CA THR A 5 8.33 -14.53 3.91
C THR A 5 9.56 -13.95 3.21
N ALA A 6 10.49 -14.80 2.77
CA ALA A 6 11.73 -14.43 2.07
C ALA A 6 11.72 -14.82 0.58
N ASP A 7 10.69 -15.53 0.11
CA ASP A 7 10.53 -15.91 -1.30
C ASP A 7 10.46 -14.66 -2.20
N PRO A 8 11.19 -14.59 -3.33
CA PRO A 8 11.20 -13.43 -4.22
C PRO A 8 9.83 -12.90 -4.64
N GLU A 9 8.82 -13.74 -4.86
CA GLU A 9 7.47 -13.28 -5.23
C GLU A 9 6.85 -12.46 -4.10
N LYS A 10 7.12 -12.86 -2.85
CA LYS A 10 6.66 -12.14 -1.65
C LYS A 10 7.30 -10.76 -1.64
N ARG A 11 8.61 -10.66 -1.84
CA ARG A 11 9.37 -9.40 -1.89
C ARG A 11 8.75 -8.37 -2.86
N LYS A 12 8.62 -8.72 -4.15
CA LYS A 12 8.02 -7.84 -5.18
C LYS A 12 6.55 -7.55 -4.94
N LEU A 13 5.68 -8.55 -4.77
CA LEU A 13 4.27 -8.27 -4.48
C LEU A 13 4.00 -7.52 -3.17
N ILE A 14 4.69 -7.80 -2.05
CA ILE A 14 4.50 -7.07 -0.78
C ILE A 14 4.92 -5.59 -0.91
N GLN A 15 6.10 -5.35 -1.51
CA GLN A 15 6.52 -3.95 -1.74
C GLN A 15 5.60 -3.24 -2.74
N GLN A 16 5.04 -3.94 -3.74
CA GLN A 16 4.14 -3.35 -4.72
C GLN A 16 2.79 -3.02 -4.09
N GLN A 17 2.30 -3.88 -3.19
CA GLN A 17 1.03 -3.72 -2.47
C GLN A 17 1.11 -2.41 -1.68
N LEU A 18 2.14 -2.30 -0.84
CA LEU A 18 2.41 -1.12 -0.02
C LEU A 18 2.55 0.14 -0.91
N VAL A 19 3.37 0.11 -1.97
CA VAL A 19 3.54 1.26 -2.88
C VAL A 19 2.21 1.67 -3.57
N LEU A 20 1.36 0.72 -3.96
CA LEU A 20 0.06 0.98 -4.59
C LEU A 20 -0.98 1.45 -3.57
N LEU A 21 -0.86 1.04 -2.30
CA LEU A 21 -1.67 1.51 -1.18
C LEU A 21 -1.42 3.00 -0.96
N LEU A 22 -0.14 3.39 -0.96
CA LEU A 22 0.27 4.77 -0.82
C LEU A 22 -0.17 5.58 -2.04
N HIS A 23 -0.06 5.02 -3.26
CA HIS A 23 -0.60 5.67 -4.46
C HIS A 23 -2.12 5.83 -4.31
N ALA A 24 -2.84 4.82 -3.82
CA ALA A 24 -4.28 4.91 -3.59
C ALA A 24 -4.65 6.02 -2.59
N HIS A 25 -3.89 6.21 -1.50
CA HIS A 25 -4.11 7.30 -0.54
C HIS A 25 -3.98 8.66 -1.23
N LYS A 26 -2.83 8.85 -1.88
CA LYS A 26 -2.47 10.00 -2.73
C LYS A 26 -3.58 10.35 -3.72
N CYS A 27 -3.93 9.36 -4.53
CA CYS A 27 -4.86 9.45 -5.64
C CYS A 27 -6.32 9.56 -5.18
N GLN A 28 -6.69 9.02 -4.00
CA GLN A 28 -8.02 9.21 -3.40
C GLN A 28 -8.17 10.68 -3.01
N ARG A 29 -7.18 11.25 -2.32
CA ARG A 29 -7.13 12.68 -1.95
C ARG A 29 -7.16 13.57 -3.18
N ARG A 30 -6.32 13.27 -4.16
CA ARG A 30 -6.21 13.99 -5.44
C ARG A 30 -7.53 14.03 -6.19
N GLU A 31 -8.20 12.87 -6.26
CA GLU A 31 -9.47 12.71 -6.96
C GLU A 31 -10.58 13.52 -6.27
N GLN A 32 -10.85 13.23 -4.99
CA GLN A 32 -11.89 13.91 -4.22
C GLN A 32 -11.66 15.43 -4.10
N ALA A 33 -10.42 15.90 -4.17
CA ALA A 33 -10.08 17.33 -4.17
C ALA A 33 -10.46 18.06 -5.47
N ASN A 34 -10.86 17.35 -6.54
CA ASN A 34 -11.19 17.92 -7.85
C ASN A 34 -12.56 17.47 -8.42
N GLY A 35 -12.91 16.18 -8.32
CA GLY A 35 -14.19 15.65 -8.82
C GLY A 35 -14.15 14.17 -9.24
N GLU A 36 -15.20 13.73 -9.93
CA GLU A 36 -15.41 12.37 -10.45
C GLU A 36 -14.48 11.98 -11.63
N VAL A 37 -13.16 12.14 -11.46
CA VAL A 37 -12.12 11.82 -12.47
C VAL A 37 -12.17 10.33 -12.89
N ARG A 38 -11.89 10.05 -14.18
CA ARG A 38 -11.86 8.71 -14.78
C ARG A 38 -10.72 7.81 -14.24
N ALA A 39 -10.68 6.55 -14.69
CA ALA A 39 -9.67 5.57 -14.30
C ALA A 39 -8.23 6.09 -14.45
N CYS A 40 -7.43 5.85 -13.41
CA CYS A 40 -6.02 6.26 -13.31
C CYS A 40 -5.11 5.61 -14.36
N SER A 41 -3.90 6.17 -14.53
CA SER A 41 -2.84 5.73 -15.46
C SER A 41 -2.22 4.35 -15.18
N LEU A 42 -2.68 3.66 -14.14
CA LEU A 42 -2.20 2.35 -13.68
C LEU A 42 -3.39 1.50 -13.21
N PRO A 43 -3.81 0.43 -13.92
CA PRO A 43 -4.97 -0.40 -13.57
C PRO A 43 -5.09 -0.82 -12.10
N HIS A 44 -3.98 -1.19 -11.46
CA HIS A 44 -3.94 -1.60 -10.05
C HIS A 44 -4.34 -0.50 -9.04
N CYS A 45 -4.27 0.78 -9.44
CA CYS A 45 -4.66 1.91 -8.61
C CYS A 45 -6.12 1.80 -8.12
N ARG A 46 -7.06 1.52 -9.03
CA ARG A 46 -8.48 1.36 -8.70
C ARG A 46 -8.74 0.20 -7.72
N THR A 47 -8.00 -0.90 -7.88
CA THR A 47 -8.05 -2.08 -7.01
C THR A 47 -7.58 -1.68 -5.60
N MET A 48 -6.42 -1.05 -5.48
CA MET A 48 -5.92 -0.60 -4.17
C MET A 48 -6.78 0.52 -3.57
N LYS A 49 -7.37 1.42 -4.37
CA LYS A 49 -8.35 2.42 -3.88
C LYS A 49 -9.55 1.69 -3.27
N ASN A 50 -10.03 0.61 -3.89
CA ASN A 50 -11.14 -0.18 -3.33
C ASN A 50 -10.73 -0.85 -2.00
N VAL A 51 -9.52 -1.42 -1.93
CA VAL A 51 -8.93 -2.04 -0.73
C VAL A 51 -8.73 -1.02 0.39
N LEU A 52 -8.31 0.21 0.07
CA LEU A 52 -8.12 1.28 1.04
C LEU A 52 -9.47 1.76 1.57
N ASN A 53 -10.44 2.07 0.69
CA ASN A 53 -11.79 2.43 1.12
C ASN A 53 -12.42 1.29 1.96
N HIS A 54 -12.10 0.03 1.65
CA HIS A 54 -12.52 -1.08 2.49
C HIS A 54 -11.84 -0.96 3.85
N MET A 55 -10.52 -0.79 3.93
CA MET A 55 -9.84 -0.63 5.24
C MET A 55 -10.37 0.56 6.05
N THR A 56 -10.92 1.62 5.40
CA THR A 56 -11.53 2.74 6.15
C THR A 56 -12.90 2.37 6.70
N HIS A 57 -13.71 1.62 5.94
CA HIS A 57 -15.02 1.13 6.38
C HIS A 57 -14.96 -0.12 7.29
N CYS A 58 -13.85 -0.87 7.26
CA CYS A 58 -13.56 -2.09 8.01
C CYS A 58 -13.59 -1.88 9.54
N GLN A 59 -13.84 -2.97 10.27
CA GLN A 59 -13.92 -2.98 11.74
C GLN A 59 -12.97 -3.98 12.42
N ALA A 60 -12.47 -4.99 11.69
CA ALA A 60 -11.48 -5.92 12.21
C ALA A 60 -10.04 -5.50 11.87
N PRO A 61 -9.83 -5.01 10.65
CA PRO A 61 -8.55 -4.62 10.05
C PRO A 61 -7.50 -5.75 9.98
N LYS A 62 -7.00 -6.19 11.14
CA LYS A 62 -6.02 -7.29 11.31
C LYS A 62 -6.68 -8.67 11.24
N ALA A 63 -7.81 -8.80 11.94
CA ALA A 63 -8.66 -9.99 11.98
C ALA A 63 -9.48 -10.18 10.70
N CYS A 64 -9.49 -9.17 9.81
CA CYS A 64 -10.16 -9.11 8.50
C CYS A 64 -9.33 -9.89 7.47
N GLN A 65 -9.11 -11.14 7.85
CA GLN A 65 -8.46 -12.26 7.15
C GLN A 65 -8.67 -12.34 5.62
N VAL A 66 -9.58 -11.53 5.06
CA VAL A 66 -9.77 -11.38 3.60
C VAL A 66 -8.41 -11.01 3.01
N ALA A 67 -7.86 -11.84 2.12
CA ALA A 67 -6.51 -11.73 1.56
C ALA A 67 -6.00 -10.28 1.36
N HIS A 68 -6.70 -9.52 0.52
CA HIS A 68 -6.33 -8.14 0.21
C HIS A 68 -6.38 -7.20 1.41
N CYS A 69 -7.41 -7.23 2.26
CA CYS A 69 -7.52 -6.33 3.42
C CYS A 69 -6.51 -6.69 4.52
N ALA A 70 -6.43 -7.96 4.92
CA ALA A 70 -5.47 -8.43 5.92
C ALA A 70 -4.04 -8.06 5.49
N SER A 71 -3.69 -8.30 4.22
CA SER A 71 -2.38 -7.88 3.68
C SER A 71 -2.24 -6.37 3.75
N SER A 72 -3.19 -5.60 3.20
CA SER A 72 -3.16 -4.13 3.20
C SER A 72 -2.88 -3.52 4.57
N ARG A 73 -3.60 -4.00 5.59
CA ARG A 73 -3.43 -3.54 6.98
C ARG A 73 -2.08 -3.92 7.52
N GLN A 74 -1.59 -5.14 7.26
CA GLN A 74 -0.24 -5.55 7.69
C GLN A 74 0.87 -4.67 7.08
N ILE A 75 0.85 -4.41 5.76
CA ILE A 75 1.86 -3.53 5.13
C ILE A 75 1.79 -2.08 5.55
N ILE A 76 0.59 -1.51 5.63
CA ILE A 76 0.43 -0.10 6.06
C ILE A 76 0.75 0.08 7.56
N SER A 77 0.40 -0.87 8.42
CA SER A 77 0.74 -0.81 9.85
C SER A 77 2.26 -0.93 10.00
N HIS A 78 2.93 -1.78 9.21
CA HIS A 78 4.39 -1.85 9.18
C HIS A 78 4.94 -0.46 8.80
N TRP A 79 4.50 0.10 7.67
CA TRP A 79 4.93 1.42 7.18
C TRP A 79 4.75 2.53 8.24
N LYS A 80 3.66 2.48 9.02
CA LYS A 80 3.40 3.45 10.11
C LYS A 80 4.34 3.28 11.31
N ASN A 81 4.56 2.04 11.76
CA ASN A 81 5.39 1.73 12.94
C ASN A 81 6.91 1.71 12.71
N CYS A 82 7.38 1.39 11.50
CA CYS A 82 8.78 1.24 11.16
C CYS A 82 9.66 2.49 11.36
N THR A 83 10.84 2.26 11.93
CA THR A 83 11.90 3.25 12.24
C THR A 83 13.27 2.85 11.66
N ARG A 84 13.35 1.70 10.96
CA ARG A 84 14.57 1.14 10.37
C ARG A 84 15.20 2.05 9.31
N HIS A 85 16.50 2.30 9.46
CA HIS A 85 17.36 3.10 8.59
C HIS A 85 17.66 2.48 7.20
N ASP A 86 17.30 1.21 6.98
CA ASP A 86 17.60 0.41 5.79
C ASP A 86 16.50 -0.63 5.47
N CYS A 87 15.21 -0.25 5.51
CA CYS A 87 14.15 -1.23 5.29
C CYS A 87 13.97 -1.50 3.76
N PRO A 88 13.66 -2.73 3.33
CA PRO A 88 13.48 -3.12 1.93
C PRO A 88 12.40 -2.38 1.14
N VAL A 89 11.58 -1.54 1.79
CA VAL A 89 10.47 -0.79 1.17
C VAL A 89 10.44 0.68 1.60
N CYS A 90 10.67 0.97 2.89
CA CYS A 90 10.86 2.31 3.44
C CYS A 90 11.92 3.13 2.72
N LEU A 91 13.18 2.69 2.73
CA LEU A 91 14.27 3.39 2.07
C LEU A 91 14.03 3.62 0.57
N PRO A 92 13.63 2.61 -0.24
CA PRO A 92 13.19 2.82 -1.61
C PRO A 92 12.19 3.97 -1.77
N LEU A 93 11.06 3.95 -1.05
CA LEU A 93 10.04 5.02 -1.13
C LEU A 93 10.56 6.37 -0.64
N LYS A 94 11.43 6.36 0.36
CA LYS A 94 11.99 7.58 0.95
C LYS A 94 12.87 8.29 -0.09
N ASN A 95 13.63 7.52 -0.88
CA ASN A 95 14.43 7.97 -2.01
C ASN A 95 13.63 8.20 -3.31
N ALA A 96 12.50 7.51 -3.50
CA ALA A 96 11.67 7.49 -4.73
C ALA A 96 11.31 8.87 -5.32
N SER A 97 11.25 9.94 -4.51
CA SER A 97 10.94 11.31 -4.95
C SER A 97 12.16 12.21 -5.20
N ASP A 98 13.38 11.72 -4.95
CA ASP A 98 14.61 12.43 -5.34
C ASP A 98 14.70 12.54 -6.88
N LYS A 99 14.08 11.56 -7.56
CA LYS A 99 13.96 11.46 -9.03
C LYS A 99 13.04 12.55 -9.62
N ARG A 100 13.66 13.65 -10.06
CA ARG A 100 13.02 14.82 -10.70
C ARG A 100 12.33 14.46 -12.02
N ALA A 1 16.58 -19.46 6.23
CA ALA A 1 17.18 -18.13 6.46
C ALA A 1 16.10 -17.06 6.71
N THR A 2 16.47 -16.03 7.47
CA THR A 2 15.67 -14.83 7.81
C THR A 2 15.69 -13.82 6.64
N GLY A 3 15.32 -14.33 5.46
CA GLY A 3 15.35 -13.66 4.16
C GLY A 3 14.46 -14.37 3.13
N PRO A 4 14.63 -14.07 1.82
CA PRO A 4 13.92 -14.64 0.66
C PRO A 4 14.28 -16.13 0.40
N THR A 5 14.29 -16.95 1.46
CA THR A 5 14.69 -18.36 1.50
C THR A 5 13.87 -19.32 0.62
N ALA A 6 12.57 -19.06 0.40
CA ALA A 6 11.69 -19.93 -0.38
C ALA A 6 10.52 -19.23 -1.10
N ASP A 7 10.31 -17.92 -0.92
CA ASP A 7 9.18 -17.17 -1.51
C ASP A 7 9.44 -15.72 -2.01
N PRO A 8 10.41 -15.48 -2.91
CA PRO A 8 10.73 -14.14 -3.41
C PRO A 8 9.56 -13.42 -4.10
N GLU A 9 8.61 -14.16 -4.69
CA GLU A 9 7.41 -13.60 -5.33
C GLU A 9 6.55 -12.82 -4.32
N LYS A 10 6.47 -13.32 -3.08
CA LYS A 10 5.79 -12.72 -1.95
C LYS A 10 6.49 -11.42 -1.54
N ARG A 11 7.82 -11.38 -1.56
CA ARG A 11 8.67 -10.22 -1.24
C ARG A 11 8.33 -9.03 -2.14
N LYS A 12 8.47 -9.21 -3.45
CA LYS A 12 8.10 -8.20 -4.47
C LYS A 12 6.62 -7.83 -4.35
N LEU A 13 5.73 -8.82 -4.20
CA LEU A 13 4.29 -8.58 -4.10
C LEU A 13 3.97 -7.71 -2.86
N ILE A 14 4.55 -8.02 -1.69
CA ILE A 14 4.30 -7.27 -0.44
C ILE A 14 4.80 -5.83 -0.54
N GLN A 15 6.03 -5.62 -1.04
CA GLN A 15 6.50 -4.23 -1.24
C GLN A 15 5.68 -3.50 -2.31
N GLN A 16 5.15 -4.21 -3.32
CA GLN A 16 4.32 -3.61 -4.36
C GLN A 16 2.94 -3.25 -3.82
N GLN A 17 2.41 -4.03 -2.87
CA GLN A 17 1.11 -3.80 -2.24
C GLN A 17 1.22 -2.49 -1.45
N LEU A 18 2.25 -2.39 -0.60
CA LEU A 18 2.55 -1.18 0.18
C LEU A 18 2.66 0.03 -0.78
N VAL A 19 3.46 -0.07 -1.84
CA VAL A 19 3.59 1.00 -2.86
C VAL A 19 2.26 1.35 -3.55
N LEU A 20 1.38 0.38 -3.79
CA LEU A 20 0.07 0.58 -4.43
C LEU A 20 -0.95 1.20 -3.48
N LEU A 21 -0.88 0.86 -2.20
CA LEU A 21 -1.70 1.39 -1.11
C LEU A 21 -1.37 2.85 -0.86
N LEU A 22 -0.09 3.17 -0.83
CA LEU A 22 0.37 4.54 -0.66
C LEU A 22 0.16 5.35 -1.93
N HIS A 23 0.28 4.73 -3.12
CA HIS A 23 -0.13 5.38 -4.37
C HIS A 23 -1.63 5.65 -4.31
N ALA A 24 -2.45 4.68 -3.89
CA ALA A 24 -3.89 4.83 -3.74
C ALA A 24 -4.24 6.01 -2.81
N HIS A 25 -3.53 6.19 -1.69
CA HIS A 25 -3.73 7.33 -0.78
C HIS A 25 -3.42 8.68 -1.47
N LYS A 26 -2.18 8.78 -2.00
CA LYS A 26 -1.64 9.92 -2.76
C LYS A 26 -2.56 10.33 -3.91
N CYS A 27 -3.00 9.34 -4.68
CA CYS A 27 -3.84 9.48 -5.84
C CYS A 27 -5.32 9.67 -5.51
N GLN A 28 -5.85 9.12 -4.40
CA GLN A 28 -7.21 9.46 -3.96
C GLN A 28 -7.25 10.96 -3.69
N ARG A 29 -6.20 11.51 -3.03
CA ARG A 29 -6.04 12.96 -2.89
C ARG A 29 -5.91 13.64 -4.24
N ARG A 30 -5.01 13.20 -5.13
CA ARG A 30 -4.77 13.85 -6.43
C ARG A 30 -6.01 13.89 -7.31
N GLU A 31 -6.79 12.81 -7.26
CA GLU A 31 -8.01 12.58 -8.01
C GLU A 31 -9.12 13.52 -7.54
N GLN A 32 -9.41 13.49 -6.23
CA GLN A 32 -10.45 14.33 -5.64
C GLN A 32 -10.07 15.82 -5.64
N ALA A 33 -8.78 16.16 -5.62
CA ALA A 33 -8.26 17.54 -5.65
C ALA A 33 -8.25 18.20 -7.05
N ASN A 34 -8.11 17.43 -8.14
CA ASN A 34 -8.01 17.98 -9.52
C ASN A 34 -8.63 17.10 -10.63
N GLY A 35 -9.62 16.26 -10.28
CA GLY A 35 -10.31 15.33 -11.19
C GLY A 35 -10.93 15.95 -12.44
N GLU A 36 -11.30 17.24 -12.39
CA GLU A 36 -11.85 17.99 -13.51
C GLU A 36 -10.78 18.43 -14.55
N VAL A 37 -9.51 18.08 -14.34
CA VAL A 37 -8.37 18.39 -15.23
C VAL A 37 -7.48 17.17 -15.50
N ARG A 38 -7.25 16.29 -14.51
CA ARG A 38 -6.38 15.09 -14.64
C ARG A 38 -6.94 13.83 -13.96
N ALA A 39 -6.35 12.68 -14.30
CA ALA A 39 -6.72 11.35 -13.80
C ALA A 39 -5.45 10.50 -13.54
N CYS A 40 -5.53 9.17 -13.69
CA CYS A 40 -4.43 8.22 -13.47
C CYS A 40 -4.27 7.23 -14.64
N SER A 41 -3.23 6.38 -14.59
CA SER A 41 -2.86 5.42 -15.64
C SER A 41 -2.62 3.97 -15.17
N LEU A 42 -2.57 3.69 -13.86
CA LEU A 42 -2.40 2.31 -13.35
C LEU A 42 -3.76 1.57 -13.35
N PRO A 43 -3.85 0.32 -13.84
CA PRO A 43 -5.11 -0.42 -13.88
C PRO A 43 -5.63 -0.84 -12.49
N HIS A 44 -4.71 -1.15 -11.56
CA HIS A 44 -5.03 -1.56 -10.19
C HIS A 44 -5.38 -0.41 -9.24
N CYS A 45 -5.18 0.85 -9.65
CA CYS A 45 -5.37 2.04 -8.84
C CYS A 45 -6.73 2.11 -8.10
N ARG A 46 -7.85 2.02 -8.82
CA ARG A 46 -9.21 2.05 -8.23
C ARG A 46 -9.53 0.83 -7.36
N THR A 47 -9.01 -0.34 -7.70
CA THR A 47 -9.14 -1.57 -6.90
C THR A 47 -8.43 -1.40 -5.56
N MET A 48 -7.18 -0.92 -5.59
CA MET A 48 -6.38 -0.64 -4.40
C MET A 48 -6.95 0.52 -3.58
N LYS A 49 -7.50 1.57 -4.20
CA LYS A 49 -8.24 2.64 -3.50
C LYS A 49 -9.45 2.06 -2.77
N ASN A 50 -10.16 1.09 -3.38
CA ASN A 50 -11.28 0.41 -2.70
C ASN A 50 -10.78 -0.43 -1.50
N VAL A 51 -9.64 -1.13 -1.65
CA VAL A 51 -8.96 -1.88 -0.58
C VAL A 51 -8.52 -0.93 0.54
N LEU A 52 -8.06 0.29 0.22
CA LEU A 52 -7.66 1.29 1.21
C LEU A 52 -8.89 1.80 1.98
N ASN A 53 -9.96 2.16 1.26
CA ASN A 53 -11.24 2.57 1.84
C ASN A 53 -11.76 1.49 2.82
N HIS A 54 -11.62 0.22 2.40
CA HIS A 54 -11.95 -0.91 3.25
C HIS A 54 -11.01 -0.95 4.46
N MET A 55 -9.68 -0.89 4.28
CA MET A 55 -8.74 -0.91 5.42
C MET A 55 -9.04 0.18 6.46
N THR A 56 -9.57 1.33 6.04
CA THR A 56 -9.91 2.41 7.01
C THR A 56 -11.25 2.13 7.71
N HIS A 57 -12.24 1.52 7.01
CA HIS A 57 -13.50 1.11 7.65
C HIS A 57 -13.40 -0.21 8.45
N CYS A 58 -12.41 -1.06 8.14
CA CYS A 58 -12.14 -2.36 8.74
C CYS A 58 -11.84 -2.28 10.24
N GLN A 59 -12.26 -3.31 10.99
CA GLN A 59 -12.08 -3.42 12.44
C GLN A 59 -11.28 -4.68 12.86
N ALA A 60 -11.17 -5.68 11.99
CA ALA A 60 -10.35 -6.86 12.25
C ALA A 60 -8.87 -6.59 11.93
N PRO A 61 -8.61 -6.00 10.75
CA PRO A 61 -7.30 -5.70 10.16
C PRO A 61 -6.39 -6.92 9.93
N LYS A 62 -5.98 -7.58 11.02
CA LYS A 62 -5.15 -8.80 11.04
C LYS A 62 -6.01 -10.04 10.78
N ALA A 63 -7.17 -10.09 11.44
CA ALA A 63 -8.18 -11.15 11.33
C ALA A 63 -9.03 -11.04 10.05
N CYS A 64 -8.91 -9.94 9.30
CA CYS A 64 -9.59 -9.67 8.04
C CYS A 64 -8.89 -10.38 6.89
N GLN A 65 -8.73 -11.68 7.10
CA GLN A 65 -8.17 -12.75 6.28
C GLN A 65 -8.44 -12.64 4.75
N VAL A 66 -9.30 -11.72 4.29
CA VAL A 66 -9.48 -11.41 2.86
C VAL A 66 -8.10 -11.05 2.30
N ALA A 67 -7.58 -11.82 1.34
CA ALA A 67 -6.21 -11.71 0.81
C ALA A 67 -5.62 -10.29 0.76
N HIS A 68 -6.20 -9.42 -0.06
CA HIS A 68 -5.71 -8.05 -0.21
C HIS A 68 -5.83 -7.21 1.07
N CYS A 69 -6.90 -7.33 1.88
CA CYS A 69 -7.02 -6.54 3.12
C CYS A 69 -6.04 -7.01 4.20
N ALA A 70 -5.98 -8.32 4.50
CA ALA A 70 -5.04 -8.89 5.46
C ALA A 70 -3.60 -8.47 5.09
N SER A 71 -3.24 -8.61 3.80
CA SER A 71 -1.94 -8.14 3.30
C SER A 71 -1.80 -6.64 3.53
N SER A 72 -2.75 -5.82 3.04
CA SER A 72 -2.74 -4.36 3.15
C SER A 72 -2.43 -3.87 4.55
N ARG A 73 -3.15 -4.37 5.56
CA ARG A 73 -2.95 -3.99 6.95
C ARG A 73 -1.63 -4.49 7.49
N GLN A 74 -1.16 -5.69 7.13
CA GLN A 74 0.17 -6.14 7.56
C GLN A 74 1.30 -5.23 7.01
N ILE A 75 1.29 -4.89 5.72
CA ILE A 75 2.29 -3.95 5.17
C ILE A 75 2.22 -2.53 5.69
N ILE A 76 1.02 -1.99 5.89
CA ILE A 76 0.87 -0.62 6.41
C ILE A 76 1.13 -0.59 7.92
N SER A 77 0.92 -1.70 8.64
CA SER A 77 1.33 -1.86 10.05
C SER A 77 2.84 -1.80 10.10
N HIS A 78 3.55 -2.48 9.17
CA HIS A 78 5.00 -2.31 9.01
C HIS A 78 5.35 -0.83 8.77
N TRP A 79 4.76 -0.19 7.75
CA TRP A 79 5.05 1.21 7.42
C TRP A 79 4.85 2.17 8.61
N LYS A 80 3.83 1.92 9.44
CA LYS A 80 3.55 2.68 10.67
C LYS A 80 4.59 2.43 11.78
N ASN A 81 4.90 1.16 12.03
CA ASN A 81 5.80 0.72 13.11
C ASN A 81 7.31 0.82 12.81
N CYS A 82 7.72 0.90 11.54
CA CYS A 82 9.12 0.90 11.09
C CYS A 82 10.00 1.91 11.88
N THR A 83 10.99 1.38 12.60
CA THR A 83 11.93 2.11 13.46
C THR A 83 12.98 2.94 12.71
N ARG A 84 13.07 2.79 11.37
CA ARG A 84 14.04 3.48 10.51
C ARG A 84 13.40 3.95 9.20
N HIS A 85 13.45 5.26 8.94
CA HIS A 85 12.92 5.86 7.71
C HIS A 85 13.69 5.42 6.45
N ASP A 86 14.93 4.96 6.62
CA ASP A 86 15.89 4.49 5.62
C ASP A 86 15.70 2.99 5.28
N CYS A 87 14.45 2.56 5.35
CA CYS A 87 14.01 1.20 5.03
C CYS A 87 14.10 0.97 3.50
N PRO A 88 14.40 -0.26 3.01
CA PRO A 88 14.43 -0.60 1.58
C PRO A 88 13.11 -0.31 0.82
N VAL A 89 12.05 0.09 1.52
CA VAL A 89 10.71 0.39 0.99
C VAL A 89 10.18 1.75 1.49
N CYS A 90 10.27 2.05 2.80
CA CYS A 90 9.92 3.37 3.32
C CYS A 90 10.69 4.52 2.67
N LEU A 91 12.04 4.49 2.61
CA LEU A 91 12.82 5.55 1.98
C LEU A 91 12.41 5.82 0.52
N PRO A 92 12.35 4.80 -0.37
CA PRO A 92 11.79 4.95 -1.72
C PRO A 92 10.45 5.68 -1.74
N LEU A 93 9.47 5.20 -0.95
CA LEU A 93 8.13 5.81 -0.89
C LEU A 93 8.10 7.22 -0.31
N LYS A 94 9.04 7.52 0.58
CA LYS A 94 9.15 8.83 1.24
C LYS A 94 9.62 9.85 0.18
N ASN A 95 10.58 9.45 -0.66
CA ASN A 95 11.05 10.22 -1.81
C ASN A 95 9.97 10.32 -2.92
N ALA A 96 9.20 9.24 -3.14
CA ALA A 96 8.12 9.15 -4.15
C ALA A 96 6.86 10.00 -3.86
N SER A 97 6.79 10.69 -2.72
CA SER A 97 5.65 11.55 -2.34
C SER A 97 5.49 12.80 -3.23
N ASP A 98 4.35 13.46 -3.05
CA ASP A 98 3.91 14.72 -3.67
C ASP A 98 3.02 15.41 -2.62
N LYS A 99 1.98 14.67 -2.19
CA LYS A 99 1.09 14.95 -1.06
C LYS A 99 0.31 13.66 -0.77
N ARG A 100 0.45 13.14 0.45
CA ARG A 100 -0.10 11.86 0.91
C ARG A 100 -0.47 11.92 2.40
N ALA A 1 6.88 -9.87 10.27
CA ALA A 1 5.97 -11.00 10.59
C ALA A 1 6.62 -12.35 10.28
N THR A 2 6.20 -13.38 11.01
CA THR A 2 6.57 -14.80 10.81
C THR A 2 5.75 -15.45 9.67
N GLY A 3 4.89 -14.65 9.03
CA GLY A 3 3.93 -14.98 7.98
C GLY A 3 4.47 -15.59 6.67
N PRO A 4 3.54 -15.87 5.75
CA PRO A 4 3.80 -16.37 4.39
C PRO A 4 4.26 -15.19 3.49
N THR A 5 5.20 -14.38 3.98
CA THR A 5 5.66 -13.11 3.39
C THR A 5 7.19 -12.93 3.31
N ALA A 6 7.97 -13.86 3.88
CA ALA A 6 9.43 -13.79 3.98
C ALA A 6 10.20 -14.53 2.85
N ASP A 7 9.79 -14.35 1.59
CA ASP A 7 10.43 -14.99 0.42
C ASP A 7 10.44 -14.08 -0.83
N PRO A 8 11.34 -14.29 -1.83
CA PRO A 8 11.52 -13.41 -2.99
C PRO A 8 10.29 -12.99 -3.80
N GLU A 9 9.43 -13.91 -4.25
CA GLU A 9 8.21 -13.55 -5.00
C GLU A 9 7.28 -12.68 -4.13
N LYS A 10 7.23 -12.96 -2.83
CA LYS A 10 6.49 -12.19 -1.85
C LYS A 10 7.12 -10.80 -1.74
N ARG A 11 8.44 -10.64 -1.65
CA ARG A 11 9.11 -9.33 -1.62
C ARG A 11 8.66 -8.40 -2.74
N LYS A 12 8.60 -8.88 -3.99
CA LYS A 12 8.15 -8.10 -5.16
C LYS A 12 6.65 -7.80 -5.12
N LEU A 13 5.77 -8.81 -5.00
CA LEU A 13 4.34 -8.51 -4.92
C LEU A 13 3.92 -7.71 -3.68
N ILE A 14 4.48 -7.98 -2.49
CA ILE A 14 4.17 -7.25 -1.25
C ILE A 14 4.61 -5.79 -1.34
N GLN A 15 5.82 -5.54 -1.87
CA GLN A 15 6.25 -4.14 -2.06
C GLN A 15 5.40 -3.42 -3.12
N GLN A 16 4.94 -4.11 -4.17
CA GLN A 16 4.11 -3.48 -5.20
C GLN A 16 2.71 -3.16 -4.65
N GLN A 17 2.17 -4.02 -3.78
CA GLN A 17 0.86 -3.88 -3.15
C GLN A 17 0.88 -2.63 -2.25
N LEU A 18 1.90 -2.55 -1.39
CA LEU A 18 2.19 -1.45 -0.47
C LEU A 18 2.33 -0.15 -1.28
N VAL A 19 3.18 -0.11 -2.32
CA VAL A 19 3.35 1.06 -3.21
C VAL A 19 2.02 1.48 -3.85
N LEU A 20 1.20 0.52 -4.30
CA LEU A 20 -0.13 0.79 -4.89
C LEU A 20 -1.12 1.33 -3.84
N LEU A 21 -0.98 0.95 -2.58
CA LEU A 21 -1.80 1.44 -1.46
C LEU A 21 -1.50 2.91 -1.15
N LEU A 22 -0.21 3.24 -1.10
CA LEU A 22 0.25 4.60 -0.85
C LEU A 22 -0.15 5.50 -2.02
N HIS A 23 0.04 4.98 -3.25
CA HIS A 23 -0.44 5.62 -4.47
C HIS A 23 -1.97 5.78 -4.41
N ALA A 24 -2.72 4.79 -3.96
CA ALA A 24 -4.17 4.85 -3.82
C ALA A 24 -4.61 5.98 -2.89
N HIS A 25 -4.00 6.16 -1.71
CA HIS A 25 -4.31 7.28 -0.80
C HIS A 25 -4.08 8.61 -1.51
N LYS A 26 -2.86 8.77 -2.03
CA LYS A 26 -2.39 9.90 -2.84
C LYS A 26 -3.38 10.31 -3.94
N CYS A 27 -3.71 9.34 -4.78
CA CYS A 27 -4.50 9.49 -5.97
C CYS A 27 -6.00 9.65 -5.65
N GLN A 28 -6.55 8.95 -4.65
CA GLN A 28 -7.94 9.15 -4.22
C GLN A 28 -8.11 10.60 -3.74
N ARG A 29 -7.16 11.10 -2.95
CA ARG A 29 -7.14 12.50 -2.48
C ARG A 29 -7.07 13.48 -3.65
N ARG A 30 -6.12 13.31 -4.57
CA ARG A 30 -5.97 14.21 -5.73
C ARG A 30 -7.19 14.21 -6.65
N GLU A 31 -7.75 13.02 -6.88
CA GLU A 31 -8.87 12.76 -7.77
C GLU A 31 -10.16 13.40 -7.26
N GLN A 32 -10.48 13.14 -6.00
CA GLN A 32 -11.63 13.73 -5.31
C GLN A 32 -11.47 15.25 -5.15
N ALA A 33 -10.23 15.75 -5.00
CA ALA A 33 -9.94 17.18 -4.91
C ALA A 33 -10.11 17.92 -6.26
N ASN A 34 -9.75 17.27 -7.37
CA ASN A 34 -9.86 17.80 -8.73
C ASN A 34 -10.01 16.67 -9.77
N GLY A 35 -11.24 16.47 -10.27
CA GLY A 35 -11.57 15.43 -11.25
C GLY A 35 -10.92 15.59 -12.64
N GLU A 36 -10.38 16.78 -12.98
CA GLU A 36 -9.71 17.04 -14.26
C GLU A 36 -8.27 16.50 -14.32
N VAL A 37 -7.69 16.08 -13.18
CA VAL A 37 -6.33 15.53 -13.10
C VAL A 37 -6.21 14.20 -13.87
N ARG A 38 -5.31 14.16 -14.87
CA ARG A 38 -4.99 13.01 -15.73
C ARG A 38 -3.62 12.38 -15.42
N ALA A 39 -3.02 12.74 -14.29
CA ALA A 39 -1.70 12.29 -13.81
C ALA A 39 -1.60 10.78 -13.43
N CYS A 40 -2.63 9.97 -13.66
CA CYS A 40 -2.69 8.54 -13.39
C CYS A 40 -3.51 7.79 -14.45
N SER A 41 -3.07 6.57 -14.78
CA SER A 41 -3.69 5.68 -15.77
C SER A 41 -3.64 4.17 -15.41
N LEU A 42 -3.07 3.80 -14.26
CA LEU A 42 -2.98 2.40 -13.81
C LEU A 42 -4.38 1.81 -13.51
N PRO A 43 -4.71 0.59 -13.95
CA PRO A 43 -6.00 -0.04 -13.66
C PRO A 43 -6.08 -0.58 -12.21
N HIS A 44 -4.99 -1.14 -11.68
CA HIS A 44 -4.90 -1.71 -10.34
C HIS A 44 -4.99 -0.68 -9.20
N CYS A 45 -4.69 0.59 -9.52
CA CYS A 45 -4.77 1.75 -8.61
C CYS A 45 -6.16 1.87 -7.97
N ARG A 46 -7.23 1.78 -8.79
CA ARG A 46 -8.63 1.84 -8.34
C ARG A 46 -9.03 0.65 -7.47
N THR A 47 -8.47 -0.53 -7.73
CA THR A 47 -8.67 -1.73 -6.90
C THR A 47 -8.05 -1.51 -5.52
N MET A 48 -6.82 -0.98 -5.46
CA MET A 48 -6.19 -0.62 -4.18
C MET A 48 -6.96 0.51 -3.47
N LYS A 49 -7.50 1.50 -4.18
CA LYS A 49 -8.37 2.53 -3.55
C LYS A 49 -9.61 1.89 -2.93
N ASN A 50 -10.21 0.89 -3.59
CA ASN A 50 -11.36 0.16 -3.03
C ASN A 50 -10.96 -0.60 -1.74
N VAL A 51 -9.79 -1.25 -1.76
CA VAL A 51 -9.19 -1.93 -0.58
C VAL A 51 -8.92 -0.92 0.54
N LEU A 52 -8.46 0.29 0.21
CA LEU A 52 -8.18 1.34 1.19
C LEU A 52 -9.49 1.91 1.78
N ASN A 53 -10.53 2.11 0.96
CA ASN A 53 -11.85 2.50 1.44
C ASN A 53 -12.37 1.45 2.43
N HIS A 54 -12.20 0.16 2.11
CA HIS A 54 -12.56 -0.93 3.00
C HIS A 54 -11.73 -0.85 4.27
N MET A 55 -10.41 -0.90 4.19
CA MET A 55 -9.52 -0.91 5.37
C MET A 55 -9.69 0.30 6.27
N THR A 56 -10.15 1.45 5.74
CA THR A 56 -10.43 2.63 6.57
C THR A 56 -11.80 2.53 7.27
N HIS A 57 -12.83 1.97 6.60
CA HIS A 57 -14.13 1.71 7.26
C HIS A 57 -14.13 0.45 8.16
N CYS A 58 -13.18 -0.46 7.95
CA CYS A 58 -12.98 -1.73 8.65
C CYS A 58 -12.80 -1.55 10.17
N GLN A 59 -13.29 -2.52 10.94
CA GLN A 59 -13.24 -2.51 12.41
C GLN A 59 -12.31 -3.58 13.00
N ALA A 60 -11.92 -4.61 12.23
CA ALA A 60 -10.95 -5.61 12.67
C ALA A 60 -9.52 -5.21 12.33
N PRO A 61 -9.30 -4.70 11.11
CA PRO A 61 -8.02 -4.33 10.50
C PRO A 61 -6.97 -5.47 10.41
N LYS A 62 -6.50 -5.95 11.57
CA LYS A 62 -5.52 -7.05 11.75
C LYS A 62 -6.19 -8.42 11.63
N ALA A 63 -7.35 -8.55 12.27
CA ALA A 63 -8.21 -9.73 12.32
C ALA A 63 -9.07 -9.91 11.04
N CYS A 64 -9.09 -8.91 10.15
CA CYS A 64 -9.83 -8.84 8.89
C CYS A 64 -9.12 -9.65 7.82
N GLN A 65 -8.97 -10.92 8.18
CA GLN A 65 -8.45 -12.09 7.45
C GLN A 65 -8.84 -12.15 5.95
N VAL A 66 -9.75 -11.29 5.47
CA VAL A 66 -10.06 -11.11 4.04
C VAL A 66 -8.74 -10.81 3.34
N ALA A 67 -8.33 -11.66 2.39
CA ALA A 67 -7.03 -11.61 1.70
C ALA A 67 -6.45 -10.20 1.48
N HIS A 68 -7.17 -9.38 0.72
CA HIS A 68 -6.75 -8.02 0.40
C HIS A 68 -6.64 -7.09 1.62
N CYS A 69 -7.61 -7.08 2.53
CA CYS A 69 -7.59 -6.20 3.71
C CYS A 69 -6.50 -6.62 4.73
N ALA A 70 -6.43 -7.91 5.08
CA ALA A 70 -5.39 -8.42 5.97
C ALA A 70 -4.00 -8.11 5.41
N SER A 71 -3.80 -8.33 4.10
CA SER A 71 -2.53 -7.97 3.45
C SER A 71 -2.29 -6.46 3.55
N SER A 72 -3.26 -5.62 3.16
CA SER A 72 -3.21 -4.15 3.18
C SER A 72 -2.82 -3.57 4.54
N ARG A 73 -3.46 -4.02 5.62
CA ARG A 73 -3.16 -3.55 6.97
C ARG A 73 -1.80 -4.05 7.43
N GLN A 74 -1.41 -5.29 7.12
CA GLN A 74 -0.06 -5.78 7.45
C GLN A 74 1.05 -4.94 6.78
N ILE A 75 0.93 -4.64 5.48
CA ILE A 75 1.93 -3.85 4.75
C ILE A 75 2.02 -2.41 5.23
N ILE A 76 0.88 -1.74 5.33
CA ILE A 76 0.85 -0.34 5.77
C ILE A 76 1.28 -0.19 7.24
N SER A 77 0.93 -1.14 8.11
CA SER A 77 1.35 -1.14 9.52
C SER A 77 2.88 -1.38 9.61
N HIS A 78 3.44 -2.29 8.80
CA HIS A 78 4.90 -2.46 8.73
C HIS A 78 5.56 -1.13 8.30
N TRP A 79 5.11 -0.56 7.18
CA TRP A 79 5.64 0.71 6.65
C TRP A 79 5.58 1.86 7.68
N LYS A 80 4.49 1.93 8.47
CA LYS A 80 4.35 2.92 9.56
C LYS A 80 5.36 2.70 10.70
N ASN A 81 5.52 1.45 11.15
CA ASN A 81 6.38 1.09 12.28
C ASN A 81 7.90 0.97 11.97
N CYS A 82 8.29 0.68 10.73
CA CYS A 82 9.67 0.42 10.34
C CYS A 82 10.66 1.58 10.57
N THR A 83 11.56 1.39 11.54
CA THR A 83 12.63 2.33 11.93
C THR A 83 13.98 1.98 11.27
N ARG A 84 14.04 0.91 10.46
CA ARG A 84 15.25 0.42 9.77
C ARG A 84 15.90 1.48 8.87
N HIS A 85 17.23 1.48 8.85
CA HIS A 85 18.09 2.32 8.04
C HIS A 85 18.22 1.85 6.56
N ASP A 86 17.73 0.65 6.22
CA ASP A 86 17.90 0.02 4.91
C ASP A 86 16.83 -1.03 4.55
N CYS A 87 15.52 -0.75 4.74
CA CYS A 87 14.50 -1.73 4.36
C CYS A 87 14.31 -1.61 2.81
N PRO A 88 13.99 -2.69 2.07
CA PRO A 88 13.92 -2.66 0.60
C PRO A 88 12.68 -1.93 0.03
N VAL A 89 11.86 -1.30 0.89
CA VAL A 89 10.64 -0.58 0.52
C VAL A 89 10.54 0.78 1.24
N CYS A 90 10.83 0.78 2.54
CA CYS A 90 10.97 1.95 3.39
C CYS A 90 11.96 2.98 2.86
N LEU A 91 13.26 2.66 2.79
CA LEU A 91 14.26 3.58 2.27
C LEU A 91 13.92 4.17 0.89
N PRO A 92 13.54 3.36 -0.13
CA PRO A 92 13.04 3.88 -1.40
C PRO A 92 11.94 4.94 -1.24
N LEU A 93 10.83 4.60 -0.56
CA LEU A 93 9.70 5.54 -0.37
C LEU A 93 10.04 6.74 0.51
N LYS A 94 10.94 6.56 1.48
CA LYS A 94 11.34 7.60 2.43
C LYS A 94 12.11 8.67 1.65
N ASN A 95 13.02 8.25 0.75
CA ASN A 95 13.73 9.13 -0.17
C ASN A 95 12.76 9.72 -1.23
N ALA A 96 11.83 8.92 -1.75
CA ALA A 96 10.80 9.33 -2.71
C ALA A 96 9.82 10.39 -2.17
N SER A 97 9.82 10.65 -0.85
CA SER A 97 8.96 11.62 -0.16
C SER A 97 9.71 12.82 0.41
N ASP A 98 11.05 12.79 0.47
CA ASP A 98 11.89 13.90 0.95
C ASP A 98 11.65 15.19 0.15
N LYS A 99 11.39 15.04 -1.16
CA LYS A 99 11.07 16.10 -2.13
C LYS A 99 9.98 15.63 -3.09
N ARG A 100 9.14 16.56 -3.56
CA ARG A 100 8.00 16.36 -4.47
C ARG A 100 7.90 17.47 -5.51
N ALA A 1 6.90 -18.85 12.76
CA ALA A 1 7.61 -18.09 11.69
C ALA A 1 7.66 -16.60 12.02
N THR A 2 8.73 -15.95 11.57
CA THR A 2 8.89 -14.48 11.62
C THR A 2 7.85 -13.82 10.71
N GLY A 3 7.53 -14.52 9.62
CA GLY A 3 6.49 -14.28 8.63
C GLY A 3 6.51 -15.37 7.55
N PRO A 4 5.35 -15.66 6.92
CA PRO A 4 5.23 -16.60 5.81
C PRO A 4 5.91 -16.10 4.51
N THR A 5 6.45 -14.87 4.52
CA THR A 5 7.17 -14.14 3.46
C THR A 5 8.55 -14.75 3.10
N ALA A 6 8.68 -16.08 3.18
CA ALA A 6 9.91 -16.86 2.98
C ALA A 6 10.25 -17.13 1.49
N ASP A 7 9.73 -16.33 0.56
CA ASP A 7 9.90 -16.52 -0.88
C ASP A 7 9.93 -15.18 -1.66
N PRO A 8 10.82 -14.97 -2.65
CA PRO A 8 10.89 -13.73 -3.42
C PRO A 8 9.59 -13.26 -4.07
N GLU A 9 8.67 -14.14 -4.47
CA GLU A 9 7.40 -13.71 -5.06
C GLU A 9 6.49 -13.06 -4.02
N LYS A 10 6.59 -13.48 -2.76
CA LYS A 10 5.91 -12.82 -1.65
C LYS A 10 6.52 -11.44 -1.45
N ARG A 11 7.85 -11.27 -1.59
CA ARG A 11 8.56 -9.96 -1.54
C ARG A 11 8.00 -8.97 -2.56
N LYS A 12 8.11 -9.27 -3.86
CA LYS A 12 7.55 -8.43 -4.94
C LYS A 12 6.04 -8.23 -4.77
N LEU A 13 5.27 -9.27 -4.46
CA LEU A 13 3.82 -9.12 -4.29
C LEU A 13 3.49 -8.16 -3.13
N ILE A 14 4.14 -8.32 -1.95
CA ILE A 14 3.86 -7.47 -0.78
C ILE A 14 4.20 -6.00 -1.04
N GLN A 15 5.38 -5.74 -1.62
CA GLN A 15 5.74 -4.36 -1.98
C GLN A 15 4.80 -3.81 -3.06
N GLN A 16 4.29 -4.64 -3.98
CA GLN A 16 3.32 -4.21 -4.97
C GLN A 16 2.00 -3.78 -4.29
N GLN A 17 1.48 -4.50 -3.28
CA GLN A 17 0.33 -4.00 -2.51
C GLN A 17 0.60 -2.63 -1.91
N LEU A 18 1.71 -2.51 -1.18
CA LEU A 18 2.15 -1.27 -0.54
C LEU A 18 2.26 -0.11 -1.56
N VAL A 19 2.96 -0.29 -2.68
CA VAL A 19 3.10 0.73 -3.74
C VAL A 19 1.74 1.12 -4.35
N LEU A 20 0.84 0.16 -4.55
CA LEU A 20 -0.51 0.39 -5.09
C LEU A 20 -1.40 1.11 -4.07
N LEU A 21 -1.22 0.83 -2.78
CA LEU A 21 -1.87 1.50 -1.64
C LEU A 21 -1.50 2.98 -1.64
N LEU A 22 -0.20 3.27 -1.81
CA LEU A 22 0.30 4.64 -1.85
C LEU A 22 -0.23 5.34 -3.11
N HIS A 23 -0.31 4.67 -4.26
CA HIS A 23 -0.96 5.25 -5.44
C HIS A 23 -2.44 5.55 -5.12
N ALA A 24 -3.17 4.63 -4.48
CA ALA A 24 -4.56 4.84 -4.10
C ALA A 24 -4.75 6.06 -3.18
N HIS A 25 -3.85 6.30 -2.23
CA HIS A 25 -3.88 7.48 -1.35
C HIS A 25 -3.67 8.76 -2.18
N LYS A 26 -2.57 8.79 -2.94
CA LYS A 26 -2.18 9.82 -3.91
C LYS A 26 -3.31 10.23 -4.86
N CYS A 27 -3.90 9.22 -5.49
CA CYS A 27 -4.90 9.37 -6.51
C CYS A 27 -6.26 9.78 -5.91
N GLN A 28 -6.66 9.27 -4.74
CA GLN A 28 -7.84 9.81 -4.04
C GLN A 28 -7.64 11.30 -3.74
N ARG A 29 -6.45 11.69 -3.26
CA ARG A 29 -6.09 13.09 -2.99
C ARG A 29 -6.19 13.97 -4.23
N ARG A 30 -5.46 13.64 -5.32
CA ARG A 30 -5.47 14.46 -6.54
C ARG A 30 -6.84 14.52 -7.23
N GLU A 31 -7.63 13.45 -7.12
CA GLU A 31 -9.00 13.38 -7.64
C GLU A 31 -9.95 14.31 -6.86
N GLN A 32 -10.05 14.11 -5.54
CA GLN A 32 -10.88 14.91 -4.64
C GLN A 32 -10.47 16.39 -4.55
N ALA A 33 -9.19 16.71 -4.77
CA ALA A 33 -8.67 18.08 -4.73
C ALA A 33 -9.20 19.02 -5.84
N ASN A 34 -9.91 18.50 -6.85
CA ASN A 34 -10.46 19.26 -7.97
C ASN A 34 -11.82 18.74 -8.48
N GLY A 35 -12.01 17.42 -8.54
CA GLY A 35 -13.26 16.77 -8.99
C GLY A 35 -13.24 16.20 -10.41
N GLU A 36 -12.28 16.59 -11.26
CA GLU A 36 -12.18 16.16 -12.67
C GLU A 36 -10.91 15.37 -13.03
N VAL A 37 -9.88 15.33 -12.15
CA VAL A 37 -8.59 14.59 -12.35
C VAL A 37 -8.75 13.07 -12.14
N ARG A 38 -9.91 12.54 -12.51
CA ARG A 38 -10.31 11.12 -12.43
C ARG A 38 -9.52 10.26 -13.43
N ALA A 39 -9.19 10.82 -14.60
CA ALA A 39 -8.41 10.17 -15.64
C ALA A 39 -7.07 9.67 -15.07
N CYS A 40 -6.79 8.38 -15.26
CA CYS A 40 -5.63 7.67 -14.71
C CYS A 40 -5.02 6.71 -15.76
N SER A 41 -3.93 6.02 -15.41
CA SER A 41 -3.16 5.14 -16.32
C SER A 41 -2.67 3.83 -15.66
N LEU A 42 -3.36 3.38 -14.61
CA LEU A 42 -3.03 2.19 -13.82
C LEU A 42 -4.28 1.29 -13.61
N PRO A 43 -4.39 0.10 -14.23
CA PRO A 43 -5.54 -0.79 -14.08
C PRO A 43 -5.89 -1.17 -12.63
N HIS A 44 -4.88 -1.44 -11.81
CA HIS A 44 -5.02 -1.84 -10.40
C HIS A 44 -5.40 -0.70 -9.42
N CYS A 45 -5.37 0.56 -9.89
CA CYS A 45 -5.66 1.76 -9.13
C CYS A 45 -6.96 1.67 -8.31
N ARG A 46 -8.08 1.43 -8.99
CA ARG A 46 -9.42 1.32 -8.38
C ARG A 46 -9.55 0.13 -7.43
N THR A 47 -8.85 -0.96 -7.71
CA THR A 47 -8.80 -2.16 -6.85
C THR A 47 -8.16 -1.79 -5.52
N MET A 48 -6.96 -1.19 -5.52
CA MET A 48 -6.34 -0.76 -4.27
C MET A 48 -7.06 0.41 -3.60
N LYS A 49 -7.68 1.34 -4.34
CA LYS A 49 -8.54 2.39 -3.75
C LYS A 49 -9.69 1.75 -2.97
N ASN A 50 -10.29 0.66 -3.49
CA ASN A 50 -11.35 -0.07 -2.79
C ASN A 50 -10.79 -0.77 -1.54
N VAL A 51 -9.63 -1.41 -1.64
CA VAL A 51 -8.91 -2.06 -0.51
C VAL A 51 -8.54 -1.04 0.56
N LEU A 52 -8.14 0.18 0.18
CA LEU A 52 -7.78 1.25 1.10
C LEU A 52 -9.02 1.76 1.85
N ASN A 53 -10.10 2.07 1.14
CA ASN A 53 -11.38 2.46 1.77
C ASN A 53 -11.86 1.36 2.72
N HIS A 54 -11.70 0.09 2.32
CA HIS A 54 -12.00 -1.04 3.19
C HIS A 54 -11.09 -1.00 4.42
N MET A 55 -9.76 -0.80 4.27
CA MET A 55 -8.87 -0.70 5.44
C MET A 55 -9.26 0.46 6.39
N THR A 56 -9.91 1.52 5.87
CA THR A 56 -10.38 2.63 6.73
C THR A 56 -11.61 2.19 7.53
N HIS A 57 -12.51 1.41 6.93
CA HIS A 57 -13.69 0.87 7.60
C HIS A 57 -13.40 -0.38 8.48
N CYS A 58 -12.37 -1.15 8.14
CA CYS A 58 -11.94 -2.42 8.75
C CYS A 58 -11.51 -2.28 10.21
N GLN A 59 -11.98 -3.23 11.03
CA GLN A 59 -11.69 -3.30 12.47
C GLN A 59 -10.93 -4.59 12.87
N ALA A 60 -10.86 -5.60 12.00
CA ALA A 60 -10.07 -6.80 12.26
C ALA A 60 -8.58 -6.57 11.96
N PRO A 61 -8.28 -6.01 10.78
CA PRO A 61 -6.95 -5.76 10.21
C PRO A 61 -6.09 -7.02 10.01
N LYS A 62 -5.73 -7.70 11.11
CA LYS A 62 -4.96 -8.95 11.17
C LYS A 62 -5.85 -10.16 10.89
N ALA A 63 -7.01 -10.21 11.56
CA ALA A 63 -8.02 -11.25 11.42
C ALA A 63 -8.83 -11.10 10.11
N CYS A 64 -8.67 -9.98 9.39
CA CYS A 64 -9.28 -9.66 8.10
C CYS A 64 -8.52 -10.36 6.97
N GLN A 65 -8.28 -11.64 7.19
CA GLN A 65 -7.62 -12.67 6.38
C GLN A 65 -7.83 -12.57 4.85
N VAL A 66 -8.75 -11.71 4.36
CA VAL A 66 -8.91 -11.39 2.93
C VAL A 66 -7.53 -10.98 2.41
N ALA A 67 -6.96 -11.75 1.47
CA ALA A 67 -5.59 -11.59 0.96
C ALA A 67 -5.06 -10.15 0.90
N HIS A 68 -5.68 -9.32 0.07
CA HIS A 68 -5.27 -7.93 -0.11
C HIS A 68 -5.44 -7.07 1.16
N CYS A 69 -6.52 -7.21 1.94
CA CYS A 69 -6.70 -6.39 3.15
C CYS A 69 -5.74 -6.81 4.28
N ALA A 70 -5.65 -8.11 4.60
CA ALA A 70 -4.70 -8.63 5.59
C ALA A 70 -3.28 -8.15 5.25
N SER A 71 -2.88 -8.31 3.97
CA SER A 71 -1.60 -7.80 3.51
C SER A 71 -1.51 -6.28 3.71
N SER A 72 -2.44 -5.49 3.14
CA SER A 72 -2.48 -4.03 3.20
C SER A 72 -2.20 -3.47 4.59
N ARG A 73 -2.95 -3.92 5.61
CA ARG A 73 -2.77 -3.44 6.98
C ARG A 73 -1.47 -3.95 7.57
N GLN A 74 -1.05 -5.20 7.30
CA GLN A 74 0.25 -5.69 7.78
C GLN A 74 1.43 -4.88 7.19
N ILE A 75 1.46 -4.58 5.89
CA ILE A 75 2.53 -3.75 5.30
C ILE A 75 2.52 -2.31 5.79
N ILE A 76 1.36 -1.67 5.83
CA ILE A 76 1.27 -0.26 6.24
C ILE A 76 1.54 -0.09 7.75
N SER A 77 1.11 -1.05 8.59
CA SER A 77 1.41 -1.08 10.03
C SER A 77 2.91 -1.31 10.25
N HIS A 78 3.53 -2.22 9.47
CA HIS A 78 4.98 -2.41 9.48
C HIS A 78 5.65 -1.05 9.22
N TRP A 79 5.32 -0.39 8.10
CA TRP A 79 5.89 0.88 7.67
C TRP A 79 5.74 2.00 8.73
N LYS A 80 4.60 2.03 9.43
CA LYS A 80 4.34 2.97 10.53
C LYS A 80 5.29 2.73 11.70
N ASN A 81 5.48 1.47 12.09
CA ASN A 81 6.36 1.06 13.20
C ASN A 81 7.87 1.02 12.86
N CYS A 82 8.23 0.87 11.58
CA CYS A 82 9.58 0.71 11.07
C CYS A 82 10.54 1.87 11.38
N THR A 83 11.49 1.62 12.28
CA THR A 83 12.58 2.52 12.67
C THR A 83 13.89 2.21 11.92
N ARG A 84 13.92 1.08 11.17
CA ARG A 84 15.07 0.63 10.37
C ARG A 84 15.46 1.69 9.35
N HIS A 85 16.67 2.24 9.52
CA HIS A 85 17.29 3.29 8.71
C HIS A 85 17.46 2.98 7.20
N ASP A 86 17.23 1.73 6.77
CA ASP A 86 17.44 1.24 5.41
C ASP A 86 16.52 0.07 5.03
N CYS A 87 15.19 0.18 5.26
CA CYS A 87 14.25 -0.86 4.88
C CYS A 87 14.06 -0.78 3.33
N PRO A 88 13.94 -1.92 2.60
CA PRO A 88 13.98 -2.02 1.13
C PRO A 88 12.98 -1.18 0.32
N VAL A 89 11.92 -0.71 0.96
CA VAL A 89 10.81 0.03 0.31
C VAL A 89 10.43 1.29 1.10
N CYS A 90 10.47 1.16 2.44
CA CYS A 90 10.31 2.17 3.50
C CYS A 90 11.10 3.41 3.10
N LEU A 91 12.43 3.33 3.14
CA LEU A 91 13.34 4.42 2.82
C LEU A 91 13.14 5.03 1.43
N PRO A 92 13.17 4.27 0.31
CA PRO A 92 12.89 4.82 -1.02
C PRO A 92 11.66 5.71 -1.11
N LEU A 93 10.49 5.18 -0.72
CA LEU A 93 9.23 5.95 -0.81
C LEU A 93 9.14 7.04 0.26
N LYS A 94 9.77 6.86 1.42
CA LYS A 94 9.73 7.84 2.52
C LYS A 94 10.48 9.09 2.01
N ASN A 95 11.64 8.88 1.39
CA ASN A 95 12.43 9.92 0.72
C ASN A 95 11.67 10.51 -0.49
N ALA A 96 11.05 9.67 -1.34
CA ALA A 96 10.26 10.08 -2.50
C ALA A 96 9.06 10.98 -2.14
N SER A 97 8.57 10.89 -0.89
CA SER A 97 7.49 11.72 -0.35
C SER A 97 8.04 12.97 0.35
N ASP A 98 9.18 12.86 1.03
CA ASP A 98 9.87 14.00 1.65
C ASP A 98 10.33 15.04 0.60
N LYS A 99 10.78 14.57 -0.57
CA LYS A 99 11.20 15.38 -1.71
C LYS A 99 11.07 14.68 -3.07
N ARG A 100 10.90 15.46 -4.13
CA ARG A 100 10.78 15.00 -5.54
C ARG A 100 12.05 14.31 -6.04
N ALA A 1 8.32 -20.59 9.37
CA ALA A 1 9.30 -19.79 8.59
C ALA A 1 10.12 -18.88 9.48
N THR A 2 11.37 -18.64 9.09
CA THR A 2 12.26 -17.63 9.70
C THR A 2 11.69 -16.23 9.43
N GLY A 3 11.00 -16.09 8.29
CA GLY A 3 10.21 -14.97 7.83
C GLY A 3 9.67 -15.21 6.40
N PRO A 4 8.58 -14.54 6.01
CA PRO A 4 8.03 -14.58 4.65
C PRO A 4 9.01 -13.99 3.63
N THR A 5 9.98 -13.19 4.12
CA THR A 5 11.07 -12.54 3.37
C THR A 5 12.07 -13.51 2.73
N ALA A 6 12.00 -14.82 3.04
CA ALA A 6 12.87 -15.85 2.49
C ALA A 6 12.50 -16.31 1.06
N ASP A 7 11.40 -15.78 0.50
CA ASP A 7 10.88 -16.10 -0.83
C ASP A 7 10.73 -14.80 -1.66
N PRO A 8 11.49 -14.61 -2.75
CA PRO A 8 11.44 -13.42 -3.60
C PRO A 8 10.04 -13.00 -4.07
N GLU A 9 9.12 -13.94 -4.30
CA GLU A 9 7.74 -13.63 -4.71
C GLU A 9 7.04 -12.76 -3.66
N LYS A 10 7.30 -13.02 -2.38
CA LYS A 10 6.78 -12.19 -1.30
C LYS A 10 7.39 -10.81 -1.43
N ARG A 11 8.72 -10.68 -1.56
CA ARG A 11 9.42 -9.40 -1.80
C ARG A 11 8.76 -8.55 -2.89
N LYS A 12 8.73 -9.02 -4.14
CA LYS A 12 8.15 -8.30 -5.30
C LYS A 12 6.65 -8.04 -5.17
N LEU A 13 5.81 -9.07 -4.96
CA LEU A 13 4.37 -8.82 -4.80
C LEU A 13 3.97 -8.01 -3.57
N ILE A 14 4.55 -8.22 -2.39
CA ILE A 14 4.23 -7.43 -1.18
C ILE A 14 4.63 -5.97 -1.35
N GLN A 15 5.83 -5.70 -1.87
CA GLN A 15 6.23 -4.31 -2.14
C GLN A 15 5.32 -3.67 -3.19
N GLN A 16 4.89 -4.42 -4.21
CA GLN A 16 3.96 -3.93 -5.21
C GLN A 16 2.62 -3.52 -4.56
N GLN A 17 2.04 -4.31 -3.65
CA GLN A 17 0.87 -3.85 -2.89
C GLN A 17 1.10 -2.56 -2.11
N LEU A 18 2.18 -2.51 -1.32
CA LEU A 18 2.55 -1.33 -0.52
C LEU A 18 2.65 -0.08 -1.42
N VAL A 19 3.37 -0.16 -2.56
CA VAL A 19 3.48 0.94 -3.54
C VAL A 19 2.11 1.30 -4.15
N LEU A 20 1.25 0.31 -4.42
CA LEU A 20 -0.11 0.52 -4.95
C LEU A 20 -1.02 1.18 -3.91
N LEU A 21 -0.84 0.85 -2.64
CA LEU A 21 -1.54 1.42 -1.48
C LEU A 21 -1.21 2.90 -1.35
N LEU A 22 0.07 3.25 -1.40
CA LEU A 22 0.52 4.62 -1.31
C LEU A 22 0.05 5.42 -2.53
N HIS A 23 0.10 4.83 -3.74
CA HIS A 23 -0.45 5.47 -4.93
C HIS A 23 -1.97 5.65 -4.77
N ALA A 24 -2.69 4.65 -4.28
CA ALA A 24 -4.14 4.73 -4.07
C ALA A 24 -4.51 5.87 -3.11
N HIS A 25 -3.80 6.05 -1.98
CA HIS A 25 -4.03 7.16 -1.05
C HIS A 25 -3.82 8.52 -1.75
N LYS A 26 -2.64 8.65 -2.37
CA LYS A 26 -2.22 9.80 -3.21
C LYS A 26 -3.28 10.20 -4.22
N CYS A 27 -3.69 9.23 -5.03
CA CYS A 27 -4.61 9.39 -6.13
C CYS A 27 -6.06 9.55 -5.65
N GLN A 28 -6.47 8.97 -4.51
CA GLN A 28 -7.78 9.21 -3.90
C GLN A 28 -7.89 10.69 -3.48
N ARG A 29 -6.81 11.23 -2.90
CA ARG A 29 -6.69 12.66 -2.56
C ARG A 29 -6.72 13.54 -3.81
N ARG A 30 -5.89 13.21 -4.82
CA ARG A 30 -5.84 13.98 -6.07
C ARG A 30 -7.19 14.00 -6.80
N GLU A 31 -7.87 12.86 -6.77
CA GLU A 31 -9.15 12.68 -7.45
C GLU A 31 -10.24 13.53 -6.78
N GLN A 32 -10.43 13.33 -5.47
CA GLN A 32 -11.43 14.10 -4.71
C GLN A 32 -11.11 15.61 -4.61
N ALA A 33 -9.84 16.01 -4.76
CA ALA A 33 -9.42 17.42 -4.68
C ALA A 33 -10.05 18.33 -5.76
N ASN A 34 -10.49 17.78 -6.90
CA ASN A 34 -11.11 18.55 -7.99
C ASN A 34 -12.29 17.82 -8.71
N GLY A 35 -12.42 16.51 -8.56
CA GLY A 35 -13.50 15.69 -9.17
C GLY A 35 -13.32 15.37 -10.66
N GLU A 36 -12.27 15.87 -11.31
CA GLU A 36 -11.98 15.69 -12.74
C GLU A 36 -10.65 14.94 -13.02
N VAL A 37 -9.76 14.81 -12.03
CA VAL A 37 -8.46 14.11 -12.15
C VAL A 37 -8.67 12.59 -11.99
N ARG A 38 -9.44 12.00 -12.92
CA ARG A 38 -9.86 10.60 -12.91
C ARG A 38 -9.19 9.73 -13.99
N ALA A 39 -8.45 10.34 -14.91
CA ALA A 39 -7.74 9.70 -16.04
C ALA A 39 -6.52 8.81 -15.67
N CYS A 40 -6.50 8.21 -14.47
CA CYS A 40 -5.42 7.36 -13.98
C CYS A 40 -5.19 6.12 -14.87
N SER A 41 -4.01 6.06 -15.50
CA SER A 41 -3.55 5.02 -16.45
C SER A 41 -3.16 3.67 -15.83
N LEU A 42 -3.66 3.34 -14.63
CA LEU A 42 -3.31 2.14 -13.86
C LEU A 42 -4.56 1.38 -13.37
N PRO A 43 -5.01 0.31 -14.05
CA PRO A 43 -6.19 -0.47 -13.66
C PRO A 43 -6.23 -0.92 -12.18
N HIS A 44 -5.08 -1.34 -11.63
CA HIS A 44 -4.93 -1.79 -10.23
C HIS A 44 -5.21 -0.69 -9.18
N CYS A 45 -5.08 0.58 -9.57
CA CYS A 45 -5.29 1.74 -8.71
C CYS A 45 -6.69 1.77 -8.10
N ARG A 46 -7.76 1.66 -8.92
CA ARG A 46 -9.16 1.62 -8.44
C ARG A 46 -9.44 0.46 -7.49
N THR A 47 -8.80 -0.70 -7.70
CA THR A 47 -8.89 -1.87 -6.83
C THR A 47 -8.29 -1.54 -5.46
N MET A 48 -7.06 -1.03 -5.41
CA MET A 48 -6.42 -0.65 -4.14
C MET A 48 -7.10 0.57 -3.47
N LYS A 49 -7.66 1.52 -4.23
CA LYS A 49 -8.48 2.62 -3.71
C LYS A 49 -9.72 2.05 -3.00
N ASN A 50 -10.35 1.01 -3.57
CA ASN A 50 -11.49 0.32 -2.93
C ASN A 50 -11.03 -0.45 -1.68
N VAL A 51 -9.86 -1.07 -1.71
CA VAL A 51 -9.25 -1.75 -0.55
C VAL A 51 -8.95 -0.75 0.56
N LEU A 52 -8.48 0.47 0.25
CA LEU A 52 -8.27 1.51 1.27
C LEU A 52 -9.59 1.97 1.88
N ASN A 53 -10.63 2.17 1.05
CA ASN A 53 -11.96 2.53 1.55
C ASN A 53 -12.49 1.43 2.51
N HIS A 54 -12.28 0.17 2.15
CA HIS A 54 -12.65 -0.96 2.99
C HIS A 54 -11.81 -1.00 4.27
N MET A 55 -10.48 -1.01 4.15
CA MET A 55 -9.55 -1.11 5.29
C MET A 55 -9.75 0.03 6.30
N THR A 56 -10.21 1.21 5.87
CA THR A 56 -10.52 2.32 6.79
C THR A 56 -11.90 2.13 7.44
N HIS A 57 -12.91 1.69 6.67
CA HIS A 57 -14.26 1.41 7.17
C HIS A 57 -14.36 0.10 8.02
N CYS A 58 -13.34 -0.76 7.92
CA CYS A 58 -13.21 -2.07 8.55
C CYS A 58 -13.41 -2.08 10.08
N GLN A 59 -13.71 -3.26 10.62
CA GLN A 59 -13.94 -3.53 12.05
C GLN A 59 -12.99 -4.57 12.64
N ALA A 60 -11.90 -4.85 11.93
CA ALA A 60 -10.81 -5.73 12.32
C ALA A 60 -9.47 -5.28 11.74
N PRO A 61 -9.48 -4.85 10.48
CA PRO A 61 -8.33 -4.45 9.66
C PRO A 61 -7.25 -5.53 9.47
N LYS A 62 -6.53 -5.88 10.56
CA LYS A 62 -5.47 -6.91 10.58
C LYS A 62 -6.05 -8.33 10.69
N ALA A 63 -7.10 -8.47 11.49
CA ALA A 63 -7.89 -9.68 11.74
C ALA A 63 -8.92 -9.95 10.62
N CYS A 64 -9.12 -8.98 9.70
CA CYS A 64 -10.00 -9.01 8.54
C CYS A 64 -9.31 -9.82 7.44
N GLN A 65 -9.17 -11.09 7.75
CA GLN A 65 -8.60 -12.20 6.98
C GLN A 65 -8.88 -12.19 5.46
N VAL A 66 -9.76 -11.32 4.95
CA VAL A 66 -9.95 -11.10 3.50
C VAL A 66 -8.59 -10.74 2.93
N ALA A 67 -8.09 -11.51 1.95
CA ALA A 67 -6.74 -11.40 1.40
C ALA A 67 -6.17 -9.97 1.30
N HIS A 68 -6.79 -9.12 0.49
CA HIS A 68 -6.30 -7.75 0.30
C HIS A 68 -6.44 -6.85 1.54
N CYS A 69 -7.47 -7.00 2.39
CA CYS A 69 -7.60 -6.19 3.61
C CYS A 69 -6.55 -6.57 4.65
N ALA A 70 -6.48 -7.85 5.03
CA ALA A 70 -5.49 -8.38 5.96
C ALA A 70 -4.08 -8.00 5.52
N SER A 71 -3.75 -8.23 4.23
CA SER A 71 -2.44 -7.85 3.69
C SER A 71 -2.24 -6.34 3.76
N SER A 72 -3.09 -5.54 3.12
CA SER A 72 -3.01 -4.06 3.10
C SER A 72 -2.74 -3.45 4.48
N ARG A 73 -3.52 -3.81 5.50
CA ARG A 73 -3.34 -3.36 6.87
C ARG A 73 -2.02 -3.84 7.47
N GLN A 74 -1.63 -5.11 7.26
CA GLN A 74 -0.34 -5.62 7.77
C GLN A 74 0.88 -4.88 7.20
N ILE A 75 0.95 -4.64 5.87
CA ILE A 75 2.03 -3.85 5.25
C ILE A 75 2.05 -2.38 5.63
N ILE A 76 0.89 -1.72 5.62
CA ILE A 76 0.82 -0.30 5.98
C ILE A 76 1.14 -0.15 7.48
N SER A 77 0.80 -1.13 8.32
CA SER A 77 1.15 -1.12 9.75
C SER A 77 2.67 -1.29 9.92
N HIS A 78 3.29 -2.19 9.14
CA HIS A 78 4.74 -2.31 9.06
C HIS A 78 5.36 -0.96 8.66
N TRP A 79 4.93 -0.36 7.54
CA TRP A 79 5.44 0.92 7.05
C TRP A 79 5.31 2.05 8.09
N LYS A 80 4.21 2.06 8.86
CA LYS A 80 4.00 3.03 9.95
C LYS A 80 5.00 2.83 11.11
N ASN A 81 5.23 1.59 11.52
CA ASN A 81 6.13 1.22 12.62
C ASN A 81 7.64 1.18 12.24
N CYS A 82 7.98 1.11 10.95
CA CYS A 82 9.34 0.98 10.44
C CYS A 82 10.23 2.24 10.60
N THR A 83 10.76 2.43 11.81
CA THR A 83 11.75 3.48 12.14
C THR A 83 13.16 3.13 11.63
N ARG A 84 13.32 1.91 11.07
CA ARG A 84 14.58 1.33 10.58
C ARG A 84 15.25 2.16 9.47
N HIS A 85 16.58 2.12 9.48
CA HIS A 85 17.50 2.82 8.58
C HIS A 85 17.72 2.19 7.19
N ASP A 86 17.25 0.95 6.93
CA ASP A 86 17.58 0.20 5.71
C ASP A 86 16.52 -0.83 5.24
N CYS A 87 15.22 -0.49 5.22
CA CYS A 87 14.21 -1.46 4.79
C CYS A 87 14.07 -1.42 3.24
N PRO A 88 13.85 -2.57 2.56
CA PRO A 88 13.78 -2.69 1.09
C PRO A 88 12.76 -1.80 0.35
N VAL A 89 11.80 -1.21 1.06
CA VAL A 89 10.69 -0.42 0.49
C VAL A 89 10.56 0.95 1.16
N CYS A 90 10.70 0.98 2.49
CA CYS A 90 10.76 2.17 3.33
C CYS A 90 11.81 3.17 2.86
N LEU A 91 13.09 2.83 2.86
CA LEU A 91 14.15 3.74 2.43
C LEU A 91 13.93 4.34 1.03
N PRO A 92 13.65 3.56 -0.03
CA PRO A 92 13.26 4.10 -1.33
C PRO A 92 12.13 5.15 -1.25
N LEU A 93 10.99 4.79 -0.65
CA LEU A 93 9.84 5.70 -0.55
C LEU A 93 10.08 6.90 0.35
N LYS A 94 10.93 6.74 1.37
CA LYS A 94 11.27 7.79 2.34
C LYS A 94 12.08 8.87 1.62
N ASN A 95 13.04 8.46 0.79
CA ASN A 95 13.80 9.37 -0.08
C ASN A 95 12.90 9.97 -1.17
N ALA A 96 11.97 9.18 -1.73
CA ALA A 96 10.97 9.61 -2.71
C ALA A 96 9.90 10.59 -2.12
N SER A 97 9.91 10.79 -0.80
CA SER A 97 8.98 11.63 -0.01
C SER A 97 9.73 12.49 1.02
N ASP A 98 10.90 13.03 0.63
CA ASP A 98 11.74 13.90 1.47
C ASP A 98 10.97 15.13 1.98
N LYS A 99 10.00 15.60 1.17
CA LYS A 99 9.11 16.74 1.47
C LYS A 99 7.64 16.43 1.15
N ARG A 100 6.74 17.31 1.61
CA ARG A 100 5.27 17.22 1.46
C ARG A 100 4.65 18.60 1.19
#